data_2JNB
#
_entry.id   2JNB
#
_cell.length_a   1.000
_cell.length_b   1.000
_cell.length_c   1.000
_cell.angle_alpha   90.00
_cell.angle_beta   90.00
_cell.angle_gamma   90.00
#
_symmetry.space_group_name_H-M   'P 1'
#
_entity_poly.entity_id   1
_entity_poly.type   'polypeptide(L)'
_entity_poly.pdbx_seq_one_letter_code
;MGHHHHHHSSGIEEGRMTEADVNPKAYPLADAHLTKKLLDLVQQSCNYKQLRKGANEATKTLNRGISEFIVMAADAEPLE
IILHLPLLCEDKNVPYVFVRSKQALGRACGVSRPVIACSVTIKEGSQLKQQIQSIQQSIERLLV
;
_entity_poly.pdbx_strand_id   A
#
# COMPACT_ATOMS: atom_id res chain seq x y z
N MET A 17 -15.62 -6.67 -28.77
CA MET A 17 -16.90 -7.09 -28.22
C MET A 17 -17.07 -6.57 -26.79
N THR A 18 -16.83 -5.27 -26.61
CA THR A 18 -16.96 -4.65 -25.30
C THR A 18 -17.02 -3.14 -25.40
N GLU A 19 -18.17 -2.56 -25.06
CA GLU A 19 -18.35 -1.11 -25.12
C GLU A 19 -19.37 -0.65 -24.10
N ALA A 20 -19.53 -1.42 -23.02
CA ALA A 20 -20.47 -1.09 -21.97
C ALA A 20 -19.76 -0.52 -20.74
N ASP A 21 -20.51 -0.36 -19.65
CA ASP A 21 -19.94 0.16 -18.42
C ASP A 21 -19.40 -0.96 -17.55
N VAL A 22 -18.20 -1.45 -17.90
CA VAL A 22 -17.58 -2.53 -17.15
C VAL A 22 -17.12 -2.06 -15.78
N ASN A 23 -16.52 -2.97 -15.01
CA ASN A 23 -16.04 -2.64 -13.68
C ASN A 23 -14.55 -2.31 -13.71
N PRO A 24 -14.08 -1.62 -12.65
CA PRO A 24 -12.67 -1.23 -12.53
C PRO A 24 -11.75 -2.43 -12.28
N LYS A 25 -12.35 -3.53 -11.85
CA LYS A 25 -11.59 -4.75 -11.58
C LYS A 25 -10.47 -4.48 -10.58
N ALA A 26 -10.68 -3.50 -9.71
CA ALA A 26 -9.70 -3.14 -8.70
C ALA A 26 -8.37 -2.77 -9.34
N TYR A 27 -8.34 -1.63 -10.02
CA TYR A 27 -7.13 -1.17 -10.68
C TYR A 27 -6.60 0.10 -10.02
N PRO A 28 -5.30 0.39 -10.24
CA PRO A 28 -4.44 -0.45 -11.08
C PRO A 28 -4.13 -1.78 -10.43
N LEU A 29 -3.58 -2.71 -11.21
CA LEU A 29 -3.24 -4.03 -10.71
C LEU A 29 -1.82 -4.42 -11.13
N ALA A 30 -1.09 -5.05 -10.22
CA ALA A 30 0.28 -5.48 -10.50
C ALA A 30 0.35 -6.99 -10.69
N ASP A 31 1.09 -7.42 -11.71
CA ASP A 31 1.24 -8.84 -12.00
C ASP A 31 1.79 -9.59 -10.78
N ALA A 32 1.88 -10.90 -10.90
CA ALA A 32 2.40 -11.73 -9.81
C ALA A 32 3.86 -11.41 -9.52
N HIS A 33 4.59 -11.02 -10.55
CA HIS A 33 6.01 -10.69 -10.41
C HIS A 33 6.17 -9.37 -9.65
N LEU A 34 5.53 -8.32 -10.16
CA LEU A 34 5.61 -7.00 -9.53
C LEU A 34 5.22 -7.08 -8.06
N THR A 35 4.22 -7.89 -7.75
CA THR A 35 3.76 -8.06 -6.38
C THR A 35 4.79 -8.79 -5.53
N LYS A 36 5.51 -9.71 -6.16
CA LYS A 36 6.54 -10.48 -5.46
C LYS A 36 7.65 -9.57 -4.95
N LYS A 37 8.21 -8.77 -5.85
CA LYS A 37 9.28 -7.86 -5.49
C LYS A 37 8.78 -6.78 -4.53
N LEU A 38 7.56 -6.30 -4.77
CA LEU A 38 6.97 -5.27 -3.93
C LEU A 38 6.71 -5.80 -2.52
N LEU A 39 6.27 -7.05 -2.43
CA LEU A 39 5.98 -7.68 -1.15
C LEU A 39 7.19 -7.60 -0.22
N ASP A 40 8.37 -7.90 -0.77
CA ASP A 40 9.61 -7.86 0.00
C ASP A 40 9.80 -6.49 0.64
N LEU A 41 9.31 -5.46 -0.03
CA LEU A 41 9.43 -4.09 0.47
C LEU A 41 8.74 -3.94 1.82
N VAL A 42 7.65 -4.68 2.01
CA VAL A 42 6.89 -4.63 3.26
C VAL A 42 7.69 -5.25 4.40
N GLN A 43 8.18 -6.47 4.20
CA GLN A 43 8.95 -7.17 5.22
C GLN A 43 10.21 -6.39 5.56
N GLN A 44 10.81 -5.76 4.55
CA GLN A 44 12.03 -4.98 4.75
C GLN A 44 11.78 -3.82 5.71
N SER A 45 10.55 -3.29 5.68
CA SER A 45 10.19 -2.17 6.54
C SER A 45 10.37 -2.52 8.01
N CYS A 46 9.86 -3.69 8.40
CA CYS A 46 9.97 -4.15 9.78
C CYS A 46 11.43 -4.16 10.23
N ASN A 47 12.33 -4.43 9.30
CA ASN A 47 13.76 -4.47 9.60
C ASN A 47 14.26 -3.10 10.07
N TYR A 48 13.57 -2.06 9.65
CA TYR A 48 13.94 -0.70 10.02
C TYR A 48 13.13 -0.22 11.22
N LYS A 49 12.68 -1.17 12.04
CA LYS A 49 11.89 -0.86 13.23
C LYS A 49 10.65 -0.06 12.86
N GLN A 50 10.18 -0.23 11.64
CA GLN A 50 8.99 0.46 11.16
C GLN A 50 8.03 -0.51 10.47
N LEU A 51 6.75 -0.40 10.80
CA LEU A 51 5.74 -1.26 10.20
C LEU A 51 4.33 -0.77 10.55
N ARG A 52 3.36 -1.14 9.72
CA ARG A 52 1.98 -0.73 9.93
C ARG A 52 1.01 -1.70 9.24
N LYS A 53 -0.03 -2.10 9.96
CA LYS A 53 -1.02 -3.02 9.42
C LYS A 53 -2.39 -2.77 10.06
N GLY A 54 -3.10 -1.77 9.54
CA GLY A 54 -4.42 -1.45 10.07
C GLY A 54 -5.13 -0.40 9.24
N ALA A 55 -6.40 -0.66 8.93
CA ALA A 55 -7.20 0.27 8.15
C ALA A 55 -7.51 1.54 8.94
N ASN A 56 -8.03 1.36 10.15
CA ASN A 56 -8.37 2.49 11.01
C ASN A 56 -7.12 3.24 11.44
N GLU A 57 -6.03 2.50 11.64
CA GLU A 57 -4.77 3.09 12.07
C GLU A 57 -4.07 3.76 10.89
N ALA A 58 -4.29 3.23 9.69
CA ALA A 58 -3.68 3.79 8.49
C ALA A 58 -4.05 5.26 8.32
N THR A 59 -5.21 5.65 8.83
CA THR A 59 -5.67 7.02 8.73
C THR A 59 -4.73 7.97 9.46
N LYS A 60 -4.02 7.45 10.45
CA LYS A 60 -3.08 8.25 11.23
C LYS A 60 -1.77 8.44 10.47
N THR A 61 -1.32 7.38 9.81
CA THR A 61 -0.07 7.43 9.05
C THR A 61 -0.11 8.55 8.01
N LEU A 62 -1.23 8.68 7.33
CA LEU A 62 -1.40 9.72 6.31
C LEU A 62 -1.62 11.09 6.96
N ASN A 63 -2.39 11.11 8.04
CA ASN A 63 -2.68 12.35 8.75
C ASN A 63 -1.40 12.92 9.37
N ARG A 64 -0.44 12.05 9.66
CA ARG A 64 0.81 12.46 10.26
C ARG A 64 1.75 13.07 9.21
N GLY A 65 1.54 12.68 7.96
CA GLY A 65 2.38 13.19 6.88
C GLY A 65 3.57 12.30 6.60
N ILE A 66 3.35 10.99 6.59
CA ILE A 66 4.42 10.04 6.34
C ILE A 66 3.91 8.84 5.56
N SER A 67 2.77 9.01 4.89
CA SER A 67 2.17 7.93 4.12
C SER A 67 2.68 7.97 2.67
N GLU A 68 3.75 7.24 2.41
CA GLU A 68 4.33 7.17 1.07
C GLU A 68 4.04 5.84 0.40
N PHE A 69 3.83 4.81 1.22
CA PHE A 69 3.54 3.48 0.71
C PHE A 69 2.29 2.89 1.39
N ILE A 70 1.42 2.31 0.58
CA ILE A 70 0.19 1.72 1.10
C ILE A 70 -0.22 0.49 0.27
N VAL A 71 -0.45 -0.62 0.96
CA VAL A 71 -0.84 -1.85 0.30
C VAL A 71 -2.15 -2.40 0.89
N MET A 72 -3.13 -2.64 0.02
CA MET A 72 -4.41 -3.16 0.44
C MET A 72 -4.90 -4.26 -0.49
N ALA A 73 -5.75 -5.15 0.02
CA ALA A 73 -6.28 -6.25 -0.78
C ALA A 73 -7.48 -5.80 -1.59
N ALA A 74 -7.52 -6.20 -2.85
CA ALA A 74 -8.62 -5.83 -3.75
C ALA A 74 -9.96 -6.27 -3.16
N ASP A 75 -9.93 -7.30 -2.32
CA ASP A 75 -11.14 -7.80 -1.69
C ASP A 75 -11.03 -7.75 -0.18
N ALA A 76 -10.36 -6.72 0.33
CA ALA A 76 -10.18 -6.55 1.77
C ALA A 76 -11.24 -5.62 2.35
N GLU A 77 -11.86 -6.05 3.44
CA GLU A 77 -12.90 -5.26 4.09
C GLU A 77 -12.53 -4.97 5.54
N PRO A 78 -13.18 -3.94 6.12
CA PRO A 78 -14.18 -3.14 5.42
C PRO A 78 -13.57 -2.26 4.33
N LEU A 79 -14.21 -2.24 3.17
CA LEU A 79 -13.73 -1.44 2.05
C LEU A 79 -14.07 0.04 2.25
N GLU A 80 -15.17 0.30 2.93
CA GLU A 80 -15.61 1.66 3.18
C GLU A 80 -14.48 2.48 3.84
N ILE A 81 -13.63 1.79 4.58
CA ILE A 81 -12.52 2.44 5.26
C ILE A 81 -11.32 2.60 4.33
N ILE A 82 -11.21 1.68 3.37
CA ILE A 82 -10.11 1.72 2.42
C ILE A 82 -10.21 2.92 1.50
N LEU A 83 -11.43 3.44 1.33
CA LEU A 83 -11.67 4.60 0.48
C LEU A 83 -11.64 5.89 1.30
N HIS A 84 -11.64 5.74 2.62
CA HIS A 84 -11.61 6.89 3.51
C HIS A 84 -10.22 7.51 3.54
N LEU A 85 -9.20 6.68 3.38
CA LEU A 85 -7.82 7.15 3.40
C LEU A 85 -7.63 8.31 2.43
N PRO A 86 -7.91 8.06 1.14
CA PRO A 86 -7.78 9.08 0.09
C PRO A 86 -8.84 10.18 0.20
N LEU A 87 -8.38 11.43 0.31
CA LEU A 87 -9.29 12.56 0.43
C LEU A 87 -9.75 13.03 -0.95
N LEU A 88 -8.79 13.38 -1.80
CA LEU A 88 -9.10 13.85 -3.15
C LEU A 88 -8.64 12.83 -4.18
N CYS A 89 -7.34 12.77 -4.42
CA CYS A 89 -6.77 11.84 -5.39
C CYS A 89 -5.24 11.84 -5.31
N GLU A 90 -4.61 11.15 -6.26
CA GLU A 90 -3.16 11.07 -6.30
C GLU A 90 -2.53 12.45 -6.23
N ASP A 91 -3.21 13.44 -6.83
CA ASP A 91 -2.71 14.80 -6.84
C ASP A 91 -2.50 15.32 -5.41
N LYS A 92 -3.30 14.81 -4.48
CA LYS A 92 -3.21 15.21 -3.08
C LYS A 92 -2.25 14.30 -2.31
N ASN A 93 -1.47 13.52 -3.05
CA ASN A 93 -0.51 12.60 -2.44
C ASN A 93 -1.23 11.50 -1.67
N VAL A 94 -1.55 10.41 -2.35
CA VAL A 94 -2.23 9.29 -1.73
C VAL A 94 -1.85 7.97 -2.40
N PRO A 95 -0.80 7.33 -1.88
CA PRO A 95 -0.31 6.05 -2.41
C PRO A 95 -1.26 4.90 -2.12
N TYR A 96 -1.34 3.96 -3.05
CA TYR A 96 -2.22 2.81 -2.90
C TYR A 96 -2.01 1.80 -4.04
N VAL A 97 -2.02 0.52 -3.69
CA VAL A 97 -1.83 -0.53 -4.68
C VAL A 97 -2.57 -1.81 -4.27
N PHE A 98 -3.26 -2.42 -5.22
CA PHE A 98 -4.00 -3.65 -4.96
C PHE A 98 -3.16 -4.88 -5.29
N VAL A 99 -3.34 -5.94 -4.52
CA VAL A 99 -2.60 -7.17 -4.74
C VAL A 99 -3.53 -8.39 -4.68
N ARG A 100 -3.27 -9.36 -5.55
CA ARG A 100 -4.08 -10.56 -5.61
C ARG A 100 -3.54 -11.62 -4.63
N SER A 101 -3.35 -11.22 -3.38
CA SER A 101 -2.85 -12.13 -2.36
C SER A 101 -2.90 -11.47 -0.99
N LYS A 102 -3.69 -12.07 -0.09
CA LYS A 102 -3.83 -11.55 1.27
C LYS A 102 -2.95 -12.33 2.25
N GLN A 103 -2.88 -13.64 2.06
CA GLN A 103 -2.08 -14.50 2.92
C GLN A 103 -0.64 -13.99 2.98
N ALA A 104 -0.17 -13.42 1.89
CA ALA A 104 1.20 -12.91 1.82
C ALA A 104 1.31 -11.57 2.54
N LEU A 105 0.30 -10.72 2.39
CA LEU A 105 0.29 -9.42 3.03
C LEU A 105 0.20 -9.56 4.55
N GLY A 106 -0.38 -10.66 5.01
CA GLY A 106 -0.51 -10.89 6.44
C GLY A 106 0.82 -11.27 7.08
N ARG A 107 1.64 -12.01 6.36
CA ARG A 107 2.94 -12.44 6.86
C ARG A 107 4.00 -11.37 6.62
N ALA A 108 3.80 -10.58 5.57
CA ALA A 108 4.74 -9.51 5.23
C ALA A 108 4.75 -8.42 6.30
N CYS A 109 3.56 -8.02 6.74
CA CYS A 109 3.42 -6.99 7.75
C CYS A 109 3.91 -7.49 9.10
N GLY A 110 3.83 -8.80 9.31
CA GLY A 110 4.27 -9.39 10.56
C GLY A 110 3.11 -9.75 11.47
N VAL A 111 2.16 -10.51 10.93
CA VAL A 111 0.99 -10.92 11.70
C VAL A 111 0.51 -12.31 11.26
N SER A 112 -0.02 -13.06 12.21
CA SER A 112 -0.51 -14.41 11.93
C SER A 112 -1.95 -14.37 11.43
N ARG A 113 -2.19 -13.57 10.40
CA ARG A 113 -3.52 -13.43 9.82
C ARG A 113 -3.51 -12.50 8.62
N PRO A 114 -4.55 -12.60 7.78
CA PRO A 114 -4.67 -11.77 6.58
C PRO A 114 -4.97 -10.30 6.91
N VAL A 115 -4.01 -9.43 6.60
CA VAL A 115 -4.15 -8.01 6.86
C VAL A 115 -5.12 -7.37 5.87
N ILE A 116 -5.83 -6.33 6.32
CA ILE A 116 -6.78 -5.63 5.48
C ILE A 116 -6.10 -4.48 4.72
N ALA A 117 -5.52 -3.55 5.48
CA ALA A 117 -4.84 -2.41 4.89
C ALA A 117 -3.57 -2.05 5.66
N CYS A 118 -2.43 -2.17 5.00
CA CYS A 118 -1.16 -1.86 5.64
C CYS A 118 -0.43 -0.74 4.88
N SER A 119 0.55 -0.13 5.55
CA SER A 119 1.32 0.95 4.94
C SER A 119 2.75 0.96 5.45
N VAL A 120 3.64 1.57 4.69
CA VAL A 120 5.06 1.64 5.06
C VAL A 120 5.49 3.08 5.25
N THR A 121 5.99 3.40 6.44
CA THR A 121 6.46 4.74 6.75
C THR A 121 7.89 4.95 6.27
N ILE A 122 8.13 6.10 5.63
CA ILE A 122 9.46 6.43 5.12
C ILE A 122 10.27 7.18 6.17
N LYS A 123 11.57 6.89 6.21
CA LYS A 123 12.46 7.54 7.16
C LYS A 123 13.35 8.57 6.46
N GLU A 124 13.52 9.72 7.10
CA GLU A 124 14.35 10.78 6.54
C GLU A 124 15.83 10.49 6.74
N GLY A 125 16.63 10.81 5.73
CA GLY A 125 18.06 10.57 5.80
C GLY A 125 18.38 9.14 6.15
N SER A 126 17.74 8.20 5.46
CA SER A 126 17.96 6.78 5.70
C SER A 126 18.40 6.08 4.43
N GLN A 127 19.23 5.04 4.58
CA GLN A 127 19.73 4.28 3.44
C GLN A 127 18.58 3.60 2.70
N LEU A 128 17.55 3.22 3.44
CA LEU A 128 16.39 2.56 2.85
C LEU A 128 15.68 3.48 1.88
N LYS A 129 15.70 4.78 2.18
CA LYS A 129 15.04 5.77 1.33
C LYS A 129 15.51 5.63 -0.12
N GLN A 130 16.79 5.33 -0.30
CA GLN A 130 17.35 5.17 -1.64
C GLN A 130 16.62 4.08 -2.41
N GLN A 131 16.09 3.11 -1.68
CA GLN A 131 15.36 2.00 -2.30
C GLN A 131 13.88 2.31 -2.39
N ILE A 132 13.29 2.72 -1.27
CA ILE A 132 11.87 3.04 -1.22
C ILE A 132 11.52 4.13 -2.23
N GLN A 133 12.44 5.07 -2.42
CA GLN A 133 12.23 6.16 -3.37
C GLN A 133 12.21 5.63 -4.81
N SER A 134 13.02 4.62 -5.08
CA SER A 134 13.10 4.03 -6.41
C SER A 134 11.83 3.24 -6.73
N ILE A 135 11.47 2.34 -5.83
CA ILE A 135 10.28 1.52 -6.01
C ILE A 135 9.01 2.35 -5.95
N GLN A 136 9.07 3.46 -5.21
CA GLN A 136 7.93 4.35 -5.08
C GLN A 136 7.42 4.80 -6.44
N GLN A 137 8.36 5.18 -7.31
CA GLN A 137 8.01 5.64 -8.65
C GLN A 137 7.15 4.60 -9.38
N SER A 138 7.33 3.34 -9.00
CA SER A 138 6.57 2.26 -9.61
C SER A 138 5.07 2.43 -9.39
N ILE A 139 4.71 2.78 -8.16
CA ILE A 139 3.31 2.98 -7.81
C ILE A 139 2.73 4.18 -8.54
N GLU A 140 3.45 5.30 -8.50
CA GLU A 140 3.00 6.52 -9.18
C GLU A 140 2.68 6.25 -10.64
N ARG A 141 3.56 5.52 -11.31
CA ARG A 141 3.38 5.20 -12.72
C ARG A 141 1.99 4.58 -12.95
N LEU A 142 1.50 3.86 -11.96
CA LEU A 142 0.19 3.21 -12.06
C LEU A 142 -0.91 4.14 -11.55
N LEU A 143 -0.54 5.05 -10.64
CA LEU A 143 -1.50 5.99 -10.08
C LEU A 143 -2.12 6.84 -11.17
N VAL A 144 -1.29 7.45 -12.00
CA VAL A 144 -1.77 8.29 -13.09
C VAL A 144 -1.59 7.60 -14.44
N MET A 17 -6.92 -3.62 -25.67
CA MET A 17 -8.26 -3.13 -25.91
C MET A 17 -9.08 -3.12 -24.62
N THR A 18 -9.24 -1.94 -24.04
CA THR A 18 -10.01 -1.79 -22.80
C THR A 18 -10.51 -0.36 -22.63
N GLU A 19 -11.82 -0.19 -22.71
CA GLU A 19 -12.43 1.13 -22.56
C GLU A 19 -13.93 1.01 -22.34
N ALA A 20 -14.32 0.16 -21.38
CA ALA A 20 -15.73 -0.03 -21.08
C ALA A 20 -16.22 0.99 -20.06
N ASP A 21 -17.53 0.99 -19.80
CA ASP A 21 -18.13 1.92 -18.85
C ASP A 21 -18.17 1.31 -17.45
N VAL A 22 -17.01 0.90 -16.95
CA VAL A 22 -16.93 0.30 -15.62
C VAL A 22 -15.69 0.80 -14.87
N ASN A 23 -15.85 1.04 -13.58
CA ASN A 23 -14.75 1.52 -12.75
C ASN A 23 -13.85 0.37 -12.33
N PRO A 24 -12.62 0.70 -11.92
CA PRO A 24 -11.64 -0.30 -11.47
C PRO A 24 -12.01 -0.93 -10.14
N LYS A 25 -12.75 -2.03 -10.20
CA LYS A 25 -13.18 -2.73 -9.00
C LYS A 25 -11.98 -3.27 -8.22
N ALA A 26 -10.89 -3.54 -8.94
CA ALA A 26 -9.67 -4.06 -8.33
C ALA A 26 -8.45 -3.73 -9.17
N TYR A 27 -8.49 -2.58 -9.84
CA TYR A 27 -7.38 -2.15 -10.69
C TYR A 27 -6.86 -0.78 -10.25
N PRO A 28 -5.62 -0.47 -10.66
CA PRO A 28 -4.80 -1.37 -11.46
C PRO A 28 -4.34 -2.59 -10.68
N LEU A 29 -3.69 -3.53 -11.37
CA LEU A 29 -3.21 -4.74 -10.73
C LEU A 29 -1.72 -4.95 -11.04
N ALA A 30 -0.92 -5.09 -9.98
CA ALA A 30 0.52 -5.30 -10.14
C ALA A 30 0.81 -6.73 -10.52
N ASP A 31 1.46 -6.92 -11.68
CA ASP A 31 1.80 -8.25 -12.16
C ASP A 31 2.66 -9.00 -11.13
N ALA A 32 2.57 -10.32 -11.14
CA ALA A 32 3.33 -11.14 -10.22
C ALA A 32 4.82 -10.81 -10.29
N HIS A 33 5.27 -10.37 -11.45
CA HIS A 33 6.67 -10.02 -11.65
C HIS A 33 7.09 -8.89 -10.71
N LEU A 34 6.35 -7.78 -10.77
CA LEU A 34 6.64 -6.63 -9.92
C LEU A 34 6.28 -6.92 -8.46
N THR A 35 5.15 -7.59 -8.26
CA THR A 35 4.70 -7.93 -6.92
C THR A 35 5.79 -8.65 -6.13
N LYS A 36 6.58 -9.46 -6.83
CA LYS A 36 7.66 -10.20 -6.19
C LYS A 36 8.59 -9.26 -5.42
N LYS A 37 9.03 -8.20 -6.08
CA LYS A 37 9.92 -7.23 -5.47
C LYS A 37 9.17 -6.39 -4.43
N LEU A 38 7.91 -6.11 -4.70
CA LEU A 38 7.09 -5.32 -3.79
C LEU A 38 6.92 -6.03 -2.45
N LEU A 39 6.71 -7.35 -2.51
CA LEU A 39 6.54 -8.14 -1.30
C LEU A 39 7.72 -7.95 -0.35
N ASP A 40 8.89 -7.70 -0.92
CA ASP A 40 10.10 -7.50 -0.12
C ASP A 40 10.01 -6.20 0.68
N LEU A 41 9.27 -5.24 0.14
CA LEU A 41 9.10 -3.95 0.81
C LEU A 41 8.60 -4.13 2.24
N VAL A 42 7.54 -4.92 2.39
CA VAL A 42 6.96 -5.18 3.70
C VAL A 42 8.03 -5.65 4.68
N GLN A 43 8.78 -6.67 4.29
CA GLN A 43 9.83 -7.22 5.14
C GLN A 43 10.91 -6.18 5.42
N GLN A 44 11.10 -5.28 4.46
CA GLN A 44 12.10 -4.23 4.59
C GLN A 44 11.63 -3.15 5.56
N SER A 45 10.32 -2.93 5.61
CA SER A 45 9.74 -1.92 6.48
C SER A 45 9.84 -2.34 7.94
N CYS A 46 9.39 -3.55 8.24
CA CYS A 46 9.43 -4.09 9.59
C CYS A 46 10.88 -4.24 10.07
N ASN A 47 11.78 -4.43 9.13
CA ASN A 47 13.20 -4.60 9.45
C ASN A 47 13.77 -3.31 10.04
N TYR A 48 13.17 -2.18 9.68
CA TYR A 48 13.62 -0.89 10.17
C TYR A 48 12.79 -0.44 11.37
N LYS A 49 12.23 -1.41 12.09
CA LYS A 49 11.42 -1.12 13.26
C LYS A 49 10.24 -0.21 12.90
N GLN A 50 9.71 -0.40 11.69
CA GLN A 50 8.58 0.39 11.22
C GLN A 50 7.55 -0.48 10.51
N LEU A 51 6.29 -0.28 10.85
CA LEU A 51 5.20 -1.06 10.24
C LEU A 51 3.84 -0.45 10.58
N ARG A 52 2.85 -0.77 9.77
CA ARG A 52 1.49 -0.26 9.99
C ARG A 52 0.45 -1.18 9.37
N LYS A 53 -0.30 -1.87 10.22
CA LYS A 53 -1.34 -2.78 9.75
C LYS A 53 -2.70 -2.42 10.33
N GLY A 54 -3.38 -1.48 9.67
CA GLY A 54 -4.68 -1.05 10.13
C GLY A 54 -5.36 -0.11 9.15
N ALA A 55 -6.58 -0.45 8.76
CA ALA A 55 -7.34 0.38 7.82
C ALA A 55 -7.76 1.69 8.47
N ASN A 56 -8.45 1.60 9.60
CA ASN A 56 -8.92 2.79 10.31
C ASN A 56 -7.76 3.47 11.03
N GLU A 57 -6.73 2.69 11.37
CA GLU A 57 -5.57 3.22 12.06
C GLU A 57 -4.74 4.10 11.13
N ALA A 58 -4.80 3.79 9.84
CA ALA A 58 -4.05 4.55 8.84
C ALA A 58 -4.33 6.05 8.95
N THR A 59 -5.53 6.37 9.43
CA THR A 59 -5.93 7.77 9.59
C THR A 59 -4.93 8.53 10.46
N LYS A 60 -4.24 7.80 11.33
CA LYS A 60 -3.25 8.40 12.23
C LYS A 60 -1.98 8.75 11.47
N THR A 61 -1.43 7.79 10.74
CA THR A 61 -0.22 8.00 9.98
C THR A 61 -0.36 9.19 9.03
N LEU A 62 -1.35 9.12 8.14
CA LEU A 62 -1.60 10.19 7.18
C LEU A 62 -1.77 11.52 7.89
N ASN A 63 -2.29 11.48 9.11
CA ASN A 63 -2.51 12.69 9.90
C ASN A 63 -1.20 13.16 10.53
N ARG A 64 -0.29 12.23 10.76
CA ARG A 64 1.00 12.55 11.36
C ARG A 64 1.94 13.17 10.34
N GLY A 65 1.70 12.87 9.06
CA GLY A 65 2.54 13.41 8.01
C GLY A 65 3.69 12.50 7.65
N ILE A 66 3.41 11.20 7.55
CA ILE A 66 4.43 10.21 7.23
C ILE A 66 3.85 9.11 6.34
N SER A 67 2.69 9.36 5.77
CA SER A 67 2.03 8.39 4.90
C SER A 67 2.45 8.59 3.44
N GLU A 68 3.52 7.91 3.05
CA GLU A 68 4.02 8.02 1.68
C GLU A 68 3.74 6.74 0.90
N PHE A 69 3.62 5.63 1.61
CA PHE A 69 3.35 4.34 0.99
C PHE A 69 2.07 3.72 1.54
N ILE A 70 1.27 3.15 0.64
CA ILE A 70 0.01 2.53 1.04
C ILE A 70 -0.18 1.18 0.35
N VAL A 71 -0.45 0.15 1.14
CA VAL A 71 -0.66 -1.20 0.61
C VAL A 71 -2.00 -1.76 1.04
N MET A 72 -2.67 -2.45 0.12
CA MET A 72 -3.97 -3.04 0.40
C MET A 72 -4.31 -4.13 -0.63
N ALA A 73 -5.34 -4.91 -0.33
CA ALA A 73 -5.77 -5.97 -1.23
C ALA A 73 -7.01 -5.57 -2.01
N ALA A 74 -7.10 -6.03 -3.26
CA ALA A 74 -8.24 -5.72 -4.11
C ALA A 74 -9.54 -6.22 -3.49
N ASP A 75 -9.48 -7.41 -2.89
CA ASP A 75 -10.67 -8.00 -2.27
C ASP A 75 -10.61 -7.86 -0.76
N ALA A 76 -10.05 -6.73 -0.30
CA ALA A 76 -9.94 -6.47 1.14
C ALA A 76 -11.06 -5.55 1.62
N GLU A 77 -11.69 -5.93 2.73
CA GLU A 77 -12.77 -5.15 3.29
C GLU A 77 -12.52 -4.84 4.77
N PRO A 78 -13.22 -3.82 5.28
CA PRO A 78 -14.19 -3.04 4.50
C PRO A 78 -13.50 -2.17 3.46
N LEU A 79 -14.17 -1.98 2.33
CA LEU A 79 -13.63 -1.15 1.25
C LEU A 79 -13.91 0.33 1.49
N GLU A 80 -15.00 0.60 2.21
CA GLU A 80 -15.38 1.98 2.51
C GLU A 80 -14.27 2.69 3.27
N ILE A 81 -13.71 2.02 4.27
CA ILE A 81 -12.63 2.59 5.07
C ILE A 81 -11.39 2.87 4.22
N ILE A 82 -11.20 2.05 3.20
CA ILE A 82 -10.05 2.21 2.30
C ILE A 82 -10.06 3.58 1.64
N LEU A 83 -11.24 4.19 1.56
CA LEU A 83 -11.38 5.50 0.95
C LEU A 83 -11.16 6.61 1.99
N HIS A 84 -11.12 6.22 3.26
CA HIS A 84 -10.91 7.17 4.35
C HIS A 84 -9.45 7.60 4.42
N LEU A 85 -8.55 6.76 3.89
CA LEU A 85 -7.13 7.07 3.89
C LEU A 85 -6.86 8.46 3.35
N PRO A 86 -7.27 8.70 2.10
CA PRO A 86 -7.09 10.00 1.44
C PRO A 86 -7.97 11.09 2.03
N LEU A 87 -7.62 12.34 1.79
CA LEU A 87 -8.38 13.47 2.31
C LEU A 87 -9.55 13.81 1.38
N LEU A 88 -9.23 14.08 0.12
CA LEU A 88 -10.26 14.42 -0.87
C LEU A 88 -10.39 13.31 -1.92
N CYS A 89 -9.41 13.23 -2.80
CA CYS A 89 -9.42 12.21 -3.85
C CYS A 89 -8.09 12.19 -4.60
N GLU A 90 -8.08 11.56 -5.77
CA GLU A 90 -6.88 11.48 -6.59
C GLU A 90 -6.23 12.86 -6.76
N ASP A 91 -7.05 13.89 -6.77
CA ASP A 91 -6.57 15.25 -6.93
C ASP A 91 -5.54 15.59 -5.85
N LYS A 92 -5.74 15.03 -4.65
CA LYS A 92 -4.83 15.28 -3.53
C LYS A 92 -3.71 14.25 -3.52
N ASN A 93 -3.58 13.49 -4.61
CA ASN A 93 -2.55 12.47 -4.72
C ASN A 93 -2.76 11.36 -3.68
N VAL A 94 -3.56 10.37 -4.04
CA VAL A 94 -3.84 9.26 -3.15
C VAL A 94 -3.14 7.98 -3.62
N PRO A 95 -1.91 7.76 -3.14
CA PRO A 95 -1.12 6.59 -3.49
C PRO A 95 -1.68 5.31 -2.89
N TYR A 96 -1.71 4.25 -3.70
CA TYR A 96 -2.22 2.96 -3.25
C TYR A 96 -1.74 1.83 -4.16
N VAL A 97 -2.18 0.62 -3.86
CA VAL A 97 -1.80 -0.55 -4.65
C VAL A 97 -2.59 -1.78 -4.22
N PHE A 98 -3.08 -2.53 -5.20
CA PHE A 98 -3.86 -3.74 -4.92
C PHE A 98 -3.03 -4.99 -5.23
N VAL A 99 -3.13 -5.99 -4.36
CA VAL A 99 -2.40 -7.24 -4.53
C VAL A 99 -3.35 -8.44 -4.49
N ARG A 100 -3.07 -9.41 -5.35
CA ARG A 100 -3.90 -10.62 -5.42
C ARG A 100 -3.43 -11.66 -4.41
N SER A 101 -3.33 -11.24 -3.15
CA SER A 101 -2.89 -12.14 -2.08
C SER A 101 -2.93 -11.42 -0.73
N LYS A 102 -3.34 -12.16 0.30
CA LYS A 102 -3.43 -11.61 1.65
C LYS A 102 -2.50 -12.35 2.60
N GLN A 103 -2.35 -13.65 2.38
CA GLN A 103 -1.48 -14.47 3.22
C GLN A 103 -0.04 -13.98 3.16
N ALA A 104 0.50 -13.88 1.95
CA ALA A 104 1.87 -13.42 1.75
C ALA A 104 2.05 -12.01 2.29
N LEU A 105 1.01 -11.20 2.20
CA LEU A 105 1.05 -9.81 2.68
C LEU A 105 1.05 -9.77 4.20
N GLY A 106 0.19 -10.58 4.81
CA GLY A 106 0.11 -10.61 6.26
C GLY A 106 1.36 -11.18 6.90
N ARG A 107 1.77 -12.37 6.46
CA ARG A 107 2.95 -13.01 7.00
C ARG A 107 4.18 -12.11 6.89
N ALA A 108 4.14 -11.20 5.91
CA ALA A 108 5.24 -10.27 5.71
C ALA A 108 5.18 -9.11 6.70
N CYS A 109 4.00 -8.55 6.88
CA CYS A 109 3.80 -7.44 7.81
C CYS A 109 4.29 -7.81 9.21
N GLY A 110 4.27 -9.10 9.51
CA GLY A 110 4.71 -9.56 10.81
C GLY A 110 3.55 -9.87 11.75
N VAL A 111 2.38 -10.07 11.17
CA VAL A 111 1.19 -10.38 11.96
C VAL A 111 0.72 -11.81 11.72
N SER A 112 0.22 -12.44 12.77
CA SER A 112 -0.26 -13.82 12.69
C SER A 112 -1.49 -13.90 11.80
N ARG A 113 -2.36 -12.91 11.91
CA ARG A 113 -3.59 -12.88 11.13
C ARG A 113 -3.39 -12.09 9.83
N PRO A 114 -4.28 -12.31 8.86
CA PRO A 114 -4.22 -11.64 7.56
C PRO A 114 -4.55 -10.16 7.66
N VAL A 115 -3.87 -9.34 6.85
CA VAL A 115 -4.10 -7.90 6.85
C VAL A 115 -4.80 -7.46 5.57
N ILE A 116 -5.66 -6.45 5.68
CA ILE A 116 -6.39 -5.93 4.54
C ILE A 116 -5.93 -4.53 4.19
N ALA A 117 -5.51 -3.78 5.20
CA ALA A 117 -5.04 -2.41 4.99
C ALA A 117 -3.77 -2.14 5.81
N CYS A 118 -2.68 -1.85 5.12
CA CYS A 118 -1.41 -1.57 5.79
C CYS A 118 -0.64 -0.47 5.06
N SER A 119 0.10 0.33 5.80
CA SER A 119 0.88 1.41 5.23
C SER A 119 2.33 1.35 5.70
N VAL A 120 3.22 1.98 4.93
CA VAL A 120 4.64 2.00 5.27
C VAL A 120 5.11 3.42 5.56
N THR A 121 5.85 3.57 6.67
CA THR A 121 6.36 4.88 7.06
C THR A 121 7.79 5.07 6.57
N ILE A 122 8.01 6.14 5.82
CA ILE A 122 9.34 6.45 5.29
C ILE A 122 10.24 7.03 6.38
N LYS A 123 11.51 6.65 6.35
CA LYS A 123 12.48 7.13 7.33
C LYS A 123 13.65 7.82 6.63
N GLU A 124 13.75 9.14 6.83
CA GLU A 124 14.83 9.91 6.23
C GLU A 124 16.17 9.57 6.85
N GLY A 125 17.21 9.56 6.04
CA GLY A 125 18.54 9.24 6.53
C GLY A 125 18.81 7.74 6.55
N SER A 126 18.18 7.02 5.63
CA SER A 126 18.35 5.57 5.55
C SER A 126 18.43 5.12 4.10
N GLN A 127 19.26 4.11 3.84
CA GLN A 127 19.43 3.58 2.49
C GLN A 127 18.14 2.94 1.99
N LEU A 128 17.33 2.45 2.93
CA LEU A 128 16.06 1.81 2.58
C LEU A 128 15.22 2.72 1.69
N LYS A 129 15.36 4.03 1.90
CA LYS A 129 14.62 5.00 1.11
C LYS A 129 14.78 4.75 -0.38
N GLN A 130 15.95 4.24 -0.76
CA GLN A 130 16.22 3.94 -2.17
C GLN A 130 15.25 2.91 -2.71
N GLN A 131 15.00 1.86 -1.91
CA GLN A 131 14.08 0.80 -2.31
C GLN A 131 12.65 1.31 -2.41
N ILE A 132 12.18 1.92 -1.32
CA ILE A 132 10.82 2.45 -1.28
C ILE A 132 10.60 3.47 -2.39
N GLN A 133 11.65 4.21 -2.73
CA GLN A 133 11.57 5.21 -3.79
C GLN A 133 11.41 4.56 -5.16
N SER A 134 12.24 3.56 -5.43
CA SER A 134 12.20 2.86 -6.71
C SER A 134 10.78 2.37 -7.00
N ILE A 135 10.19 1.68 -6.03
CA ILE A 135 8.85 1.16 -6.19
C ILE A 135 7.82 2.29 -6.29
N GLN A 136 8.14 3.41 -5.67
CA GLN A 136 7.24 4.57 -5.70
C GLN A 136 6.87 4.94 -7.12
N GLN A 137 7.88 5.00 -8.00
CA GLN A 137 7.65 5.35 -9.40
C GLN A 137 6.76 4.31 -10.07
N SER A 138 6.82 3.08 -9.59
CA SER A 138 6.02 1.99 -10.15
C SER A 138 4.53 2.24 -9.92
N ILE A 139 4.20 2.68 -8.70
CA ILE A 139 2.81 2.94 -8.34
C ILE A 139 2.28 4.18 -9.07
N GLU A 140 3.14 5.17 -9.23
CA GLU A 140 2.76 6.41 -9.91
C GLU A 140 2.46 6.14 -11.39
N ARG A 141 3.37 5.44 -12.05
CA ARG A 141 3.21 5.12 -13.46
C ARG A 141 1.93 4.33 -13.70
N LEU A 142 1.56 3.51 -12.73
CA LEU A 142 0.36 2.70 -12.83
C LEU A 142 -0.88 3.51 -12.50
N LEU A 143 -0.72 4.47 -11.59
CA LEU A 143 -1.83 5.33 -11.18
C LEU A 143 -2.39 6.10 -12.37
N VAL A 144 -1.50 6.71 -13.15
CA VAL A 144 -1.91 7.48 -14.32
C VAL A 144 -0.70 7.88 -15.16
N MET A 17 -10.27 -4.46 -20.33
CA MET A 17 -10.30 -3.08 -19.89
C MET A 17 -9.51 -2.18 -20.85
N THR A 18 -9.49 -2.55 -22.12
CA THR A 18 -8.76 -1.78 -23.13
C THR A 18 -9.72 -0.91 -23.93
N GLU A 19 -11.01 -1.08 -23.69
CA GLU A 19 -12.03 -0.31 -24.41
C GLU A 19 -13.40 -0.55 -23.81
N ALA A 20 -13.49 -0.50 -22.48
CA ALA A 20 -14.76 -0.72 -21.80
C ALA A 20 -15.24 0.57 -21.12
N ASP A 21 -16.53 0.62 -20.79
CA ASP A 21 -17.10 1.78 -20.14
C ASP A 21 -17.42 1.49 -18.68
N VAL A 22 -16.41 1.13 -17.91
CA VAL A 22 -16.58 0.83 -16.50
C VAL A 22 -15.35 1.21 -15.70
N ASN A 23 -15.56 1.95 -14.62
CA ASN A 23 -14.46 2.39 -13.75
C ASN A 23 -13.62 1.20 -13.30
N PRO A 24 -12.38 1.49 -12.87
CA PRO A 24 -11.45 0.46 -12.40
C PRO A 24 -11.89 -0.15 -11.07
N LYS A 25 -12.43 -1.37 -11.13
CA LYS A 25 -12.89 -2.06 -9.94
C LYS A 25 -11.76 -2.19 -8.92
N ALA A 26 -10.68 -2.87 -9.32
CA ALA A 26 -9.53 -3.06 -8.44
C ALA A 26 -8.23 -2.76 -9.17
N TYR A 27 -8.25 -1.73 -10.01
CA TYR A 27 -7.07 -1.34 -10.78
C TYR A 27 -6.57 0.04 -10.34
N PRO A 28 -5.31 0.33 -10.65
CA PRO A 28 -4.42 -0.60 -11.35
C PRO A 28 -4.04 -1.82 -10.50
N LEU A 29 -3.73 -2.92 -11.15
CA LEU A 29 -3.36 -4.15 -10.45
C LEU A 29 -1.89 -4.46 -10.66
N ALA A 30 -1.22 -4.95 -9.62
CA ALA A 30 0.19 -5.29 -9.69
C ALA A 30 0.37 -6.74 -10.14
N ASP A 31 1.11 -6.92 -11.23
CA ASP A 31 1.38 -8.25 -11.77
C ASP A 31 2.05 -9.13 -10.73
N ALA A 32 2.13 -10.42 -11.02
CA ALA A 32 2.76 -11.38 -10.12
C ALA A 32 4.25 -11.10 -9.97
N HIS A 33 4.83 -10.50 -11.00
CA HIS A 33 6.26 -10.18 -10.99
C HIS A 33 6.54 -8.94 -10.14
N LEU A 34 5.54 -8.06 -10.05
CA LEU A 34 5.68 -6.85 -9.25
C LEU A 34 5.55 -7.14 -7.77
N THR A 35 4.62 -8.03 -7.42
CA THR A 35 4.39 -8.39 -6.03
C THR A 35 5.66 -8.94 -5.39
N LYS A 36 6.44 -9.68 -6.17
CA LYS A 36 7.68 -10.26 -5.69
C LYS A 36 8.57 -9.19 -5.03
N LYS A 37 8.62 -8.01 -5.64
CA LYS A 37 9.41 -6.92 -5.12
C LYS A 37 8.76 -6.31 -3.89
N LEU A 38 7.43 -6.32 -3.87
CA LEU A 38 6.67 -5.77 -2.75
C LEU A 38 7.12 -6.39 -1.43
N LEU A 39 7.39 -7.70 -1.46
CA LEU A 39 7.83 -8.41 -0.27
C LEU A 39 9.05 -7.74 0.35
N ASP A 40 9.98 -7.30 -0.50
CA ASP A 40 11.19 -6.64 -0.05
C ASP A 40 10.87 -5.33 0.65
N LEU A 41 9.75 -4.73 0.28
CA LEU A 41 9.33 -3.47 0.88
C LEU A 41 8.80 -3.68 2.29
N VAL A 42 7.79 -4.53 2.42
CA VAL A 42 7.20 -4.83 3.72
C VAL A 42 8.22 -5.42 4.67
N GLN A 43 9.16 -6.20 4.11
CA GLN A 43 10.20 -6.83 4.91
C GLN A 43 11.26 -5.81 5.34
N GLN A 44 11.50 -4.83 4.48
CA GLN A 44 12.49 -3.79 4.77
C GLN A 44 11.95 -2.80 5.79
N SER A 45 10.63 -2.58 5.77
CA SER A 45 10.00 -1.65 6.70
C SER A 45 10.01 -2.21 8.11
N CYS A 46 9.54 -3.44 8.27
CA CYS A 46 9.50 -4.08 9.58
C CYS A 46 10.90 -4.27 10.14
N ASN A 47 11.88 -4.38 9.25
CA ASN A 47 13.27 -4.57 9.65
C ASN A 47 13.82 -3.31 10.31
N TYR A 48 13.22 -2.17 9.99
CA TYR A 48 13.65 -0.89 10.55
C TYR A 48 12.80 -0.52 11.76
N LYS A 49 12.21 -1.53 12.40
CA LYS A 49 11.38 -1.32 13.58
C LYS A 49 10.23 -0.37 13.27
N GLN A 50 9.72 -0.44 12.04
CA GLN A 50 8.62 0.41 11.62
C GLN A 50 7.62 -0.36 10.76
N LEU A 51 6.33 -0.20 11.05
CA LEU A 51 5.29 -0.89 10.31
C LEU A 51 3.91 -0.32 10.66
N ARG A 52 2.90 -0.75 9.93
CA ARG A 52 1.53 -0.29 10.16
C ARG A 52 0.52 -1.25 9.55
N LYS A 53 -0.20 -1.96 10.40
CA LYS A 53 -1.20 -2.91 9.93
C LYS A 53 -2.61 -2.49 10.37
N GLY A 54 -3.21 -1.58 9.60
CA GLY A 54 -4.54 -1.10 9.93
C GLY A 54 -5.11 -0.20 8.85
N ALA A 55 -6.42 -0.27 8.65
CA ALA A 55 -7.08 0.54 7.65
C ALA A 55 -7.29 1.97 8.14
N ASN A 56 -7.55 2.11 9.44
CA ASN A 56 -7.76 3.42 10.04
C ASN A 56 -6.44 4.02 10.52
N GLU A 57 -5.53 3.17 10.96
CA GLU A 57 -4.23 3.62 11.45
C GLU A 57 -3.39 4.19 10.30
N ALA A 58 -3.65 3.70 9.10
CA ALA A 58 -2.92 4.16 7.92
C ALA A 58 -3.14 5.66 7.69
N THR A 59 -4.26 6.17 8.19
CA THR A 59 -4.59 7.58 8.03
C THR A 59 -3.67 8.45 8.88
N LYS A 60 -3.12 7.88 9.94
CA LYS A 60 -2.21 8.60 10.82
C LYS A 60 -0.91 8.94 10.10
N THR A 61 -0.30 7.94 9.47
CA THR A 61 0.95 8.12 8.75
C THR A 61 0.83 9.25 7.72
N LEU A 62 -0.10 9.09 6.78
CA LEU A 62 -0.32 10.08 5.75
C LEU A 62 -0.69 11.43 6.35
N ASN A 63 -1.35 11.40 7.50
CA ASN A 63 -1.76 12.61 8.19
C ASN A 63 -0.54 13.43 8.63
N ARG A 64 0.53 12.72 8.99
CA ARG A 64 1.75 13.39 9.42
C ARG A 64 2.63 13.76 8.23
N GLY A 65 2.46 13.03 7.13
CA GLY A 65 3.24 13.30 5.93
C GLY A 65 4.44 12.39 5.82
N ILE A 66 4.23 11.10 6.08
CA ILE A 66 5.32 10.12 6.01
C ILE A 66 4.81 8.78 5.50
N SER A 67 3.64 8.79 4.86
CA SER A 67 3.05 7.58 4.33
C SER A 67 3.49 7.32 2.90
N GLU A 68 4.54 6.51 2.75
CA GLU A 68 5.07 6.19 1.43
C GLU A 68 3.98 5.65 0.51
N PHE A 69 3.19 4.71 1.03
CA PHE A 69 2.11 4.10 0.27
C PHE A 69 1.28 3.17 1.14
N ILE A 70 0.02 2.96 0.75
CA ILE A 70 -0.87 2.09 1.50
C ILE A 70 -1.50 1.04 0.59
N VAL A 71 -1.38 -0.22 0.99
CA VAL A 71 -1.94 -1.33 0.21
C VAL A 71 -3.12 -1.97 0.93
N MET A 72 -4.12 -2.39 0.16
CA MET A 72 -5.30 -3.04 0.73
C MET A 72 -5.75 -4.21 -0.13
N ALA A 73 -6.13 -5.30 0.52
CA ALA A 73 -6.59 -6.49 -0.18
C ALA A 73 -7.88 -6.22 -0.94
N ALA A 74 -7.82 -6.29 -2.27
CA ALA A 74 -8.99 -6.05 -3.10
C ALA A 74 -10.11 -7.02 -2.77
N ASP A 75 -9.74 -8.18 -2.22
CA ASP A 75 -10.72 -9.19 -1.84
C ASP A 75 -10.87 -9.28 -0.33
N ALA A 76 -10.75 -8.14 0.33
CA ALA A 76 -10.87 -8.10 1.79
C ALA A 76 -11.93 -7.09 2.22
N GLU A 77 -12.54 -7.33 3.38
CA GLU A 77 -13.58 -6.44 3.90
C GLU A 77 -13.35 -6.16 5.38
N PRO A 78 -13.98 -5.08 5.88
CA PRO A 78 -14.83 -4.21 5.06
C PRO A 78 -14.03 -3.41 4.03
N LEU A 79 -14.65 -3.13 2.89
CA LEU A 79 -14.00 -2.36 1.83
C LEU A 79 -14.30 -0.88 1.98
N GLU A 80 -15.48 -0.57 2.51
CA GLU A 80 -15.89 0.82 2.69
C GLU A 80 -14.82 1.60 3.46
N ILE A 81 -14.38 1.05 4.58
CA ILE A 81 -13.36 1.70 5.40
C ILE A 81 -12.13 2.05 4.57
N ILE A 82 -11.72 1.12 3.71
CA ILE A 82 -10.56 1.33 2.85
C ILE A 82 -10.77 2.52 1.93
N LEU A 83 -12.03 2.82 1.65
CA LEU A 83 -12.37 3.93 0.76
C LEU A 83 -12.44 5.24 1.55
N HIS A 84 -12.43 5.14 2.87
CA HIS A 84 -12.49 6.31 3.74
C HIS A 84 -11.14 7.03 3.78
N LEU A 85 -10.08 6.27 3.55
CA LEU A 85 -8.73 6.84 3.56
C LEU A 85 -8.65 8.06 2.66
N PRO A 86 -8.93 7.86 1.37
CA PRO A 86 -8.89 8.95 0.38
C PRO A 86 -10.01 9.95 0.58
N LEU A 87 -9.64 11.21 0.78
CA LEU A 87 -10.62 12.27 0.98
C LEU A 87 -11.11 12.83 -0.35
N LEU A 88 -10.17 13.31 -1.17
CA LEU A 88 -10.51 13.86 -2.46
C LEU A 88 -9.98 12.97 -3.59
N CYS A 89 -8.68 13.00 -3.81
CA CYS A 89 -8.05 12.19 -4.86
C CYS A 89 -6.53 12.28 -4.76
N GLU A 90 -5.86 11.76 -5.79
CA GLU A 90 -4.40 11.76 -5.82
C GLU A 90 -3.86 13.17 -5.59
N ASP A 91 -4.58 14.17 -6.08
CA ASP A 91 -4.18 15.57 -5.92
C ASP A 91 -4.03 15.92 -4.44
N LYS A 92 -4.80 15.25 -3.60
CA LYS A 92 -4.76 15.50 -2.16
C LYS A 92 -3.75 14.59 -1.48
N ASN A 93 -2.90 13.95 -2.28
CA ASN A 93 -1.89 13.04 -1.75
C ASN A 93 -2.53 11.83 -1.09
N VAL A 94 -2.79 10.80 -1.89
CA VAL A 94 -3.40 9.58 -1.38
C VAL A 94 -2.96 8.36 -2.18
N PRO A 95 -1.86 7.73 -1.74
CA PRO A 95 -1.30 6.56 -2.40
C PRO A 95 -2.18 5.32 -2.24
N TYR A 96 -2.66 4.78 -3.34
CA TYR A 96 -3.52 3.61 -3.32
C TYR A 96 -3.03 2.55 -4.31
N VAL A 97 -3.17 1.29 -3.93
CA VAL A 97 -2.75 0.18 -4.79
C VAL A 97 -3.52 -1.09 -4.46
N PHE A 98 -3.98 -1.79 -5.50
CA PHE A 98 -4.73 -3.02 -5.32
C PHE A 98 -3.81 -4.23 -5.39
N VAL A 99 -4.17 -5.29 -4.68
CA VAL A 99 -3.38 -6.51 -4.66
C VAL A 99 -4.24 -7.74 -4.90
N ARG A 100 -3.62 -8.85 -5.26
CA ARG A 100 -4.32 -10.10 -5.52
C ARG A 100 -4.12 -11.09 -4.39
N SER A 101 -4.47 -10.69 -3.17
CA SER A 101 -4.31 -11.55 -2.01
C SER A 101 -2.84 -11.82 -1.72
N LYS A 102 -2.31 -11.19 -0.69
CA LYS A 102 -0.92 -11.36 -0.31
C LYS A 102 -0.80 -12.08 1.03
N GLN A 103 -0.54 -13.38 0.99
CA GLN A 103 -0.40 -14.18 2.21
C GLN A 103 0.86 -13.79 2.97
N ALA A 104 1.89 -13.39 2.23
CA ALA A 104 3.15 -12.99 2.85
C ALA A 104 3.03 -11.64 3.54
N LEU A 105 2.18 -10.77 2.99
CA LEU A 105 1.97 -9.44 3.55
C LEU A 105 1.61 -9.54 5.03
N GLY A 106 0.99 -10.65 5.42
CA GLY A 106 0.61 -10.83 6.81
C GLY A 106 1.77 -11.25 7.68
N ARG A 107 2.46 -12.31 7.27
CA ARG A 107 3.60 -12.82 8.03
C ARG A 107 4.72 -11.79 8.09
N ALA A 108 4.77 -10.93 7.08
CA ALA A 108 5.79 -9.89 7.02
C ALA A 108 5.62 -8.88 8.13
N CYS A 109 4.39 -8.76 8.63
CA CYS A 109 4.10 -7.83 9.72
C CYS A 109 4.06 -8.55 11.06
N GLY A 110 3.56 -9.78 11.05
CA GLY A 110 3.48 -10.56 12.28
C GLY A 110 2.12 -11.23 12.45
N VAL A 111 1.60 -11.77 11.36
CA VAL A 111 0.30 -12.45 11.38
C VAL A 111 0.23 -13.55 10.34
N SER A 112 -0.49 -14.63 10.67
CA SER A 112 -0.64 -15.75 9.76
C SER A 112 -1.56 -15.40 8.60
N ARG A 113 -2.60 -14.62 8.90
CA ARG A 113 -3.56 -14.21 7.89
C ARG A 113 -3.09 -12.95 7.16
N PRO A 114 -3.66 -12.71 5.97
CA PRO A 114 -3.30 -11.54 5.15
C PRO A 114 -3.79 -10.23 5.76
N VAL A 115 -3.28 -9.11 5.25
CA VAL A 115 -3.67 -7.80 5.75
C VAL A 115 -4.68 -7.14 4.82
N ILE A 116 -5.68 -6.51 5.41
CA ILE A 116 -6.72 -5.82 4.63
C ILE A 116 -6.29 -4.40 4.26
N ALA A 117 -5.46 -3.81 5.12
CA ALA A 117 -4.98 -2.46 4.87
C ALA A 117 -3.79 -2.13 5.77
N CYS A 118 -2.64 -1.89 5.15
CA CYS A 118 -1.42 -1.56 5.89
C CYS A 118 -0.80 -0.28 5.38
N SER A 119 -0.10 0.43 6.27
CA SER A 119 0.54 1.69 5.91
C SER A 119 2.07 1.55 5.95
N VAL A 120 2.74 2.10 4.94
CA VAL A 120 4.19 2.05 4.86
C VAL A 120 4.81 3.41 5.15
N THR A 121 5.76 3.44 6.07
CA THR A 121 6.43 4.68 6.45
C THR A 121 7.87 4.70 5.93
N ILE A 122 8.50 5.86 5.98
CA ILE A 122 9.87 6.01 5.53
C ILE A 122 10.80 6.39 6.69
N LYS A 123 12.06 5.98 6.58
CA LYS A 123 13.05 6.27 7.61
C LYS A 123 14.06 7.30 7.13
N GLU A 124 14.01 8.49 7.72
CA GLU A 124 14.93 9.57 7.35
C GLU A 124 16.38 9.11 7.48
N GLY A 125 17.22 9.53 6.53
CA GLY A 125 18.62 9.16 6.56
C GLY A 125 18.82 7.66 6.55
N SER A 126 18.18 6.98 5.61
CA SER A 126 18.29 5.53 5.51
C SER A 126 18.28 5.09 4.04
N GLN A 127 19.07 4.07 3.73
CA GLN A 127 19.16 3.56 2.37
C GLN A 127 17.79 3.15 1.85
N LEU A 128 16.88 2.83 2.77
CA LEU A 128 15.53 2.42 2.41
C LEU A 128 14.82 3.53 1.64
N LYS A 129 15.31 4.76 1.80
CA LYS A 129 14.71 5.91 1.13
C LYS A 129 14.59 5.65 -0.37
N GLN A 130 15.73 5.47 -1.04
CA GLN A 130 15.76 5.22 -2.47
C GLN A 130 15.07 3.89 -2.79
N GLN A 131 15.22 2.91 -1.90
CA GLN A 131 14.61 1.61 -2.10
C GLN A 131 13.10 1.71 -2.23
N ILE A 132 12.49 2.48 -1.33
CA ILE A 132 11.04 2.67 -1.35
C ILE A 132 10.61 3.54 -2.53
N GLN A 133 11.47 4.48 -2.90
CA GLN A 133 11.19 5.37 -4.02
C GLN A 133 11.14 4.60 -5.34
N SER A 134 11.84 3.47 -5.39
CA SER A 134 11.88 2.65 -6.59
C SER A 134 10.50 2.05 -6.87
N ILE A 135 9.93 1.40 -5.86
CA ILE A 135 8.62 0.78 -6.02
C ILE A 135 7.51 1.84 -6.08
N GLN A 136 7.75 2.98 -5.44
CA GLN A 136 6.77 4.06 -5.43
C GLN A 136 6.53 4.58 -6.84
N GLN A 137 7.56 4.51 -7.68
CA GLN A 137 7.45 4.97 -9.06
C GLN A 137 6.39 4.17 -9.82
N SER A 138 6.28 2.89 -9.51
CA SER A 138 5.32 2.02 -10.16
C SER A 138 3.90 2.54 -9.97
N ILE A 139 3.59 2.94 -8.75
CA ILE A 139 2.26 3.47 -8.43
C ILE A 139 2.07 4.87 -8.99
N GLU A 140 3.14 5.65 -8.97
CA GLU A 140 3.09 7.01 -9.49
C GLU A 140 2.84 7.02 -10.99
N ARG A 141 3.61 6.23 -11.72
CA ARG A 141 3.48 6.14 -13.17
C ARG A 141 2.11 5.57 -13.55
N LEU A 142 1.56 4.73 -12.69
CA LEU A 142 0.25 4.12 -12.93
C LEU A 142 -0.88 5.07 -12.52
N LEU A 143 -0.58 5.95 -11.58
CA LEU A 143 -1.57 6.92 -11.11
C LEU A 143 -1.83 7.99 -12.15
N VAL A 144 -0.84 8.25 -12.99
CA VAL A 144 -0.96 9.26 -14.04
C VAL A 144 0.14 9.09 -15.08
N MET A 17 -13.92 18.45 -21.49
CA MET A 17 -13.95 16.99 -21.44
C MET A 17 -13.16 16.48 -20.24
N THR A 18 -13.82 16.40 -19.09
CA THR A 18 -13.18 15.93 -17.87
C THR A 18 -14.21 15.66 -16.78
N GLU A 19 -14.28 14.40 -16.35
CA GLU A 19 -15.22 14.00 -15.31
C GLU A 19 -14.80 12.68 -14.68
N ALA A 20 -13.65 12.68 -14.02
CA ALA A 20 -13.14 11.49 -13.36
C ALA A 20 -14.03 11.08 -12.20
N ASP A 21 -14.53 9.85 -12.24
CA ASP A 21 -15.40 9.34 -11.18
C ASP A 21 -15.70 7.86 -11.39
N VAL A 22 -14.66 7.03 -11.25
CA VAL A 22 -14.82 5.59 -11.42
C VAL A 22 -14.16 4.83 -10.27
N ASN A 23 -14.86 3.83 -9.75
CA ASN A 23 -14.35 3.03 -8.64
C ASN A 23 -12.98 2.45 -8.99
N PRO A 24 -12.23 2.04 -7.95
CA PRO A 24 -10.90 1.46 -8.12
C PRO A 24 -10.95 0.08 -8.75
N LYS A 25 -11.97 -0.71 -8.40
CA LYS A 25 -12.13 -2.05 -8.93
C LYS A 25 -10.87 -2.88 -8.70
N ALA A 26 -10.23 -2.67 -7.56
CA ALA A 26 -9.00 -3.40 -7.22
C ALA A 26 -7.93 -3.21 -8.28
N TYR A 27 -8.00 -2.08 -8.98
CA TYR A 27 -7.03 -1.79 -10.04
C TYR A 27 -6.38 -0.43 -9.81
N PRO A 28 -5.21 -0.22 -10.44
CA PRO A 28 -4.58 -1.22 -11.29
C PRO A 28 -4.06 -2.42 -10.50
N LEU A 29 -3.87 -3.54 -11.18
CA LEU A 29 -3.37 -4.75 -10.53
C LEU A 29 -2.00 -5.13 -11.08
N ALA A 30 -1.00 -5.13 -10.20
CA ALA A 30 0.36 -5.48 -10.60
C ALA A 30 0.54 -6.99 -10.71
N ASP A 31 1.01 -7.44 -11.86
CA ASP A 31 1.23 -8.86 -12.10
C ASP A 31 2.08 -9.47 -10.99
N ALA A 32 2.02 -10.79 -10.86
CA ALA A 32 2.79 -11.50 -9.84
C ALA A 32 4.29 -11.28 -10.04
N HIS A 33 4.69 -10.99 -11.28
CA HIS A 33 6.09 -10.75 -11.60
C HIS A 33 6.63 -9.56 -10.82
N LEU A 34 5.85 -8.47 -10.81
CA LEU A 34 6.26 -7.25 -10.10
C LEU A 34 5.98 -7.38 -8.60
N THR A 35 4.87 -8.00 -8.27
CA THR A 35 4.49 -8.19 -6.87
C THR A 35 5.54 -8.98 -6.12
N LYS A 36 6.21 -9.88 -6.82
CA LYS A 36 7.26 -10.70 -6.22
C LYS A 36 8.28 -9.84 -5.49
N LYS A 37 8.82 -8.85 -6.19
CA LYS A 37 9.81 -7.95 -5.62
C LYS A 37 9.15 -6.95 -4.68
N LEU A 38 7.91 -6.57 -5.00
CA LEU A 38 7.17 -5.62 -4.18
C LEU A 38 7.05 -6.11 -2.74
N LEU A 39 6.77 -7.40 -2.59
CA LEU A 39 6.63 -8.01 -1.27
C LEU A 39 7.87 -7.76 -0.42
N ASP A 40 9.02 -7.71 -1.08
CA ASP A 40 10.29 -7.48 -0.38
C ASP A 40 10.24 -6.17 0.41
N LEU A 41 9.54 -5.18 -0.13
CA LEU A 41 9.41 -3.88 0.52
C LEU A 41 8.92 -4.04 1.95
N VAL A 42 8.05 -5.02 2.18
CA VAL A 42 7.50 -5.26 3.50
C VAL A 42 8.59 -5.73 4.46
N GLN A 43 9.35 -6.74 4.05
CA GLN A 43 10.42 -7.27 4.88
C GLN A 43 11.48 -6.21 5.15
N GLN A 44 11.66 -5.29 4.20
CA GLN A 44 12.63 -4.22 4.34
C GLN A 44 12.14 -3.15 5.33
N SER A 45 10.82 -2.97 5.38
CA SER A 45 10.24 -1.98 6.26
C SER A 45 10.37 -2.42 7.72
N CYS A 46 9.95 -3.64 8.01
CA CYS A 46 10.02 -4.18 9.37
C CYS A 46 11.48 -4.30 9.82
N ASN A 47 12.38 -4.48 8.85
CA ASN A 47 13.80 -4.63 9.16
C ASN A 47 14.33 -3.38 9.86
N TYR A 48 13.74 -2.23 9.56
CA TYR A 48 14.16 -0.98 10.17
C TYR A 48 13.25 -0.61 11.33
N LYS A 49 12.64 -1.62 11.96
CA LYS A 49 11.76 -1.40 13.09
C LYS A 49 10.62 -0.46 12.72
N GLN A 50 10.15 -0.55 11.48
CA GLN A 50 9.07 0.30 11.01
C GLN A 50 8.04 -0.51 10.23
N LEU A 51 6.75 -0.27 10.52
CA LEU A 51 5.68 -0.98 9.84
C LEU A 51 4.33 -0.33 10.16
N ARG A 52 3.31 -0.74 9.42
CA ARG A 52 1.97 -0.20 9.62
C ARG A 52 0.91 -1.18 9.10
N LYS A 53 0.08 -1.69 10.01
CA LYS A 53 -0.97 -2.63 9.64
C LYS A 53 -2.11 -2.59 10.66
N GLY A 54 -3.09 -1.73 10.40
CA GLY A 54 -4.22 -1.61 11.30
C GLY A 54 -5.33 -0.74 10.73
N ALA A 55 -6.57 -1.10 11.02
CA ALA A 55 -7.72 -0.34 10.53
C ALA A 55 -7.84 1.00 11.25
N ASN A 56 -7.93 0.95 12.58
CA ASN A 56 -8.04 2.16 13.38
C ASN A 56 -6.70 2.88 13.48
N GLU A 57 -5.62 2.12 13.40
CA GLU A 57 -4.28 2.68 13.48
C GLU A 57 -4.03 3.66 12.34
N ALA A 58 -4.70 3.44 11.22
CA ALA A 58 -4.57 4.30 10.06
C ALA A 58 -4.89 5.75 10.40
N THR A 59 -5.72 5.94 11.42
CA THR A 59 -6.12 7.28 11.85
C THR A 59 -4.92 8.05 12.39
N LYS A 60 -3.92 7.32 12.87
CA LYS A 60 -2.72 7.95 13.42
C LYS A 60 -1.77 8.36 12.30
N THR A 61 -1.56 7.46 11.34
CA THR A 61 -0.68 7.74 10.21
C THR A 61 -1.04 9.06 9.54
N LEU A 62 -2.30 9.20 9.16
CA LEU A 62 -2.78 10.41 8.50
C LEU A 62 -2.55 11.63 9.40
N ASN A 63 -2.60 11.41 10.70
CA ASN A 63 -2.40 12.50 11.66
C ASN A 63 -0.98 13.03 11.59
N ARG A 64 -0.01 12.12 11.46
CA ARG A 64 1.39 12.51 11.39
C ARG A 64 1.75 13.00 9.99
N GLY A 65 0.98 12.56 9.00
CA GLY A 65 1.22 12.98 7.64
C GLY A 65 2.52 12.42 7.09
N ILE A 66 2.79 11.15 7.36
CA ILE A 66 4.02 10.51 6.90
C ILE A 66 3.70 9.28 6.06
N SER A 67 2.48 9.22 5.53
CA SER A 67 2.05 8.09 4.72
C SER A 67 2.38 8.33 3.25
N GLU A 68 3.40 7.65 2.75
CA GLU A 68 3.80 7.78 1.35
C GLU A 68 3.33 6.59 0.52
N PHE A 69 3.29 5.43 1.15
CA PHE A 69 2.86 4.21 0.47
C PHE A 69 1.58 3.65 1.10
N ILE A 70 0.66 3.21 0.25
CA ILE A 70 -0.61 2.65 0.72
C ILE A 70 -1.00 1.41 -0.07
N VAL A 71 -1.31 0.34 0.64
CA VAL A 71 -1.70 -0.92 0.00
C VAL A 71 -2.92 -1.52 0.67
N MET A 72 -3.92 -1.89 -0.13
CA MET A 72 -5.14 -2.49 0.39
C MET A 72 -5.47 -3.79 -0.34
N ALA A 73 -5.82 -4.82 0.43
CA ALA A 73 -6.15 -6.12 -0.14
C ALA A 73 -7.26 -5.98 -1.19
N ALA A 74 -6.95 -6.34 -2.42
CA ALA A 74 -7.91 -6.26 -3.51
C ALA A 74 -9.15 -7.09 -3.21
N ASP A 75 -8.98 -8.12 -2.38
CA ASP A 75 -10.08 -8.99 -2.01
C ASP A 75 -10.58 -8.68 -0.59
N ALA A 76 -10.54 -7.40 -0.24
CA ALA A 76 -10.98 -6.96 1.08
C ALA A 76 -12.02 -5.84 0.97
N GLU A 77 -12.93 -5.78 1.94
CA GLU A 77 -13.96 -4.76 1.95
C GLU A 77 -14.49 -4.53 3.37
N PRO A 78 -15.14 -3.38 3.57
CA PRO A 78 -15.36 -2.38 2.50
C PRO A 78 -14.07 -1.69 2.10
N LEU A 79 -14.02 -1.21 0.86
CA LEU A 79 -12.85 -0.51 0.34
C LEU A 79 -12.94 0.99 0.62
N GLU A 80 -14.15 1.52 0.56
CA GLU A 80 -14.37 2.95 0.80
C GLU A 80 -13.73 3.39 2.11
N ILE A 81 -13.98 2.61 3.17
CA ILE A 81 -13.43 2.92 4.48
C ILE A 81 -11.90 2.80 4.48
N ILE A 82 -11.39 1.88 3.68
CA ILE A 82 -9.94 1.67 3.59
C ILE A 82 -9.27 2.84 2.87
N LEU A 83 -10.03 3.54 2.04
CA LEU A 83 -9.51 4.67 1.29
C LEU A 83 -9.80 5.98 2.02
N HIS A 84 -10.86 5.98 2.82
CA HIS A 84 -11.25 7.17 3.57
C HIS A 84 -10.26 7.44 4.70
N LEU A 85 -9.82 6.38 5.37
CA LEU A 85 -8.88 6.50 6.47
C LEU A 85 -7.65 7.32 6.06
N PRO A 86 -6.94 6.83 5.02
CA PRO A 86 -5.75 7.50 4.50
C PRO A 86 -6.09 8.82 3.78
N LEU A 87 -5.91 9.92 4.49
CA LEU A 87 -6.20 11.24 3.92
C LEU A 87 -5.35 11.49 2.68
N LEU A 88 -4.24 10.77 2.57
CA LEU A 88 -3.34 10.91 1.43
C LEU A 88 -3.77 9.99 0.29
N CYS A 89 -4.95 9.40 0.41
CA CYS A 89 -5.46 8.49 -0.60
C CYS A 89 -5.55 9.19 -1.96
N GLU A 90 -6.05 8.47 -2.95
CA GLU A 90 -6.19 9.03 -4.29
C GLU A 90 -6.90 10.38 -4.26
N ASP A 91 -7.79 10.54 -3.29
CA ASP A 91 -8.54 11.78 -3.15
C ASP A 91 -7.61 12.97 -3.03
N LYS A 92 -6.44 12.75 -2.42
CA LYS A 92 -5.46 13.81 -2.25
C LYS A 92 -4.40 13.77 -3.35
N ASN A 93 -4.72 13.06 -4.44
CA ASN A 93 -3.81 12.95 -5.56
C ASN A 93 -2.54 12.21 -5.17
N VAL A 94 -2.63 10.89 -5.07
CA VAL A 94 -1.48 10.07 -4.69
C VAL A 94 -1.57 8.69 -5.34
N PRO A 95 -0.44 8.23 -5.91
CA PRO A 95 -0.35 6.93 -6.57
C PRO A 95 -0.42 5.77 -5.58
N TYR A 96 -1.22 4.77 -5.90
CA TYR A 96 -1.37 3.61 -5.04
C TYR A 96 -1.18 2.31 -5.84
N VAL A 97 -1.34 1.18 -5.15
CA VAL A 97 -1.20 -0.12 -5.79
C VAL A 97 -2.02 -1.19 -5.06
N PHE A 98 -2.64 -2.07 -5.83
CA PHE A 98 -3.46 -3.14 -5.27
C PHE A 98 -2.72 -4.47 -5.32
N VAL A 99 -3.16 -5.42 -4.48
CA VAL A 99 -2.55 -6.74 -4.43
C VAL A 99 -3.60 -7.82 -4.27
N ARG A 100 -3.38 -8.95 -4.94
CA ARG A 100 -4.32 -10.07 -4.87
C ARG A 100 -3.83 -11.13 -3.90
N SER A 101 -3.57 -10.71 -2.66
CA SER A 101 -3.10 -11.63 -1.63
C SER A 101 -3.20 -11.00 -0.25
N LYS A 102 -4.05 -11.56 0.60
CA LYS A 102 -4.24 -11.06 1.95
C LYS A 102 -3.37 -11.81 2.95
N GLN A 103 -3.10 -13.08 2.65
CA GLN A 103 -2.27 -13.91 3.52
C GLN A 103 -0.81 -13.46 3.46
N ALA A 104 -0.29 -13.29 2.25
CA ALA A 104 1.09 -12.87 2.06
C ALA A 104 1.37 -11.58 2.82
N LEU A 105 0.46 -10.62 2.73
CA LEU A 105 0.60 -9.34 3.41
C LEU A 105 0.88 -9.53 4.89
N GLY A 106 0.04 -10.34 5.55
CA GLY A 106 0.21 -10.60 6.96
C GLY A 106 1.47 -11.40 7.25
N ARG A 107 1.70 -12.44 6.46
CA ARG A 107 2.87 -13.30 6.64
C ARG A 107 4.15 -12.47 6.65
N ALA A 108 4.34 -11.68 5.59
CA ALA A 108 5.53 -10.84 5.48
C ALA A 108 5.71 -9.98 6.72
N CYS A 109 4.61 -9.45 7.24
CA CYS A 109 4.66 -8.61 8.44
C CYS A 109 4.96 -9.45 9.67
N GLY A 110 4.48 -10.68 9.69
CA GLY A 110 4.70 -11.56 10.82
C GLY A 110 3.57 -11.53 11.82
N VAL A 111 2.37 -11.85 11.36
CA VAL A 111 1.19 -11.86 12.21
C VAL A 111 0.43 -13.18 12.09
N SER A 112 -0.57 -13.36 12.95
CA SER A 112 -1.37 -14.57 12.94
C SER A 112 -2.58 -14.42 12.02
N ARG A 113 -3.12 -13.21 11.96
CA ARG A 113 -4.27 -12.93 11.11
C ARG A 113 -3.90 -12.00 9.96
N PRO A 114 -4.73 -11.99 8.91
CA PRO A 114 -4.51 -11.14 7.74
C PRO A 114 -4.71 -9.67 8.04
N VAL A 115 -4.52 -8.83 7.02
CA VAL A 115 -4.68 -7.38 7.18
C VAL A 115 -5.53 -6.80 6.05
N ILE A 116 -6.41 -5.88 6.40
CA ILE A 116 -7.28 -5.24 5.42
C ILE A 116 -6.74 -3.87 5.01
N ALA A 117 -6.17 -3.17 5.98
CA ALA A 117 -5.60 -1.84 5.72
C ALA A 117 -4.21 -1.71 6.33
N CYS A 118 -3.23 -1.41 5.49
CA CYS A 118 -1.86 -1.26 5.95
C CYS A 118 -1.20 -0.05 5.29
N SER A 119 0.01 0.29 5.75
CA SER A 119 0.74 1.43 5.20
C SER A 119 2.24 1.26 5.42
N VAL A 120 3.03 2.06 4.71
CA VAL A 120 4.48 2.00 4.83
C VAL A 120 5.06 3.37 5.16
N THR A 121 5.55 3.52 6.38
CA THR A 121 6.13 4.78 6.83
C THR A 121 7.59 4.89 6.39
N ILE A 122 7.91 5.95 5.66
CA ILE A 122 9.26 6.18 5.18
C ILE A 122 10.06 7.03 6.16
N LYS A 123 11.33 6.71 6.33
CA LYS A 123 12.19 7.45 7.23
C LYS A 123 13.28 8.20 6.45
N GLU A 124 13.05 9.49 6.22
CA GLU A 124 14.00 10.31 5.50
C GLU A 124 15.36 10.32 6.18
N GLY A 125 16.34 9.71 5.54
CA GLY A 125 17.68 9.65 6.10
C GLY A 125 18.27 8.25 6.06
N SER A 126 17.40 7.25 5.94
CA SER A 126 17.84 5.86 5.90
C SER A 126 18.08 5.42 4.46
N GLN A 127 18.85 4.33 4.30
CA GLN A 127 19.15 3.80 2.99
C GLN A 127 17.91 3.24 2.31
N LEU A 128 16.95 2.82 3.12
CA LEU A 128 15.70 2.26 2.61
C LEU A 128 14.83 3.35 1.98
N LYS A 129 15.01 4.58 2.47
CA LYS A 129 14.23 5.71 1.97
C LYS A 129 14.31 5.79 0.45
N GLN A 130 15.54 5.89 -0.07
CA GLN A 130 15.75 5.99 -1.51
C GLN A 130 15.17 4.76 -2.22
N GLN A 131 15.21 3.62 -1.55
CA GLN A 131 14.70 2.38 -2.13
C GLN A 131 13.18 2.46 -2.29
N ILE A 132 12.47 2.76 -1.20
CA ILE A 132 11.02 2.86 -1.22
C ILE A 132 10.57 3.82 -2.32
N GLN A 133 11.36 4.85 -2.57
CA GLN A 133 11.04 5.84 -3.59
C GLN A 133 11.25 5.27 -4.99
N SER A 134 12.27 4.43 -5.13
CA SER A 134 12.59 3.82 -6.42
C SER A 134 11.41 3.02 -6.94
N ILE A 135 10.80 2.23 -6.06
CA ILE A 135 9.66 1.40 -6.44
C ILE A 135 8.40 2.25 -6.59
N GLN A 136 8.33 3.34 -5.83
CA GLN A 136 7.18 4.23 -5.87
C GLN A 136 6.98 4.77 -7.29
N GLN A 137 8.08 5.04 -7.97
CA GLN A 137 8.02 5.58 -9.33
C GLN A 137 7.44 4.55 -10.29
N SER A 138 7.77 3.28 -10.07
CA SER A 138 7.29 2.20 -10.92
C SER A 138 5.76 2.24 -11.02
N ILE A 139 5.11 2.73 -9.98
CA ILE A 139 3.66 2.83 -9.96
C ILE A 139 3.17 3.92 -10.90
N GLU A 140 3.90 5.03 -10.95
CA GLU A 140 3.54 6.15 -11.82
C GLU A 140 3.32 5.68 -13.25
N ARG A 141 4.22 4.85 -13.75
CA ARG A 141 4.13 4.33 -15.11
C ARG A 141 2.96 3.35 -15.23
N LEU A 142 2.61 2.72 -14.11
CA LEU A 142 1.51 1.76 -14.10
C LEU A 142 0.16 2.47 -14.12
N LEU A 143 0.06 3.56 -13.37
CA LEU A 143 -1.17 4.33 -13.31
C LEU A 143 -1.53 4.90 -14.68
N VAL A 144 -0.63 5.69 -15.25
CA VAL A 144 -0.84 6.29 -16.56
C VAL A 144 0.39 6.12 -17.45
N MET A 17 -17.10 -10.76 -1.47
CA MET A 17 -18.07 -10.02 -2.26
C MET A 17 -17.38 -9.18 -3.32
N THR A 18 -17.93 -9.21 -4.54
CA THR A 18 -17.37 -8.46 -5.65
C THR A 18 -18.21 -8.62 -6.91
N GLU A 19 -18.62 -7.49 -7.49
CA GLU A 19 -19.42 -7.51 -8.71
C GLU A 19 -19.21 -6.25 -9.54
N ALA A 20 -18.33 -6.35 -10.53
CA ALA A 20 -18.02 -5.22 -11.40
C ALA A 20 -18.82 -5.30 -12.69
N ASP A 21 -18.60 -4.32 -13.58
CA ASP A 21 -19.30 -4.27 -14.85
C ASP A 21 -18.41 -3.67 -15.93
N VAL A 22 -18.26 -2.35 -15.89
CA VAL A 22 -17.45 -1.64 -16.88
C VAL A 22 -16.57 -0.59 -16.20
N ASN A 23 -16.06 -0.93 -15.02
CA ASN A 23 -15.20 -0.01 -14.28
C ASN A 23 -14.12 -0.77 -13.51
N PRO A 24 -13.05 -0.06 -13.13
CA PRO A 24 -11.93 -0.65 -12.39
C PRO A 24 -12.32 -1.01 -10.96
N LYS A 25 -12.79 -2.24 -10.77
CA LYS A 25 -13.19 -2.71 -9.45
C LYS A 25 -11.98 -2.94 -8.55
N ALA A 26 -10.89 -3.44 -9.15
CA ALA A 26 -9.67 -3.69 -8.42
C ALA A 26 -8.44 -3.28 -9.23
N TYR A 27 -8.57 -2.19 -9.98
CA TYR A 27 -7.47 -1.70 -10.80
C TYR A 27 -6.93 -0.38 -10.26
N PRO A 28 -5.70 -0.04 -10.65
CA PRO A 28 -4.89 -0.88 -11.55
C PRO A 28 -4.43 -2.16 -10.87
N LEU A 29 -4.22 -3.20 -11.67
CA LEU A 29 -3.77 -4.49 -11.15
C LEU A 29 -2.39 -4.84 -11.69
N ALA A 30 -1.53 -5.35 -10.81
CA ALA A 30 -0.18 -5.72 -11.20
C ALA A 30 -0.03 -7.25 -11.24
N ASP A 31 0.65 -7.75 -12.26
CA ASP A 31 0.87 -9.19 -12.41
C ASP A 31 1.50 -9.77 -11.16
N ALA A 32 1.46 -11.10 -11.05
CA ALA A 32 2.03 -11.79 -9.90
C ALA A 32 3.52 -11.49 -9.77
N HIS A 33 4.20 -11.38 -10.91
CA HIS A 33 5.63 -11.10 -10.92
C HIS A 33 5.92 -9.71 -10.34
N LEU A 34 4.96 -8.81 -10.48
CA LEU A 34 5.11 -7.45 -9.97
C LEU A 34 4.81 -7.38 -8.48
N THR A 35 3.73 -8.04 -8.07
CA THR A 35 3.34 -8.06 -6.67
C THR A 35 4.45 -8.62 -5.79
N LYS A 36 5.14 -9.64 -6.30
CA LYS A 36 6.23 -10.27 -5.56
C LYS A 36 7.25 -9.23 -5.13
N LYS A 37 7.53 -8.27 -6.00
CA LYS A 37 8.49 -7.22 -5.70
C LYS A 37 7.98 -6.32 -4.58
N LEU A 38 6.72 -5.89 -4.68
CA LEU A 38 6.12 -5.02 -3.68
C LEU A 38 6.05 -5.73 -2.33
N LEU A 39 5.69 -7.02 -2.36
CA LEU A 39 5.59 -7.81 -1.14
C LEU A 39 6.90 -7.78 -0.36
N ASP A 40 8.01 -7.80 -1.08
CA ASP A 40 9.33 -7.78 -0.46
C ASP A 40 9.56 -6.46 0.28
N LEU A 41 8.96 -5.39 -0.23
CA LEU A 41 9.10 -4.07 0.37
C LEU A 41 8.67 -4.10 1.84
N VAL A 42 7.54 -4.72 2.10
CA VAL A 42 7.02 -4.82 3.46
C VAL A 42 8.07 -5.38 4.41
N GLN A 43 8.66 -6.51 4.03
CA GLN A 43 9.69 -7.14 4.86
C GLN A 43 10.80 -6.17 5.18
N GLN A 44 11.05 -5.23 4.27
CA GLN A 44 12.10 -4.23 4.47
C GLN A 44 11.66 -3.18 5.48
N SER A 45 10.36 -2.90 5.52
CA SER A 45 9.82 -1.92 6.44
C SER A 45 9.88 -2.42 7.88
N CYS A 46 9.35 -3.62 8.10
CA CYS A 46 9.34 -4.21 9.43
C CYS A 46 10.77 -4.45 9.94
N ASN A 47 11.69 -4.63 9.00
CA ASN A 47 13.09 -4.86 9.34
C ASN A 47 13.71 -3.63 9.99
N TYR A 48 13.14 -2.46 9.69
CA TYR A 48 13.63 -1.21 10.24
C TYR A 48 12.85 -0.81 11.48
N LYS A 49 12.22 -1.79 12.12
CA LYS A 49 11.43 -1.55 13.32
C LYS A 49 10.31 -0.57 13.04
N GLN A 50 9.86 -0.52 11.78
CA GLN A 50 8.78 0.37 11.39
C GLN A 50 7.71 -0.37 10.59
N LEU A 51 6.45 -0.13 10.92
CA LEU A 51 5.34 -0.78 10.24
C LEU A 51 4.02 -0.14 10.63
N ARG A 52 2.95 -0.53 9.94
CA ARG A 52 1.62 0.01 10.22
C ARG A 52 0.54 -0.94 9.70
N LYS A 53 -0.17 -1.57 10.63
CA LYS A 53 -1.24 -2.50 10.28
C LYS A 53 -2.59 -2.03 10.83
N GLY A 54 -3.25 -1.15 10.09
CA GLY A 54 -4.53 -0.63 10.51
C GLY A 54 -5.20 0.22 9.45
N ALA A 55 -6.44 -0.12 9.11
CA ALA A 55 -7.18 0.62 8.10
C ALA A 55 -7.46 2.04 8.56
N ASN A 56 -8.01 2.18 9.77
CA ASN A 56 -8.33 3.49 10.33
C ASN A 56 -7.07 4.19 10.82
N GLU A 57 -6.11 3.41 11.29
CA GLU A 57 -4.86 3.95 11.79
C GLU A 57 -3.97 4.44 10.64
N ALA A 58 -4.14 3.83 9.47
CA ALA A 58 -3.36 4.20 8.30
C ALA A 58 -3.49 5.68 8.01
N THR A 59 -4.61 6.27 8.42
CA THR A 59 -4.86 7.69 8.20
C THR A 59 -3.92 8.56 9.05
N LYS A 60 -3.54 8.04 10.21
CA LYS A 60 -2.66 8.76 11.11
C LYS A 60 -1.34 9.08 10.43
N THR A 61 -0.69 8.05 9.87
CA THR A 61 0.58 8.24 9.19
C THR A 61 0.49 9.32 8.12
N LEU A 62 -0.42 9.14 7.17
CA LEU A 62 -0.60 10.10 6.09
C LEU A 62 -0.96 11.48 6.65
N ASN A 63 -1.64 11.48 7.80
CA ASN A 63 -2.04 12.72 8.44
C ASN A 63 -0.85 13.40 9.12
N ARG A 64 0.14 12.61 9.48
CA ARG A 64 1.34 13.13 10.14
C ARG A 64 2.33 13.65 9.11
N GLY A 65 2.24 13.13 7.89
CA GLY A 65 3.15 13.55 6.83
C GLY A 65 4.36 12.65 6.70
N ILE A 66 4.12 11.35 6.76
CA ILE A 66 5.21 10.37 6.65
C ILE A 66 4.74 9.12 5.91
N SER A 67 3.63 9.24 5.19
CA SER A 67 3.08 8.12 4.45
C SER A 67 3.65 8.07 3.02
N GLU A 68 4.30 6.96 2.69
CA GLU A 68 4.88 6.80 1.36
C GLU A 68 3.89 6.16 0.40
N PHE A 69 3.25 5.08 0.86
CA PHE A 69 2.28 4.38 0.03
C PHE A 69 1.59 3.27 0.84
N ILE A 70 0.32 3.04 0.56
CA ILE A 70 -0.45 2.02 1.25
C ILE A 70 -0.93 0.95 0.27
N VAL A 71 -1.24 -0.23 0.82
CA VAL A 71 -1.72 -1.34 -0.01
C VAL A 71 -3.05 -1.87 0.51
N MET A 72 -3.93 -2.27 -0.40
CA MET A 72 -5.23 -2.81 -0.04
C MET A 72 -5.58 -4.02 -0.89
N ALA A 73 -5.87 -5.13 -0.24
CA ALA A 73 -6.22 -6.36 -0.94
C ALA A 73 -7.52 -6.20 -1.74
N ALA A 74 -7.51 -6.65 -2.98
CA ALA A 74 -8.68 -6.56 -3.84
C ALA A 74 -9.89 -7.23 -3.20
N ASP A 75 -9.63 -8.23 -2.37
CA ASP A 75 -10.69 -8.97 -1.70
C ASP A 75 -10.60 -8.78 -0.18
N ALA A 76 -10.19 -7.59 0.24
CA ALA A 76 -10.07 -7.30 1.66
C ALA A 76 -11.24 -6.45 2.15
N GLU A 77 -11.75 -6.78 3.34
CA GLU A 77 -12.88 -6.06 3.91
C GLU A 77 -12.56 -5.59 5.33
N PRO A 78 -13.33 -4.62 5.82
CA PRO A 78 -14.41 -4.01 5.04
C PRO A 78 -13.91 -3.17 3.88
N LEU A 79 -14.70 -3.09 2.82
CA LEU A 79 -14.33 -2.32 1.64
C LEU A 79 -14.81 -0.88 1.75
N GLU A 80 -15.96 -0.69 2.40
CA GLU A 80 -16.53 0.63 2.59
C GLU A 80 -15.50 1.59 3.17
N ILE A 81 -14.59 1.05 3.98
CA ILE A 81 -13.55 1.86 4.60
C ILE A 81 -12.39 2.11 3.64
N ILE A 82 -12.12 1.13 2.78
CA ILE A 82 -11.05 1.25 1.81
C ILE A 82 -11.24 2.48 0.92
N LEU A 83 -12.48 2.92 0.79
CA LEU A 83 -12.80 4.08 -0.03
C LEU A 83 -12.83 5.34 0.81
N HIS A 84 -12.79 5.18 2.13
CA HIS A 84 -12.81 6.31 3.04
C HIS A 84 -11.50 7.09 2.96
N LEU A 85 -10.39 6.37 2.88
CA LEU A 85 -9.07 7.01 2.79
C LEU A 85 -9.03 8.04 1.67
N PRO A 86 -9.30 7.58 0.44
CA PRO A 86 -9.30 8.45 -0.74
C PRO A 86 -10.48 9.41 -0.74
N LEU A 87 -10.18 10.71 -0.68
CA LEU A 87 -11.22 11.73 -0.68
C LEU A 87 -11.64 12.08 -2.11
N LEU A 88 -10.68 12.49 -2.91
CA LEU A 88 -10.95 12.87 -4.30
C LEU A 88 -10.32 11.85 -5.26
N CYS A 89 -9.00 11.93 -5.40
CA CYS A 89 -8.27 11.02 -6.28
C CYS A 89 -6.77 11.18 -6.10
N GLU A 90 -6.00 10.57 -7.01
CA GLU A 90 -4.55 10.64 -6.95
C GLU A 90 -4.07 12.08 -6.85
N ASP A 91 -4.81 12.98 -7.49
CA ASP A 91 -4.47 14.40 -7.48
C ASP A 91 -4.41 14.94 -6.05
N LYS A 92 -5.21 14.34 -5.18
CA LYS A 92 -5.25 14.75 -3.77
C LYS A 92 -4.25 13.95 -2.94
N ASN A 93 -3.35 13.25 -3.62
CA ASN A 93 -2.34 12.44 -2.94
C ASN A 93 -2.98 11.29 -2.18
N VAL A 94 -3.18 10.17 -2.86
CA VAL A 94 -3.79 9.00 -2.25
C VAL A 94 -3.26 7.72 -2.88
N PRO A 95 -2.17 7.17 -2.32
CA PRO A 95 -1.55 5.95 -2.81
C PRO A 95 -2.42 4.71 -2.55
N TYR A 96 -2.33 3.73 -3.44
CA TYR A 96 -3.09 2.50 -3.30
C TYR A 96 -2.71 1.48 -4.37
N VAL A 97 -2.79 0.21 -4.02
CA VAL A 97 -2.44 -0.86 -4.96
C VAL A 97 -3.21 -2.14 -4.62
N PHE A 98 -3.75 -2.78 -5.66
CA PHE A 98 -4.50 -4.01 -5.48
C PHE A 98 -3.65 -5.23 -5.82
N VAL A 99 -3.49 -6.11 -4.84
CA VAL A 99 -2.69 -7.32 -5.02
C VAL A 99 -3.58 -8.53 -5.26
N ARG A 100 -2.96 -9.71 -5.36
CA ARG A 100 -3.69 -10.94 -5.60
C ARG A 100 -3.38 -11.97 -4.51
N SER A 101 -3.18 -11.49 -3.29
CA SER A 101 -2.88 -12.37 -2.16
C SER A 101 -2.72 -11.56 -0.88
N LYS A 102 -3.78 -11.53 -0.08
CA LYS A 102 -3.77 -10.80 1.18
C LYS A 102 -2.89 -11.51 2.21
N GLN A 103 -2.96 -12.83 2.23
CA GLN A 103 -2.16 -13.62 3.17
C GLN A 103 -0.69 -13.24 3.10
N ALA A 104 -0.24 -12.87 1.90
CA ALA A 104 1.15 -12.49 1.70
C ALA A 104 1.52 -11.30 2.59
N LEU A 105 0.57 -10.39 2.78
CA LEU A 105 0.80 -9.21 3.61
C LEU A 105 1.03 -9.60 5.06
N GLY A 106 0.15 -10.48 5.58
CA GLY A 106 0.28 -10.92 6.96
C GLY A 106 1.64 -11.50 7.25
N ARG A 107 2.30 -12.05 6.23
CA ARG A 107 3.61 -12.64 6.38
C ARG A 107 4.72 -11.63 6.09
N ALA A 108 4.48 -10.79 5.10
CA ALA A 108 5.45 -9.77 4.70
C ALA A 108 5.60 -8.72 5.80
N CYS A 109 4.55 -8.54 6.59
CA CYS A 109 4.57 -7.55 7.67
C CYS A 109 5.22 -8.14 8.92
N GLY A 110 5.00 -9.43 9.15
CA GLY A 110 5.57 -10.09 10.30
C GLY A 110 4.54 -10.39 11.37
N VAL A 111 3.29 -10.53 10.95
CA VAL A 111 2.19 -10.81 11.88
C VAL A 111 1.67 -12.24 11.70
N SER A 112 0.78 -12.65 12.59
CA SER A 112 0.21 -13.99 12.53
C SER A 112 -0.99 -14.04 11.59
N ARG A 113 -1.80 -12.99 11.62
CA ARG A 113 -2.97 -12.91 10.77
C ARG A 113 -2.77 -11.89 9.65
N PRO A 114 -3.57 -12.01 8.58
CA PRO A 114 -3.50 -11.11 7.42
C PRO A 114 -3.97 -9.69 7.76
N VAL A 115 -3.53 -8.73 6.96
CA VAL A 115 -3.90 -7.34 7.17
C VAL A 115 -4.69 -6.79 5.99
N ILE A 116 -5.63 -5.90 6.26
CA ILE A 116 -6.44 -5.31 5.21
C ILE A 116 -5.71 -4.15 4.53
N ALA A 117 -5.42 -3.11 5.29
CA ALA A 117 -4.71 -1.95 4.77
C ALA A 117 -3.46 -1.66 5.58
N CYS A 118 -2.32 -1.58 4.89
CA CYS A 118 -1.04 -1.31 5.55
C CYS A 118 -0.47 0.02 5.08
N SER A 119 0.31 0.66 5.94
CA SER A 119 0.93 1.94 5.62
C SER A 119 2.45 1.84 5.66
N VAL A 120 3.09 2.32 4.60
CA VAL A 120 4.56 2.30 4.52
C VAL A 120 5.15 3.64 4.89
N THR A 121 5.95 3.66 5.95
CA THR A 121 6.59 4.89 6.41
C THR A 121 8.06 4.93 6.02
N ILE A 122 8.60 6.13 5.88
CA ILE A 122 10.00 6.29 5.52
C ILE A 122 10.85 6.67 6.73
N LYS A 123 12.11 6.27 6.73
CA LYS A 123 13.01 6.56 7.83
C LYS A 123 14.10 7.53 7.38
N GLU A 124 14.01 8.77 7.85
CA GLU A 124 14.99 9.79 7.50
C GLU A 124 16.31 9.55 8.23
N GLY A 125 17.41 9.54 7.47
CA GLY A 125 18.71 9.31 8.05
C GLY A 125 19.22 7.90 7.82
N SER A 126 18.72 7.26 6.77
CA SER A 126 19.13 5.90 6.43
C SER A 126 19.15 5.70 4.93
N GLN A 127 19.95 4.72 4.48
CA GLN A 127 20.07 4.42 3.07
C GLN A 127 18.77 3.83 2.52
N LEU A 128 18.01 3.18 3.39
CA LEU A 128 16.74 2.56 3.00
C LEU A 128 15.82 3.59 2.34
N LYS A 129 16.01 4.86 2.69
CA LYS A 129 15.20 5.93 2.13
C LYS A 129 15.20 5.88 0.60
N GLN A 130 16.29 5.38 0.03
CA GLN A 130 16.41 5.27 -1.42
C GLN A 130 15.66 4.05 -1.93
N GLN A 131 15.79 2.93 -1.22
CA GLN A 131 15.11 1.70 -1.61
C GLN A 131 13.62 1.92 -1.78
N ILE A 132 12.97 2.41 -0.73
CA ILE A 132 11.54 2.67 -0.77
C ILE A 132 11.19 3.63 -1.90
N GLN A 133 12.08 4.57 -2.17
CA GLN A 133 11.87 5.55 -3.24
C GLN A 133 11.86 4.88 -4.60
N SER A 134 12.62 3.80 -4.72
CA SER A 134 12.72 3.06 -5.98
C SER A 134 11.35 2.52 -6.39
N ILE A 135 10.65 1.89 -5.45
CA ILE A 135 9.33 1.33 -5.72
C ILE A 135 8.26 2.41 -5.64
N GLN A 136 8.51 3.43 -4.84
CA GLN A 136 7.55 4.52 -4.68
C GLN A 136 7.15 5.10 -6.03
N GLN A 137 8.13 5.27 -6.91
CA GLN A 137 7.89 5.81 -8.25
C GLN A 137 7.05 4.84 -9.07
N SER A 138 7.17 3.55 -8.78
CA SER A 138 6.43 2.53 -9.51
C SER A 138 4.93 2.76 -9.40
N ILE A 139 4.44 2.91 -8.17
CA ILE A 139 3.03 3.15 -7.93
C ILE A 139 2.63 4.56 -8.33
N GLU A 140 3.51 5.51 -8.07
CA GLU A 140 3.26 6.91 -8.40
C GLU A 140 2.98 7.07 -9.90
N ARG A 141 3.76 6.38 -10.71
CA ARG A 141 3.60 6.44 -12.16
C ARG A 141 2.29 5.77 -12.60
N LEU A 142 1.88 4.75 -11.85
CA LEU A 142 0.66 4.03 -12.16
C LEU A 142 -0.57 4.90 -11.91
N LEU A 143 -0.49 5.73 -10.87
CA LEU A 143 -1.59 6.62 -10.53
C LEU A 143 -1.78 7.70 -11.60
N VAL A 144 -0.75 8.51 -11.79
CA VAL A 144 -0.78 9.58 -12.78
C VAL A 144 0.01 9.20 -14.02
N MET A 17 -19.98 -2.59 -23.14
CA MET A 17 -19.27 -2.98 -21.93
C MET A 17 -20.18 -2.87 -20.71
N THR A 18 -19.93 -3.69 -19.70
CA THR A 18 -20.72 -3.68 -18.48
C THR A 18 -19.97 -4.34 -17.33
N GLU A 19 -19.61 -3.53 -16.33
CA GLU A 19 -18.89 -4.04 -15.17
C GLU A 19 -19.36 -3.35 -13.89
N ALA A 20 -20.67 -3.14 -13.78
CA ALA A 20 -21.25 -2.50 -12.62
C ALA A 20 -20.59 -1.16 -12.35
N ASP A 21 -20.94 -0.54 -11.22
CA ASP A 21 -20.39 0.75 -10.86
C ASP A 21 -20.00 0.78 -9.38
N VAL A 22 -18.88 0.15 -9.05
CA VAL A 22 -18.41 0.10 -7.66
C VAL A 22 -16.99 0.64 -7.56
N ASN A 23 -16.51 0.79 -6.32
CA ASN A 23 -15.17 1.29 -6.08
C ASN A 23 -14.14 0.51 -6.89
N PRO A 24 -12.97 1.13 -7.11
CA PRO A 24 -11.88 0.51 -7.87
C PRO A 24 -11.23 -0.65 -7.11
N LYS A 25 -11.90 -1.80 -7.13
CA LYS A 25 -11.40 -2.99 -6.45
C LYS A 25 -10.09 -3.47 -7.09
N ALA A 26 -9.90 -3.10 -8.35
CA ALA A 26 -8.68 -3.50 -9.07
C ALA A 26 -8.50 -2.66 -10.32
N TYR A 27 -8.31 -1.35 -10.13
CA TYR A 27 -8.12 -0.43 -11.24
C TYR A 27 -7.46 0.86 -10.78
N PRO A 28 -6.13 0.94 -10.95
CA PRO A 28 -5.35 -0.14 -11.55
C PRO A 28 -5.26 -1.37 -10.64
N LEU A 29 -4.72 -2.46 -11.18
CA LEU A 29 -4.58 -3.70 -10.41
C LEU A 29 -3.15 -4.22 -10.48
N ALA A 30 -2.42 -4.08 -9.37
CA ALA A 30 -1.04 -4.53 -9.30
C ALA A 30 -0.93 -6.02 -9.65
N ASP A 31 -0.19 -6.32 -10.71
CA ASP A 31 0.00 -7.70 -11.14
C ASP A 31 0.87 -8.48 -10.15
N ALA A 32 0.92 -9.78 -10.32
CA ALA A 32 1.71 -10.64 -9.44
C ALA A 32 3.20 -10.30 -9.55
N HIS A 33 3.63 -9.93 -10.74
CA HIS A 33 5.03 -9.59 -10.98
C HIS A 33 5.49 -8.52 -9.99
N LEU A 34 4.58 -7.63 -9.61
CA LEU A 34 4.89 -6.57 -8.67
C LEU A 34 4.72 -7.04 -7.23
N THR A 35 3.56 -7.65 -6.96
CA THR A 35 3.27 -8.15 -5.62
C THR A 35 4.36 -9.09 -5.13
N LYS A 36 4.91 -9.88 -6.04
CA LYS A 36 5.97 -10.83 -5.69
C LYS A 36 7.13 -10.11 -5.00
N LYS A 37 7.65 -9.08 -5.65
CA LYS A 37 8.77 -8.32 -5.10
C LYS A 37 8.29 -7.43 -3.95
N LEU A 38 7.06 -6.96 -4.04
CA LEU A 38 6.49 -6.10 -3.01
C LEU A 38 6.54 -6.79 -1.64
N LEU A 39 6.28 -8.08 -1.62
CA LEU A 39 6.31 -8.85 -0.38
C LEU A 39 7.64 -8.67 0.33
N ASP A 40 8.72 -8.58 -0.43
CA ASP A 40 10.05 -8.42 0.13
C ASP A 40 10.21 -7.03 0.75
N LEU A 41 9.46 -6.07 0.21
CA LEU A 41 9.52 -4.69 0.70
C LEU A 41 9.15 -4.62 2.18
N VAL A 42 8.10 -5.35 2.56
CA VAL A 42 7.65 -5.38 3.94
C VAL A 42 8.79 -5.72 4.89
N GLN A 43 9.52 -6.79 4.57
CA GLN A 43 10.64 -7.22 5.39
C GLN A 43 11.63 -6.08 5.60
N GLN A 44 11.73 -5.19 4.61
CA GLN A 44 12.65 -4.06 4.68
C GLN A 44 12.11 -3.00 5.64
N SER A 45 10.79 -2.89 5.72
CA SER A 45 10.16 -1.90 6.59
C SER A 45 10.36 -2.26 8.06
N CYS A 46 10.03 -3.50 8.41
CA CYS A 46 10.18 -3.98 9.78
C CYS A 46 11.65 -4.00 10.19
N ASN A 47 12.53 -4.16 9.21
CA ASN A 47 13.96 -4.20 9.48
C ASN A 47 14.42 -2.94 10.21
N TYR A 48 13.79 -1.82 9.90
CA TYR A 48 14.12 -0.55 10.53
C TYR A 48 13.19 -0.26 11.69
N LYS A 49 12.64 -1.31 12.29
CA LYS A 49 11.73 -1.17 13.41
C LYS A 49 10.54 -0.28 13.03
N GLN A 50 10.12 -0.36 11.78
CA GLN A 50 8.99 0.43 11.30
C GLN A 50 7.99 -0.44 10.56
N LEU A 51 6.70 -0.25 10.88
CA LEU A 51 5.64 -1.03 10.24
C LEU A 51 4.27 -0.43 10.56
N ARG A 52 3.25 -0.92 9.87
CA ARG A 52 1.88 -0.44 10.09
C ARG A 52 0.88 -1.32 9.35
N LYS A 53 -0.01 -1.95 10.11
CA LYS A 53 -1.03 -2.83 9.54
C LYS A 53 -2.40 -2.50 10.11
N GLY A 54 -3.04 -1.47 9.55
CA GLY A 54 -4.37 -1.09 10.01
C GLY A 54 -4.98 -0.01 9.14
N ALA A 55 -6.24 -0.22 8.77
CA ALA A 55 -6.96 0.74 7.93
C ALA A 55 -7.45 1.93 8.75
N ASN A 56 -8.25 1.65 9.77
CA ASN A 56 -8.80 2.70 10.62
C ASN A 56 -7.67 3.53 11.24
N GLU A 57 -6.59 2.86 11.62
CA GLU A 57 -5.45 3.53 12.22
C GLU A 57 -4.75 4.44 11.21
N ALA A 58 -4.87 4.09 9.93
CA ALA A 58 -4.25 4.87 8.87
C ALA A 58 -4.64 6.35 8.98
N THR A 59 -5.83 6.60 9.51
CA THR A 59 -6.33 7.96 9.67
C THR A 59 -5.30 8.83 10.41
N LYS A 60 -4.51 8.20 11.27
CA LYS A 60 -3.49 8.92 12.03
C LYS A 60 -2.25 9.17 11.17
N THR A 61 -1.73 8.11 10.56
CA THR A 61 -0.55 8.21 9.72
C THR A 61 -0.71 9.30 8.68
N LEU A 62 -1.84 9.28 7.98
CA LEU A 62 -2.12 10.28 6.95
C LEU A 62 -1.98 11.69 7.50
N ASN A 63 -2.42 11.89 8.73
CA ASN A 63 -2.34 13.19 9.38
C ASN A 63 -0.90 13.58 9.63
N ARG A 64 -0.10 12.61 10.07
CA ARG A 64 1.31 12.86 10.35
C ARG A 64 2.07 13.25 9.08
N GLY A 65 1.53 12.84 7.94
CA GLY A 65 2.16 13.15 6.67
C GLY A 65 3.39 12.30 6.40
N ILE A 66 3.28 11.01 6.71
CA ILE A 66 4.38 10.07 6.51
C ILE A 66 3.96 8.94 5.58
N SER A 67 2.67 8.88 5.27
CA SER A 67 2.15 7.83 4.39
C SER A 67 2.55 8.09 2.95
N GLU A 68 3.68 7.53 2.54
CA GLU A 68 4.17 7.69 1.18
C GLU A 68 4.03 6.40 0.39
N PHE A 69 3.99 5.27 1.10
CA PHE A 69 3.86 3.97 0.47
C PHE A 69 2.75 3.16 1.13
N ILE A 70 1.69 2.89 0.38
CA ILE A 70 0.56 2.12 0.90
C ILE A 70 0.34 0.85 0.06
N VAL A 71 -0.16 -0.19 0.71
CA VAL A 71 -0.43 -1.45 0.03
C VAL A 71 -1.70 -2.10 0.57
N MET A 72 -2.47 -2.73 -0.32
CA MET A 72 -3.71 -3.39 0.06
C MET A 72 -3.99 -4.59 -0.85
N ALA A 73 -5.05 -5.31 -0.55
CA ALA A 73 -5.43 -6.47 -1.34
C ALA A 73 -6.64 -6.17 -2.22
N ALA A 74 -6.53 -6.49 -3.51
CA ALA A 74 -7.62 -6.26 -4.45
C ALA A 74 -8.90 -6.93 -4.01
N ASP A 75 -8.75 -7.99 -3.20
CA ASP A 75 -9.90 -8.73 -2.69
C ASP A 75 -10.16 -8.40 -1.23
N ALA A 76 -9.71 -7.23 -0.79
CA ALA A 76 -9.88 -6.79 0.59
C ALA A 76 -11.18 -6.01 0.75
N GLU A 77 -12.00 -6.43 1.71
CA GLU A 77 -13.28 -5.77 1.97
C GLU A 77 -13.60 -5.77 3.46
N PRO A 78 -14.47 -4.84 3.88
CA PRO A 78 -15.11 -3.89 2.97
C PRO A 78 -14.12 -2.85 2.45
N LEU A 79 -14.27 -2.49 1.17
CA LEU A 79 -13.38 -1.51 0.55
C LEU A 79 -13.59 -0.13 1.17
N GLU A 80 -14.68 0.02 1.92
CA GLU A 80 -14.99 1.29 2.58
C GLU A 80 -13.79 1.80 3.36
N ILE A 81 -13.20 0.93 4.17
CA ILE A 81 -12.04 1.29 4.98
C ILE A 81 -10.84 1.65 4.10
N ILE A 82 -10.80 1.06 2.92
CA ILE A 82 -9.71 1.31 1.98
C ILE A 82 -9.90 2.64 1.27
N LEU A 83 -11.14 3.10 1.19
CA LEU A 83 -11.44 4.37 0.53
C LEU A 83 -11.41 5.52 1.54
N HIS A 84 -11.34 5.18 2.83
CA HIS A 84 -11.30 6.18 3.88
C HIS A 84 -10.00 6.99 3.81
N LEU A 85 -8.89 6.28 3.64
CA LEU A 85 -7.58 6.94 3.57
C LEU A 85 -7.59 8.06 2.53
N PRO A 86 -7.89 7.71 1.27
CA PRO A 86 -7.94 8.66 0.16
C PRO A 86 -9.14 9.60 0.28
N LEU A 87 -8.85 10.90 0.31
CA LEU A 87 -9.90 11.91 0.41
C LEU A 87 -10.47 12.26 -0.96
N LEU A 88 -9.60 12.69 -1.86
CA LEU A 88 -10.02 13.04 -3.21
C LEU A 88 -9.46 12.05 -4.24
N CYS A 89 -8.17 12.16 -4.52
CA CYS A 89 -7.52 11.27 -5.47
C CYS A 89 -6.00 11.47 -5.45
N GLU A 90 -5.32 10.88 -6.43
CA GLU A 90 -3.88 10.99 -6.53
C GLU A 90 -3.44 12.45 -6.48
N ASP A 91 -4.29 13.33 -6.99
CA ASP A 91 -3.99 14.76 -7.01
C ASP A 91 -3.73 15.28 -5.60
N LYS A 92 -4.39 14.66 -4.61
CA LYS A 92 -4.21 15.06 -3.22
C LYS A 92 -3.09 14.27 -2.56
N ASN A 93 -2.30 13.58 -3.37
CA ASN A 93 -1.19 12.78 -2.86
C ASN A 93 -1.70 11.63 -2.01
N VAL A 94 -2.06 10.53 -2.66
CA VAL A 94 -2.57 9.35 -1.95
C VAL A 94 -2.15 8.07 -2.66
N PRO A 95 -0.98 7.54 -2.27
CA PRO A 95 -0.44 6.30 -2.86
C PRO A 95 -1.25 5.07 -2.45
N TYR A 96 -1.42 4.14 -3.38
CA TYR A 96 -2.17 2.92 -3.12
C TYR A 96 -1.96 1.91 -4.24
N VAL A 97 -2.03 0.62 -3.89
CA VAL A 97 -1.86 -0.45 -4.87
C VAL A 97 -2.68 -1.67 -4.49
N PHE A 98 -3.29 -2.29 -5.49
CA PHE A 98 -4.11 -3.48 -5.27
C PHE A 98 -3.37 -4.75 -5.68
N VAL A 99 -3.07 -5.60 -4.71
CA VAL A 99 -2.36 -6.85 -4.98
C VAL A 99 -3.28 -8.05 -4.77
N ARG A 100 -3.01 -9.11 -5.52
CA ARG A 100 -3.81 -10.33 -5.42
C ARG A 100 -3.23 -11.29 -4.39
N SER A 101 -2.91 -10.76 -3.21
CA SER A 101 -2.33 -11.56 -2.14
C SER A 101 -2.63 -10.93 -0.77
N LYS A 102 -3.33 -11.68 0.08
CA LYS A 102 -3.68 -11.21 1.41
C LYS A 102 -2.75 -11.81 2.46
N GLN A 103 -2.83 -13.13 2.62
CA GLN A 103 -2.01 -13.83 3.58
C GLN A 103 -0.53 -13.52 3.38
N ALA A 104 -0.15 -13.32 2.12
CA ALA A 104 1.24 -13.00 1.78
C ALA A 104 1.65 -11.66 2.36
N LEU A 105 0.75 -10.70 2.31
CA LEU A 105 1.02 -9.35 2.83
C LEU A 105 1.10 -9.37 4.35
N GLY A 106 0.29 -10.22 4.97
CA GLY A 106 0.29 -10.32 6.42
C GLY A 106 1.45 -11.14 6.95
N ARG A 107 1.81 -12.19 6.23
CA ARG A 107 2.91 -13.05 6.63
C ARG A 107 4.20 -12.23 6.83
N ALA A 108 4.59 -11.51 5.80
CA ALA A 108 5.80 -10.68 5.87
C ALA A 108 5.62 -9.53 6.85
N CYS A 109 4.38 -9.11 7.04
CA CYS A 109 4.07 -8.01 7.95
C CYS A 109 4.45 -8.38 9.38
N GLY A 110 4.45 -9.68 9.68
CA GLY A 110 4.80 -10.13 11.02
C GLY A 110 3.57 -10.39 11.88
N VAL A 111 2.45 -10.67 11.23
CA VAL A 111 1.21 -10.93 11.94
C VAL A 111 0.66 -12.31 11.60
N SER A 112 0.06 -12.97 12.59
CA SER A 112 -0.50 -14.30 12.40
C SER A 112 -1.71 -14.25 11.47
N ARG A 113 -2.51 -13.21 11.62
CA ARG A 113 -3.70 -13.05 10.80
C ARG A 113 -3.41 -12.17 9.58
N PRO A 114 -4.27 -12.27 8.56
CA PRO A 114 -4.13 -11.49 7.33
C PRO A 114 -4.40 -10.00 7.54
N VAL A 115 -3.76 -9.16 6.73
CA VAL A 115 -3.93 -7.72 6.83
C VAL A 115 -4.72 -7.17 5.64
N ILE A 116 -5.59 -6.20 5.90
CA ILE A 116 -6.40 -5.60 4.87
C ILE A 116 -5.68 -4.41 4.23
N ALA A 117 -5.33 -3.44 5.05
CA ALA A 117 -4.63 -2.25 4.58
C ALA A 117 -3.46 -1.90 5.49
N CYS A 118 -2.25 -1.95 4.93
CA CYS A 118 -1.05 -1.64 5.67
C CYS A 118 -0.37 -0.38 5.14
N SER A 119 0.43 0.25 5.98
CA SER A 119 1.14 1.48 5.60
C SER A 119 2.64 1.34 5.83
N VAL A 120 3.41 2.18 5.15
CA VAL A 120 4.86 2.16 5.28
C VAL A 120 5.42 3.57 5.37
N THR A 121 5.94 3.93 6.55
CA THR A 121 6.51 5.25 6.76
C THR A 121 7.96 5.30 6.30
N ILE A 122 8.33 6.39 5.63
CA ILE A 122 9.68 6.57 5.14
C ILE A 122 10.53 7.36 6.13
N LYS A 123 11.83 7.08 6.15
CA LYS A 123 12.74 7.77 7.04
C LYS A 123 13.83 8.51 6.25
N GLU A 124 13.90 9.82 6.45
CA GLU A 124 14.89 10.64 5.75
C GLU A 124 16.26 10.49 6.40
N GLY A 125 17.21 9.92 5.66
CA GLY A 125 18.55 9.73 6.18
C GLY A 125 19.05 8.31 6.02
N SER A 126 18.11 7.37 5.84
CA SER A 126 18.46 5.97 5.68
C SER A 126 18.33 5.54 4.22
N GLN A 127 19.30 4.76 3.75
CA GLN A 127 19.30 4.29 2.37
C GLN A 127 17.99 3.56 2.05
N LEU A 128 17.38 2.99 3.08
CA LEU A 128 16.13 2.26 2.90
C LEU A 128 15.08 3.12 2.21
N LYS A 129 15.16 4.43 2.42
CA LYS A 129 14.23 5.37 1.81
C LYS A 129 14.26 5.26 0.30
N GLN A 130 15.39 4.80 -0.24
CA GLN A 130 15.53 4.65 -1.68
C GLN A 130 14.81 3.39 -2.17
N GLN A 131 14.73 2.39 -1.31
CA GLN A 131 14.07 1.14 -1.66
C GLN A 131 12.55 1.33 -1.73
N ILE A 132 11.96 1.80 -0.64
CA ILE A 132 10.52 2.02 -0.58
C ILE A 132 10.08 3.00 -1.67
N GLN A 133 10.95 3.95 -2.00
CA GLN A 133 10.64 4.95 -3.02
C GLN A 133 10.82 4.35 -4.42
N SER A 134 11.80 3.47 -4.57
CA SER A 134 12.07 2.84 -5.85
C SER A 134 10.81 2.16 -6.39
N ILE A 135 10.13 1.42 -5.53
CA ILE A 135 8.91 0.72 -5.93
C ILE A 135 7.74 1.69 -6.06
N GLN A 136 7.78 2.76 -5.27
CA GLN A 136 6.72 3.76 -5.30
C GLN A 136 6.64 4.42 -6.67
N GLN A 137 7.79 4.69 -7.26
CA GLN A 137 7.85 5.32 -8.58
C GLN A 137 7.00 4.56 -9.59
N SER A 138 7.08 3.24 -9.56
CA SER A 138 6.31 2.39 -10.47
C SER A 138 4.81 2.55 -10.22
N ILE A 139 4.45 2.81 -8.97
CA ILE A 139 3.06 2.98 -8.60
C ILE A 139 2.49 4.27 -9.18
N GLU A 140 3.30 5.32 -9.18
CA GLU A 140 2.87 6.62 -9.70
C GLU A 140 2.51 6.50 -11.18
N ARG A 141 3.21 5.63 -11.90
CA ARG A 141 2.96 5.43 -13.32
C ARG A 141 1.51 5.03 -13.57
N LEU A 142 1.05 4.05 -12.81
CA LEU A 142 -0.32 3.57 -12.95
C LEU A 142 -1.32 4.58 -12.38
N LEU A 143 -0.91 5.26 -11.32
CA LEU A 143 -1.77 6.27 -10.68
C LEU A 143 -2.26 7.28 -11.70
N VAL A 144 -1.36 7.73 -12.58
CA VAL A 144 -1.70 8.71 -13.59
C VAL A 144 -0.57 8.88 -14.59
N MET A 17 -2.73 -18.95 -16.71
CA MET A 17 -3.94 -18.20 -16.40
C MET A 17 -3.64 -16.69 -16.38
N THR A 18 -3.54 -16.10 -17.56
CA THR A 18 -3.26 -14.68 -17.68
C THR A 18 -4.44 -13.93 -18.29
N GLU A 19 -5.64 -14.27 -17.85
CA GLU A 19 -6.84 -13.63 -18.34
C GLU A 19 -7.89 -13.49 -17.24
N ALA A 20 -7.44 -13.04 -16.06
CA ALA A 20 -8.33 -12.87 -14.92
C ALA A 20 -9.32 -11.73 -15.18
N ASP A 21 -10.53 -11.89 -14.68
CA ASP A 21 -11.57 -10.87 -14.84
C ASP A 21 -11.44 -9.77 -13.79
N VAL A 22 -11.85 -10.09 -12.58
CA VAL A 22 -11.78 -9.12 -11.47
C VAL A 22 -12.70 -7.93 -11.72
N ASN A 23 -13.16 -7.32 -10.64
CA ASN A 23 -14.05 -6.16 -10.75
C ASN A 23 -13.26 -4.92 -11.15
N PRO A 24 -13.98 -3.90 -11.66
CA PRO A 24 -13.37 -2.64 -12.09
C PRO A 24 -12.86 -1.81 -10.91
N LYS A 25 -13.39 -2.08 -9.73
CA LYS A 25 -13.00 -1.36 -8.52
C LYS A 25 -11.86 -2.08 -7.81
N ALA A 26 -10.82 -2.44 -8.57
CA ALA A 26 -9.67 -3.14 -8.01
C ALA A 26 -8.42 -2.83 -8.81
N TYR A 27 -8.39 -1.68 -9.47
CA TYR A 27 -7.25 -1.28 -10.27
C TYR A 27 -6.61 0.00 -9.72
N PRO A 28 -5.34 0.23 -10.09
CA PRO A 28 -4.60 -0.67 -10.98
C PRO A 28 -4.26 -1.99 -10.32
N LEU A 29 -3.82 -2.96 -11.12
CA LEU A 29 -3.45 -4.27 -10.60
C LEU A 29 -1.99 -4.59 -10.88
N ALA A 30 -1.23 -4.86 -9.83
CA ALA A 30 0.19 -5.17 -9.97
C ALA A 30 0.40 -6.68 -10.17
N ASP A 31 1.25 -7.03 -11.12
CA ASP A 31 1.54 -8.42 -11.41
C ASP A 31 2.51 -9.00 -10.39
N ALA A 32 2.50 -10.32 -10.25
CA ALA A 32 3.38 -10.99 -9.31
C ALA A 32 4.84 -10.59 -9.53
N HIS A 33 5.19 -10.30 -10.78
CA HIS A 33 6.54 -9.89 -11.12
C HIS A 33 6.99 -8.71 -10.25
N LEU A 34 6.10 -7.74 -10.08
CA LEU A 34 6.41 -6.56 -9.27
C LEU A 34 6.13 -6.82 -7.80
N THR A 35 5.09 -7.60 -7.54
CA THR A 35 4.70 -7.93 -6.17
C THR A 35 5.82 -8.68 -5.45
N LYS A 36 6.60 -9.43 -6.21
CA LYS A 36 7.70 -10.20 -5.65
C LYS A 36 8.64 -9.31 -4.83
N LYS A 37 9.08 -8.22 -5.45
CA LYS A 37 9.97 -7.28 -4.78
C LYS A 37 9.22 -6.47 -3.73
N LEU A 38 7.94 -6.20 -4.00
CA LEU A 38 7.11 -5.43 -3.07
C LEU A 38 7.03 -6.12 -1.72
N LEU A 39 6.92 -7.44 -1.73
CA LEU A 39 6.83 -8.22 -0.49
C LEU A 39 8.03 -7.92 0.41
N ASP A 40 9.15 -7.55 -0.20
CA ASP A 40 10.36 -7.23 0.56
C ASP A 40 10.22 -5.89 1.27
N LEU A 41 9.42 -5.00 0.69
CA LEU A 41 9.21 -3.68 1.27
C LEU A 41 8.72 -3.78 2.71
N VAL A 42 7.96 -4.83 3.00
CA VAL A 42 7.44 -5.05 4.34
C VAL A 42 8.55 -5.46 5.30
N GLN A 43 9.32 -6.47 4.92
CA GLN A 43 10.42 -6.96 5.75
C GLN A 43 11.42 -5.85 6.03
N GLN A 44 11.54 -4.91 5.09
CA GLN A 44 12.47 -3.79 5.25
C GLN A 44 11.93 -2.77 6.23
N SER A 45 10.59 -2.65 6.28
CA SER A 45 9.95 -1.70 7.18
C SER A 45 10.04 -2.18 8.63
N CYS A 46 9.62 -3.41 8.87
CA CYS A 46 9.66 -3.99 10.21
C CYS A 46 11.08 -4.01 10.75
N ASN A 47 12.06 -4.06 9.86
CA ASN A 47 13.46 -4.07 10.25
C ASN A 47 13.89 -2.73 10.82
N TYR A 48 13.16 -1.68 10.46
CA TYR A 48 13.46 -0.34 10.93
C TYR A 48 12.63 0.01 12.15
N LYS A 49 12.18 -1.02 12.87
CA LYS A 49 11.37 -0.82 14.06
C LYS A 49 10.12 -0.01 13.75
N GLN A 50 9.68 -0.07 12.50
CA GLN A 50 8.49 0.65 12.08
C GLN A 50 7.59 -0.23 11.21
N LEU A 51 6.29 -0.20 11.49
CA LEU A 51 5.33 -1.00 10.75
C LEU A 51 3.90 -0.59 11.08
N ARG A 52 3.03 -0.57 10.08
CA ARG A 52 1.64 -0.19 10.27
C ARG A 52 0.73 -1.01 9.35
N LYS A 53 -0.16 -1.79 9.96
CA LYS A 53 -1.09 -2.62 9.20
C LYS A 53 -2.51 -2.45 9.73
N GLY A 54 -3.19 -1.39 9.29
CA GLY A 54 -4.55 -1.15 9.73
C GLY A 54 -5.19 0.00 9.00
N ALA A 55 -6.33 -0.25 8.35
CA ALA A 55 -7.04 0.77 7.61
C ALA A 55 -7.53 1.88 8.54
N ASN A 56 -8.13 1.49 9.66
CA ASN A 56 -8.65 2.45 10.63
C ASN A 56 -7.51 3.29 11.22
N GLU A 57 -6.37 2.65 11.42
CA GLU A 57 -5.20 3.33 11.99
C GLU A 57 -4.51 4.20 10.92
N ALA A 58 -4.65 3.79 9.66
CA ALA A 58 -4.04 4.52 8.56
C ALA A 58 -4.42 6.00 8.61
N THR A 59 -5.62 6.28 9.11
CA THR A 59 -6.11 7.65 9.21
C THR A 59 -5.14 8.52 10.01
N LYS A 60 -4.36 7.88 10.88
CA LYS A 60 -3.40 8.59 11.71
C LYS A 60 -2.14 8.93 10.92
N THR A 61 -1.60 7.93 10.23
CA THR A 61 -0.40 8.11 9.42
C THR A 61 -0.54 9.30 8.47
N LEU A 62 -1.62 9.29 7.69
CA LEU A 62 -1.88 10.38 6.75
C LEU A 62 -1.86 11.73 7.44
N ASN A 63 -2.24 11.74 8.72
CA ASN A 63 -2.26 12.97 9.50
C ASN A 63 -0.88 13.30 10.03
N ARG A 64 -0.06 12.27 10.22
CA ARG A 64 1.29 12.46 10.74
C ARG A 64 2.21 13.00 9.64
N GLY A 65 1.86 12.74 8.38
CA GLY A 65 2.66 13.22 7.27
C GLY A 65 3.82 12.28 6.96
N ILE A 66 3.54 10.98 6.94
CA ILE A 66 4.56 9.98 6.66
C ILE A 66 3.99 8.85 5.81
N SER A 67 2.79 9.05 5.28
CA SER A 67 2.13 8.04 4.46
C SER A 67 2.49 8.24 2.98
N GLU A 68 3.53 7.54 2.53
CA GLU A 68 3.97 7.64 1.14
C GLU A 68 3.63 6.36 0.38
N PHE A 69 3.61 5.24 1.09
CA PHE A 69 3.30 3.95 0.48
C PHE A 69 2.24 3.20 1.29
N ILE A 70 1.18 2.77 0.61
CA ILE A 70 0.10 2.04 1.26
C ILE A 70 -0.46 0.95 0.36
N VAL A 71 -0.52 -0.27 0.87
CA VAL A 71 -1.05 -1.39 0.09
C VAL A 71 -2.37 -1.90 0.68
N MET A 72 -3.30 -2.26 -0.19
CA MET A 72 -4.60 -2.75 0.24
C MET A 72 -5.08 -3.89 -0.67
N ALA A 73 -5.40 -5.03 -0.06
CA ALA A 73 -5.86 -6.18 -0.82
C ALA A 73 -7.18 -5.89 -1.51
N ALA A 74 -7.30 -6.33 -2.76
CA ALA A 74 -8.53 -6.11 -3.53
C ALA A 74 -9.71 -6.84 -2.90
N ASP A 75 -9.48 -8.06 -2.45
CA ASP A 75 -10.52 -8.85 -1.83
C ASP A 75 -10.44 -8.78 -0.30
N ALA A 76 -10.04 -7.61 0.20
CA ALA A 76 -9.93 -7.40 1.64
C ALA A 76 -11.02 -6.48 2.15
N GLU A 77 -11.54 -6.79 3.33
CA GLU A 77 -12.59 -5.98 3.94
C GLU A 77 -12.33 -5.77 5.42
N PRO A 78 -12.95 -4.72 5.99
CA PRO A 78 -13.85 -3.83 5.24
C PRO A 78 -13.10 -2.96 4.23
N LEU A 79 -13.69 -2.78 3.06
CA LEU A 79 -13.07 -1.96 2.01
C LEU A 79 -13.51 -0.50 2.13
N GLU A 80 -14.69 -0.29 2.70
CA GLU A 80 -15.23 1.05 2.88
C GLU A 80 -14.23 1.94 3.61
N ILE A 81 -13.65 1.41 4.68
CA ILE A 81 -12.67 2.15 5.47
C ILE A 81 -11.51 2.64 4.60
N ILE A 82 -11.04 1.76 3.72
CA ILE A 82 -9.94 2.09 2.83
C ILE A 82 -10.28 3.30 1.96
N LEU A 83 -11.56 3.45 1.64
CA LEU A 83 -12.02 4.56 0.81
C LEU A 83 -11.97 5.87 1.59
N HIS A 84 -11.78 5.77 2.90
CA HIS A 84 -11.72 6.96 3.75
C HIS A 84 -10.42 7.74 3.50
N LEU A 85 -9.33 7.02 3.33
CA LEU A 85 -8.03 7.64 3.09
C LEU A 85 -8.12 8.62 1.93
N PRO A 86 -8.50 8.12 0.75
CA PRO A 86 -8.64 8.94 -0.47
C PRO A 86 -9.81 9.91 -0.38
N LEU A 87 -9.52 11.21 -0.34
CA LEU A 87 -10.56 12.22 -0.26
C LEU A 87 -11.09 12.57 -1.65
N LEU A 88 -10.19 12.98 -2.53
CA LEU A 88 -10.57 13.34 -3.89
C LEU A 88 -10.02 12.33 -4.90
N CYS A 89 -8.72 12.40 -5.14
CA CYS A 89 -8.06 11.48 -6.07
C CYS A 89 -6.54 11.63 -6.01
N GLU A 90 -5.85 11.02 -6.97
CA GLU A 90 -4.39 11.09 -7.02
C GLU A 90 -3.92 12.53 -6.95
N ASP A 91 -4.68 13.44 -7.54
CA ASP A 91 -4.33 14.85 -7.55
C ASP A 91 -4.17 15.38 -6.12
N LYS A 92 -4.90 14.79 -5.19
CA LYS A 92 -4.85 15.20 -3.80
C LYS A 92 -3.79 14.39 -3.04
N ASN A 93 -2.94 13.69 -3.78
CA ASN A 93 -1.90 12.88 -3.17
C ASN A 93 -2.49 11.72 -2.37
N VAL A 94 -2.72 10.60 -3.04
CA VAL A 94 -3.29 9.42 -2.39
C VAL A 94 -2.81 8.14 -3.05
N PRO A 95 -1.68 7.61 -2.56
CA PRO A 95 -1.08 6.38 -3.09
C PRO A 95 -1.92 5.15 -2.76
N TYR A 96 -1.68 4.07 -3.49
CA TYR A 96 -2.42 2.83 -3.29
C TYR A 96 -1.93 1.74 -4.24
N VAL A 97 -2.43 0.53 -4.06
CA VAL A 97 -2.06 -0.61 -4.90
C VAL A 97 -2.85 -1.85 -4.54
N PHE A 98 -3.35 -2.55 -5.56
CA PHE A 98 -4.13 -3.77 -5.35
C PHE A 98 -3.30 -5.00 -5.69
N VAL A 99 -3.22 -5.93 -4.74
CA VAL A 99 -2.47 -7.17 -4.94
C VAL A 99 -3.37 -8.38 -4.84
N ARG A 100 -3.12 -9.37 -5.70
CA ARG A 100 -3.91 -10.59 -5.72
C ARG A 100 -3.36 -11.61 -4.72
N SER A 101 -3.20 -11.17 -3.47
CA SER A 101 -2.68 -12.04 -2.43
C SER A 101 -2.69 -11.34 -1.07
N LYS A 102 -3.70 -11.63 -0.26
CA LYS A 102 -3.83 -11.03 1.05
C LYS A 102 -3.01 -11.79 2.08
N GLN A 103 -2.82 -13.09 1.84
CA GLN A 103 -2.04 -13.92 2.75
C GLN A 103 -0.55 -13.60 2.65
N ALA A 104 -0.04 -13.59 1.42
CA ALA A 104 1.36 -13.30 1.18
C ALA A 104 1.79 -12.01 1.89
N LEU A 105 0.90 -11.02 1.88
CA LEU A 105 1.19 -9.74 2.51
C LEU A 105 1.35 -9.90 4.03
N GLY A 106 0.34 -10.49 4.67
CA GLY A 106 0.38 -10.69 6.10
C GLY A 106 1.54 -11.58 6.52
N ARG A 107 1.90 -12.52 5.65
CA ARG A 107 3.01 -13.43 5.93
C ARG A 107 4.28 -12.67 6.25
N ALA A 108 4.69 -11.81 5.33
CA ALA A 108 5.91 -11.01 5.51
C ALA A 108 5.72 -9.98 6.62
N CYS A 109 4.47 -9.60 6.85
CA CYS A 109 4.17 -8.61 7.88
C CYS A 109 4.45 -9.16 9.27
N GLY A 110 4.30 -10.48 9.42
CA GLY A 110 4.56 -11.11 10.70
C GLY A 110 3.29 -11.24 11.54
N VAL A 111 2.18 -11.57 10.89
CA VAL A 111 0.91 -11.73 11.57
C VAL A 111 0.24 -13.06 11.22
N SER A 112 -0.85 -13.36 11.90
CA SER A 112 -1.58 -14.61 11.65
C SER A 112 -2.73 -14.37 10.68
N ARG A 113 -3.24 -13.14 10.66
CA ARG A 113 -4.35 -12.79 9.78
C ARG A 113 -3.89 -11.82 8.69
N PRO A 114 -4.68 -11.73 7.60
CA PRO A 114 -4.37 -10.85 6.48
C PRO A 114 -4.54 -9.38 6.83
N VAL A 115 -4.23 -8.51 5.87
CA VAL A 115 -4.34 -7.07 6.08
C VAL A 115 -5.20 -6.42 5.02
N ILE A 116 -5.88 -5.34 5.39
CA ILE A 116 -6.75 -4.63 4.46
C ILE A 116 -6.10 -3.35 3.96
N ALA A 117 -5.29 -2.74 4.82
CA ALA A 117 -4.59 -1.50 4.46
C ALA A 117 -3.42 -1.24 5.41
N CYS A 118 -2.21 -1.24 4.86
CA CYS A 118 -1.01 -1.00 5.66
C CYS A 118 -0.35 0.31 5.26
N SER A 119 0.26 0.98 6.24
CA SER A 119 0.93 2.25 5.99
C SER A 119 2.43 2.14 6.22
N VAL A 120 3.19 2.12 5.13
CA VAL A 120 4.64 2.01 5.20
C VAL A 120 5.30 3.39 5.27
N THR A 121 5.86 3.72 6.43
CA THR A 121 6.51 5.02 6.61
C THR A 121 7.95 4.97 6.11
N ILE A 122 8.33 5.98 5.33
CA ILE A 122 9.68 6.07 4.79
C ILE A 122 10.66 6.60 5.82
N LYS A 123 11.78 5.92 5.98
CA LYS A 123 12.80 6.33 6.93
C LYS A 123 13.82 7.26 6.28
N GLU A 124 13.76 8.54 6.65
CA GLU A 124 14.67 9.53 6.10
C GLU A 124 16.09 9.34 6.65
N GLY A 125 17.07 9.36 5.76
CA GLY A 125 18.46 9.18 6.17
C GLY A 125 18.89 7.73 6.16
N SER A 126 18.31 6.95 5.25
CA SER A 126 18.63 5.53 5.13
C SER A 126 18.51 5.06 3.68
N GLN A 127 19.09 3.91 3.39
CA GLN A 127 19.04 3.34 2.05
C GLN A 127 17.61 3.00 1.66
N LEU A 128 16.77 2.74 2.65
CA LEU A 128 15.37 2.39 2.40
C LEU A 128 14.71 3.44 1.50
N LYS A 129 15.04 4.70 1.73
CA LYS A 129 14.49 5.80 0.93
C LYS A 129 14.67 5.53 -0.56
N GLN A 130 15.80 4.93 -0.91
CA GLN A 130 16.10 4.62 -2.30
C GLN A 130 15.34 3.38 -2.77
N GLN A 131 15.18 2.42 -1.87
CA GLN A 131 14.48 1.19 -2.19
C GLN A 131 13.03 1.48 -2.54
N ILE A 132 12.31 2.11 -1.63
CA ILE A 132 10.90 2.44 -1.85
C ILE A 132 10.75 3.39 -3.03
N GLN A 133 11.74 4.26 -3.22
CA GLN A 133 11.71 5.23 -4.31
C GLN A 133 11.67 4.52 -5.67
N SER A 134 12.20 3.31 -5.71
CA SER A 134 12.22 2.52 -6.94
C SER A 134 10.85 1.94 -7.24
N ILE A 135 10.26 1.27 -6.26
CA ILE A 135 8.94 0.67 -6.43
C ILE A 135 7.86 1.74 -6.55
N GLN A 136 8.07 2.87 -5.88
CA GLN A 136 7.11 3.97 -5.92
C GLN A 136 6.88 4.44 -7.35
N GLN A 137 7.91 4.31 -8.18
CA GLN A 137 7.83 4.74 -9.58
C GLN A 137 6.79 3.90 -10.32
N SER A 138 6.69 2.62 -9.98
CA SER A 138 5.75 1.73 -10.61
C SER A 138 4.32 2.21 -10.40
N ILE A 139 3.98 2.52 -9.16
CA ILE A 139 2.64 3.00 -8.82
C ILE A 139 2.43 4.43 -9.30
N GLU A 140 3.48 5.24 -9.22
CA GLU A 140 3.42 6.63 -9.64
C GLU A 140 2.98 6.73 -11.10
N ARG A 141 3.41 5.77 -11.92
CA ARG A 141 3.06 5.76 -13.33
C ARG A 141 1.55 5.83 -13.52
N LEU A 142 0.82 5.08 -12.71
CA LEU A 142 -0.64 5.05 -12.78
C LEU A 142 -1.24 6.13 -11.90
N LEU A 143 -0.53 6.49 -10.84
CA LEU A 143 -1.00 7.51 -9.91
C LEU A 143 -0.92 8.89 -10.54
N VAL A 144 0.30 9.42 -10.65
CA VAL A 144 0.51 10.73 -11.23
C VAL A 144 0.73 10.64 -12.74
N MET A 17 -5.00 11.03 -21.22
CA MET A 17 -6.27 11.29 -20.54
C MET A 17 -6.05 12.05 -19.23
N THR A 18 -6.67 13.22 -19.12
CA THR A 18 -6.54 14.04 -17.92
C THR A 18 -7.89 14.30 -17.27
N GLU A 19 -8.79 13.32 -17.38
CA GLU A 19 -10.12 13.45 -16.81
C GLU A 19 -10.75 12.08 -16.57
N ALA A 20 -9.92 11.11 -16.20
CA ALA A 20 -10.38 9.75 -15.95
C ALA A 20 -11.12 9.66 -14.62
N ASP A 21 -12.33 9.11 -14.65
CA ASP A 21 -13.13 8.96 -13.45
C ASP A 21 -14.01 7.72 -13.54
N VAL A 22 -13.44 6.63 -14.04
CA VAL A 22 -14.17 5.37 -14.17
C VAL A 22 -14.04 4.53 -12.91
N ASN A 23 -14.82 3.45 -12.84
CA ASN A 23 -14.80 2.57 -11.68
C ASN A 23 -13.38 2.08 -11.40
N PRO A 24 -13.15 1.60 -10.16
CA PRO A 24 -11.83 1.10 -9.75
C PRO A 24 -11.48 -0.22 -10.42
N LYS A 25 -12.43 -1.14 -10.45
CA LYS A 25 -12.21 -2.44 -11.08
C LYS A 25 -10.98 -3.14 -10.49
N ALA A 26 -10.80 -2.99 -9.18
CA ALA A 26 -9.67 -3.60 -8.49
C ALA A 26 -8.35 -3.18 -9.13
N TYR A 27 -8.32 -1.96 -9.67
CA TYR A 27 -7.11 -1.45 -10.31
C TYR A 27 -6.69 -0.12 -9.69
N PRO A 28 -5.42 0.25 -9.89
CA PRO A 28 -4.46 -0.58 -10.65
C PRO A 28 -4.09 -1.85 -9.91
N LEU A 29 -3.45 -2.77 -10.63
CA LEU A 29 -3.04 -4.04 -10.04
C LEU A 29 -1.64 -4.43 -10.52
N ALA A 30 -0.71 -4.51 -9.57
CA ALA A 30 0.68 -4.88 -9.89
C ALA A 30 0.81 -6.38 -10.07
N ASP A 31 1.28 -6.80 -11.25
CA ASP A 31 1.46 -8.21 -11.55
C ASP A 31 2.35 -8.88 -10.50
N ALA A 32 2.24 -10.19 -10.39
CA ALA A 32 3.04 -10.95 -9.43
C ALA A 32 4.52 -10.62 -9.58
N HIS A 33 4.95 -10.35 -10.80
CA HIS A 33 6.34 -10.01 -11.08
C HIS A 33 6.79 -8.82 -10.24
N LEU A 34 5.91 -7.84 -10.08
CA LEU A 34 6.22 -6.65 -9.30
C LEU A 34 5.91 -6.87 -7.82
N THR A 35 4.87 -7.66 -7.54
CA THR A 35 4.47 -7.95 -6.17
C THR A 35 5.55 -8.77 -5.46
N LYS A 36 6.23 -9.62 -6.21
CA LYS A 36 7.29 -10.46 -5.65
C LYS A 36 8.33 -9.61 -4.94
N LYS A 37 8.79 -8.55 -5.59
CA LYS A 37 9.79 -7.67 -5.03
C LYS A 37 9.17 -6.75 -3.98
N LEU A 38 7.94 -6.31 -4.25
CA LEU A 38 7.24 -5.42 -3.32
C LEU A 38 7.06 -6.09 -1.95
N LEU A 39 6.66 -7.35 -1.96
CA LEU A 39 6.46 -8.10 -0.73
C LEU A 39 7.72 -8.08 0.13
N ASP A 40 8.87 -8.01 -0.53
CA ASP A 40 10.14 -7.98 0.18
C ASP A 40 10.32 -6.67 0.94
N LEU A 41 9.70 -5.61 0.43
CA LEU A 41 9.80 -4.30 1.05
C LEU A 41 9.28 -4.33 2.49
N VAL A 42 8.20 -5.07 2.70
CA VAL A 42 7.61 -5.20 4.03
C VAL A 42 8.66 -5.64 5.06
N GLN A 43 9.36 -6.72 4.74
CA GLN A 43 10.39 -7.23 5.63
C GLN A 43 11.44 -6.17 5.94
N GLN A 44 11.65 -5.27 4.99
CA GLN A 44 12.63 -4.19 5.15
C GLN A 44 12.09 -3.12 6.09
N SER A 45 10.78 -2.93 6.08
CA SER A 45 10.14 -1.92 6.92
C SER A 45 10.18 -2.35 8.39
N CYS A 46 9.71 -3.56 8.65
CA CYS A 46 9.69 -4.09 10.02
C CYS A 46 11.11 -4.20 10.59
N ASN A 47 12.08 -4.35 9.70
CA ASN A 47 13.47 -4.47 10.11
C ASN A 47 14.01 -3.11 10.58
N TYR A 48 13.36 -2.04 10.15
CA TYR A 48 13.78 -0.70 10.52
C TYR A 48 13.00 -0.20 11.72
N LYS A 49 12.47 -1.13 12.51
CA LYS A 49 11.70 -0.79 13.70
C LYS A 49 10.50 0.08 13.33
N GLN A 50 9.97 -0.13 12.14
CA GLN A 50 8.81 0.63 11.67
C GLN A 50 7.82 -0.27 10.94
N LEU A 51 6.54 -0.12 11.26
CA LEU A 51 5.50 -0.91 10.63
C LEU A 51 4.12 -0.36 10.97
N ARG A 52 3.19 -0.48 10.03
CA ARG A 52 1.83 0.01 10.23
C ARG A 52 0.82 -0.92 9.56
N LYS A 53 -0.01 -1.57 10.38
CA LYS A 53 -1.02 -2.49 9.87
C LYS A 53 -2.41 -2.08 10.35
N GLY A 54 -3.13 -1.32 9.52
CA GLY A 54 -4.46 -0.89 9.89
C GLY A 54 -5.17 -0.17 8.76
N ALA A 55 -6.47 -0.41 8.62
CA ALA A 55 -7.26 0.21 7.57
C ALA A 55 -7.41 1.71 7.81
N ASN A 56 -8.06 2.06 8.92
CA ASN A 56 -8.27 3.46 9.26
C ASN A 56 -6.97 4.11 9.73
N GLU A 57 -6.12 3.33 10.38
CA GLU A 57 -4.85 3.81 10.88
C GLU A 57 -4.03 4.46 9.75
N ALA A 58 -4.26 4.00 8.53
CA ALA A 58 -3.55 4.52 7.37
C ALA A 58 -3.73 6.03 7.26
N THR A 59 -4.83 6.54 7.81
CA THR A 59 -5.12 7.96 7.77
C THR A 59 -4.19 8.74 8.70
N LYS A 60 -3.68 8.06 9.71
CA LYS A 60 -2.77 8.68 10.66
C LYS A 60 -1.38 8.84 10.07
N THR A 61 -0.89 7.80 9.41
CA THR A 61 0.43 7.83 8.80
C THR A 61 0.59 9.05 7.91
N LEU A 62 -0.43 9.33 7.11
CA LEU A 62 -0.40 10.48 6.20
C LEU A 62 -0.62 11.78 6.96
N ASN A 63 -1.52 11.74 7.94
CA ASN A 63 -1.82 12.92 8.74
C ASN A 63 -0.56 13.45 9.42
N ARG A 64 0.41 12.58 9.63
CA ARG A 64 1.67 12.97 10.26
C ARG A 64 2.66 13.48 9.22
N GLY A 65 2.49 13.05 7.98
CA GLY A 65 3.37 13.49 6.92
C GLY A 65 4.51 12.51 6.67
N ILE A 66 4.20 11.22 6.71
CA ILE A 66 5.20 10.19 6.50
C ILE A 66 4.61 8.99 5.77
N SER A 67 3.47 9.21 5.12
CA SER A 67 2.79 8.14 4.38
C SER A 67 3.27 8.09 2.94
N GLU A 68 4.30 7.30 2.69
CA GLU A 68 4.86 7.17 1.34
C GLU A 68 3.84 6.53 0.40
N PHE A 69 3.22 5.45 0.85
CA PHE A 69 2.23 4.75 0.04
C PHE A 69 1.57 3.62 0.84
N ILE A 70 0.27 3.44 0.64
CA ILE A 70 -0.46 2.39 1.34
C ILE A 70 -0.94 1.31 0.37
N VAL A 71 -1.21 0.13 0.91
CA VAL A 71 -1.69 -0.99 0.09
C VAL A 71 -2.96 -1.59 0.67
N MET A 72 -3.84 -2.03 -0.21
CA MET A 72 -5.11 -2.63 0.20
C MET A 72 -5.46 -3.83 -0.68
N ALA A 73 -5.66 -4.98 -0.04
CA ALA A 73 -5.99 -6.20 -0.77
C ALA A 73 -7.41 -6.13 -1.33
N ALA A 74 -7.57 -6.53 -2.58
CA ALA A 74 -8.87 -6.51 -3.24
C ALA A 74 -9.88 -7.36 -2.47
N ASP A 75 -9.37 -8.33 -1.71
CA ASP A 75 -10.23 -9.21 -0.93
C ASP A 75 -10.54 -8.59 0.43
N ALA A 76 -9.80 -7.55 0.79
CA ALA A 76 -10.00 -6.86 2.06
C ALA A 76 -11.37 -6.21 2.12
N GLU A 77 -12.17 -6.61 3.11
CA GLU A 77 -13.51 -6.06 3.28
C GLU A 77 -13.65 -5.34 4.62
N PRO A 78 -14.66 -4.48 4.74
CA PRO A 78 -15.60 -4.22 3.65
C PRO A 78 -14.97 -3.46 2.49
N LEU A 79 -15.73 -3.27 1.42
CA LEU A 79 -15.23 -2.55 0.26
C LEU A 79 -15.31 -1.04 0.45
N GLU A 80 -16.38 -0.60 1.10
CA GLU A 80 -16.57 0.83 1.37
C GLU A 80 -15.42 1.38 2.19
N ILE A 81 -15.05 0.68 3.26
CA ILE A 81 -13.96 1.10 4.12
C ILE A 81 -12.70 1.42 3.32
N ILE A 82 -12.52 0.69 2.21
CA ILE A 82 -11.37 0.89 1.36
C ILE A 82 -11.48 2.19 0.58
N LEU A 83 -12.71 2.53 0.19
CA LEU A 83 -12.95 3.76 -0.57
C LEU A 83 -13.09 4.96 0.36
N HIS A 84 -13.18 4.69 1.66
CA HIS A 84 -13.31 5.74 2.66
C HIS A 84 -12.03 6.55 2.77
N LEU A 85 -10.90 5.86 2.70
CA LEU A 85 -9.60 6.52 2.80
C LEU A 85 -9.50 7.68 1.81
N PRO A 86 -9.64 7.35 0.51
CA PRO A 86 -9.57 8.35 -0.56
C PRO A 86 -10.77 9.29 -0.56
N LEU A 87 -10.51 10.59 -0.50
CA LEU A 87 -11.57 11.59 -0.49
C LEU A 87 -12.01 11.93 -1.91
N LEU A 88 -11.06 12.38 -2.72
CA LEU A 88 -11.35 12.73 -4.11
C LEU A 88 -10.69 11.75 -5.08
N CYS A 89 -9.37 11.88 -5.22
CA CYS A 89 -8.62 11.01 -6.12
C CYS A 89 -7.12 11.23 -5.96
N GLU A 90 -6.34 10.65 -6.86
CA GLU A 90 -4.88 10.79 -6.82
C GLU A 90 -4.48 12.26 -6.75
N ASP A 91 -5.28 13.11 -7.37
CA ASP A 91 -5.00 14.55 -7.37
C ASP A 91 -4.92 15.09 -5.96
N LYS A 92 -5.67 14.47 -5.05
CA LYS A 92 -5.69 14.90 -3.65
C LYS A 92 -4.64 14.14 -2.85
N ASN A 93 -3.72 13.47 -3.54
CA ASN A 93 -2.67 12.71 -2.89
C ASN A 93 -3.25 11.54 -2.09
N VAL A 94 -3.45 10.41 -2.77
CA VAL A 94 -4.00 9.23 -2.12
C VAL A 94 -3.47 7.95 -2.78
N PRO A 95 -2.34 7.44 -2.28
CA PRO A 95 -1.72 6.22 -2.81
C PRO A 95 -2.54 4.97 -2.50
N TYR A 96 -2.43 3.97 -3.35
CA TYR A 96 -3.16 2.72 -3.17
C TYR A 96 -2.70 1.67 -4.18
N VAL A 97 -3.14 0.44 -3.97
CA VAL A 97 -2.77 -0.66 -4.85
C VAL A 97 -3.46 -1.96 -4.44
N PHE A 98 -4.01 -2.68 -5.41
CA PHE A 98 -4.69 -3.94 -5.14
C PHE A 98 -3.78 -5.13 -5.42
N VAL A 99 -3.62 -5.99 -4.43
CA VAL A 99 -2.77 -7.16 -4.55
C VAL A 99 -3.58 -8.44 -4.36
N ARG A 100 -3.36 -9.42 -5.24
CA ARG A 100 -4.06 -10.68 -5.17
C ARG A 100 -3.35 -11.65 -4.22
N SER A 101 -3.12 -11.19 -2.99
CA SER A 101 -2.45 -12.00 -1.99
C SER A 101 -2.66 -11.43 -0.58
N LYS A 102 -3.34 -12.19 0.27
CA LYS A 102 -3.61 -11.76 1.63
C LYS A 102 -2.55 -12.30 2.59
N GLN A 103 -2.47 -13.62 2.69
CA GLN A 103 -1.50 -14.26 3.57
C GLN A 103 -0.09 -13.73 3.31
N ALA A 104 0.17 -13.39 2.05
CA ALA A 104 1.49 -12.87 1.67
C ALA A 104 1.75 -11.51 2.32
N LEU A 105 0.75 -10.63 2.25
CA LEU A 105 0.87 -9.29 2.83
C LEU A 105 0.98 -9.37 4.35
N GLY A 106 0.17 -10.23 4.95
CA GLY A 106 0.19 -10.37 6.40
C GLY A 106 1.45 -11.04 6.89
N ARG A 107 1.86 -12.12 6.22
CA ARG A 107 3.06 -12.86 6.60
C ARG A 107 4.25 -11.92 6.72
N ALA A 108 4.54 -11.18 5.65
CA ALA A 108 5.65 -10.25 5.64
C ALA A 108 5.49 -9.18 6.71
N CYS A 109 4.25 -8.75 6.92
CA CYS A 109 3.95 -7.73 7.92
C CYS A 109 4.30 -8.22 9.32
N GLY A 110 4.28 -9.54 9.50
CA GLY A 110 4.60 -10.11 10.80
C GLY A 110 3.37 -10.53 11.57
N VAL A 111 2.53 -11.36 10.93
CA VAL A 111 1.30 -11.84 11.56
C VAL A 111 0.78 -13.08 10.87
N SER A 112 0.26 -14.01 11.67
CA SER A 112 -0.28 -15.26 11.13
C SER A 112 -1.53 -15.00 10.28
N ARG A 113 -2.32 -14.03 10.70
CA ARG A 113 -3.54 -13.67 9.98
C ARG A 113 -3.27 -12.60 8.94
N PRO A 114 -4.18 -12.48 7.96
CA PRO A 114 -4.05 -11.49 6.88
C PRO A 114 -4.25 -10.06 7.37
N VAL A 115 -4.08 -9.11 6.48
CA VAL A 115 -4.23 -7.69 6.82
C VAL A 115 -5.02 -6.96 5.75
N ILE A 116 -5.88 -6.03 6.18
CA ILE A 116 -6.69 -5.25 5.25
C ILE A 116 -5.85 -4.20 4.54
N ALA A 117 -5.34 -3.24 5.30
CA ALA A 117 -4.51 -2.18 4.74
C ALA A 117 -3.28 -1.92 5.62
N CYS A 118 -2.18 -1.51 4.98
CA CYS A 118 -0.95 -1.22 5.69
C CYS A 118 -0.37 0.12 5.28
N SER A 119 0.28 0.80 6.22
CA SER A 119 0.87 2.11 5.95
C SER A 119 2.39 2.02 5.95
N VAL A 120 2.99 2.14 4.76
CA VAL A 120 4.43 2.08 4.62
C VAL A 120 5.08 3.41 4.99
N THR A 121 5.97 3.38 5.98
CA THR A 121 6.66 4.58 6.44
C THR A 121 8.14 4.52 6.09
N ILE A 122 8.71 5.68 5.76
CA ILE A 122 10.12 5.76 5.40
C ILE A 122 10.93 6.36 6.54
N LYS A 123 12.17 5.91 6.68
CA LYS A 123 13.05 6.41 7.73
C LYS A 123 13.96 7.51 7.20
N GLU A 124 14.12 8.57 7.99
CA GLU A 124 14.97 9.69 7.59
C GLU A 124 16.45 9.32 7.66
N GLY A 125 17.16 9.56 6.58
CA GLY A 125 18.58 9.24 6.53
C GLY A 125 18.83 7.75 6.46
N SER A 126 17.98 7.03 5.74
CA SER A 126 18.12 5.59 5.59
C SER A 126 18.37 5.20 4.14
N GLN A 127 19.11 4.12 3.94
CA GLN A 127 19.44 3.65 2.60
C GLN A 127 18.19 3.10 1.91
N LEU A 128 17.23 2.64 2.71
CA LEU A 128 16.00 2.08 2.18
C LEU A 128 15.28 3.09 1.29
N LYS A 129 15.57 4.37 1.52
CA LYS A 129 14.95 5.44 0.74
C LYS A 129 15.11 5.18 -0.76
N GLN A 130 16.27 4.64 -1.14
CA GLN A 130 16.54 4.36 -2.54
C GLN A 130 15.59 3.29 -3.07
N GLN A 131 15.22 2.36 -2.22
CA GLN A 131 14.30 1.29 -2.60
C GLN A 131 12.85 1.76 -2.55
N ILE A 132 12.45 2.29 -1.40
CA ILE A 132 11.09 2.77 -1.21
C ILE A 132 10.70 3.73 -2.33
N GLN A 133 11.68 4.48 -2.82
CA GLN A 133 11.44 5.45 -3.90
C GLN A 133 11.03 4.74 -5.18
N SER A 134 11.76 3.68 -5.53
CA SER A 134 11.47 2.92 -6.74
C SER A 134 10.02 2.48 -6.77
N ILE A 135 9.57 1.86 -5.69
CA ILE A 135 8.20 1.37 -5.59
C ILE A 135 7.22 2.53 -5.60
N GLN A 136 7.56 3.60 -4.89
CA GLN A 136 6.71 4.78 -4.82
C GLN A 136 6.37 5.29 -6.21
N GLN A 137 7.37 5.34 -7.08
CA GLN A 137 7.19 5.81 -8.45
C GLN A 137 6.38 4.80 -9.27
N SER A 138 6.61 3.52 -9.01
CA SER A 138 5.90 2.46 -9.72
C SER A 138 4.40 2.64 -9.62
N ILE A 139 3.90 2.79 -8.40
CA ILE A 139 2.47 2.98 -8.17
C ILE A 139 2.00 4.32 -8.71
N GLU A 140 2.84 5.34 -8.57
CA GLU A 140 2.51 6.68 -9.05
C GLU A 140 2.21 6.66 -10.54
N ARG A 141 3.06 5.96 -11.30
CA ARG A 141 2.89 5.86 -12.75
C ARG A 141 1.48 5.39 -13.10
N LEU A 142 0.89 4.59 -12.21
CA LEU A 142 -0.45 4.07 -12.44
C LEU A 142 -1.50 4.96 -11.78
N LEU A 143 -1.10 5.63 -10.70
CA LEU A 143 -2.01 6.52 -9.97
C LEU A 143 -2.61 7.57 -10.91
N VAL A 144 -1.75 8.43 -11.45
CA VAL A 144 -2.20 9.48 -12.36
C VAL A 144 -2.87 8.88 -13.60
N MET A 17 -22.81 0.52 -18.47
CA MET A 17 -23.08 1.09 -17.15
C MET A 17 -22.39 2.44 -16.98
N THR A 18 -23.19 3.49 -16.86
CA THR A 18 -22.66 4.84 -16.70
C THR A 18 -23.67 5.75 -16.01
N GLU A 19 -23.56 5.86 -14.69
CA GLU A 19 -24.46 6.69 -13.91
C GLU A 19 -23.70 7.48 -12.85
N ALA A 20 -22.47 7.86 -13.19
CA ALA A 20 -21.64 8.63 -12.27
C ALA A 20 -21.35 7.83 -11.00
N ASP A 21 -20.52 8.40 -10.12
CA ASP A 21 -20.16 7.74 -8.88
C ASP A 21 -19.63 6.34 -9.14
N VAL A 22 -18.83 6.20 -10.18
CA VAL A 22 -18.25 4.91 -10.54
C VAL A 22 -17.31 4.41 -9.45
N ASN A 23 -17.07 3.10 -9.44
CA ASN A 23 -16.18 2.50 -8.45
C ASN A 23 -14.75 2.44 -8.96
N PRO A 24 -13.79 2.28 -8.03
CA PRO A 24 -12.37 2.21 -8.36
C PRO A 24 -12.01 0.91 -9.08
N LYS A 25 -12.90 -0.08 -8.98
CA LYS A 25 -12.67 -1.36 -9.63
C LYS A 25 -11.38 -2.02 -9.11
N ALA A 26 -11.01 -1.69 -7.88
CA ALA A 26 -9.81 -2.24 -7.27
C ALA A 26 -8.59 -2.00 -8.15
N TYR A 27 -8.58 -0.87 -8.85
CA TYR A 27 -7.47 -0.52 -9.73
C TYR A 27 -6.82 0.80 -9.30
N PRO A 28 -5.57 1.01 -9.73
CA PRO A 28 -4.86 0.05 -10.59
C PRO A 28 -4.47 -1.22 -9.84
N LEU A 29 -4.03 -2.23 -10.58
CA LEU A 29 -3.63 -3.50 -9.98
C LEU A 29 -2.25 -3.92 -10.47
N ALA A 30 -1.41 -4.40 -9.56
CA ALA A 30 -0.08 -4.85 -9.90
C ALA A 30 -0.03 -6.36 -10.10
N ASP A 31 0.53 -6.79 -11.22
CA ASP A 31 0.64 -8.21 -11.54
C ASP A 31 1.45 -8.94 -10.48
N ALA A 32 1.28 -10.25 -10.39
CA ALA A 32 2.00 -11.06 -9.42
C ALA A 32 3.50 -10.83 -9.53
N HIS A 33 3.98 -10.61 -10.75
CA HIS A 33 5.40 -10.37 -10.99
C HIS A 33 5.86 -9.09 -10.31
N LEU A 34 4.98 -8.09 -10.27
CA LEU A 34 5.29 -6.81 -9.65
C LEU A 34 5.06 -6.86 -8.15
N THR A 35 4.06 -7.64 -7.74
CA THR A 35 3.73 -7.77 -6.32
C THR A 35 4.81 -8.56 -5.58
N LYS A 36 5.40 -9.53 -6.27
CA LYS A 36 6.46 -10.35 -5.68
C LYS A 36 7.56 -9.48 -5.09
N LYS A 37 7.99 -8.48 -5.86
CA LYS A 37 9.05 -7.58 -5.41
C LYS A 37 8.58 -6.73 -4.22
N LEU A 38 7.32 -6.31 -4.27
CA LEU A 38 6.75 -5.50 -3.19
C LEU A 38 6.65 -6.30 -1.90
N LEU A 39 6.28 -7.57 -2.03
CA LEU A 39 6.15 -8.45 -0.87
C LEU A 39 7.44 -8.46 -0.05
N ASP A 40 8.56 -8.21 -0.71
CA ASP A 40 9.85 -8.19 -0.04
C ASP A 40 9.96 -7.00 0.91
N LEU A 41 9.42 -5.86 0.48
CA LEU A 41 9.45 -4.64 1.29
C LEU A 41 8.63 -4.81 2.56
N VAL A 42 7.65 -5.71 2.51
CA VAL A 42 6.78 -5.97 3.65
C VAL A 42 7.54 -6.72 4.75
N GLN A 43 8.16 -7.84 4.38
CA GLN A 43 8.92 -8.64 5.33
C GLN A 43 10.16 -7.92 5.79
N GLN A 44 10.73 -7.09 4.91
CA GLN A 44 11.93 -6.33 5.23
C GLN A 44 11.59 -5.14 6.13
N SER A 45 10.39 -4.62 5.98
CA SER A 45 9.94 -3.48 6.78
C SER A 45 10.18 -3.73 8.27
N CYS A 46 9.68 -4.86 8.76
CA CYS A 46 9.83 -5.22 10.16
C CYS A 46 11.31 -5.27 10.55
N ASN A 47 12.17 -5.53 9.56
CA ASN A 47 13.60 -5.60 9.80
C ASN A 47 14.19 -4.22 10.01
N TYR A 48 13.48 -3.20 9.55
CA TYR A 48 13.93 -1.82 9.68
C TYR A 48 13.40 -1.19 10.97
N LYS A 49 12.91 -2.03 11.87
CA LYS A 49 12.37 -1.56 13.14
C LYS A 49 11.17 -0.67 12.93
N GLN A 50 10.59 -0.73 11.73
CA GLN A 50 9.43 0.08 11.40
C GLN A 50 8.45 -0.71 10.53
N LEU A 51 7.16 -0.65 10.90
CA LEU A 51 6.13 -1.36 10.16
C LEU A 51 4.77 -0.72 10.38
N ARG A 52 3.77 -1.18 9.62
CA ARG A 52 2.41 -0.65 9.74
C ARG A 52 1.39 -1.64 9.18
N LYS A 53 0.53 -2.16 10.05
CA LYS A 53 -0.49 -3.11 9.63
C LYS A 53 -1.86 -2.67 10.12
N GLY A 54 -2.50 -1.78 9.37
CA GLY A 54 -3.82 -1.29 9.74
C GLY A 54 -4.44 -0.42 8.67
N ALA A 55 -5.77 -0.46 8.56
CA ALA A 55 -6.48 0.34 7.57
C ALA A 55 -6.60 1.79 8.02
N ASN A 56 -7.08 1.99 9.24
CA ASN A 56 -7.26 3.33 9.79
C ASN A 56 -5.90 4.04 9.93
N GLU A 57 -4.86 3.26 10.18
CA GLU A 57 -3.52 3.80 10.33
C GLU A 57 -3.07 4.51 9.06
N ALA A 58 -3.58 4.05 7.92
CA ALA A 58 -3.25 4.65 6.64
C ALA A 58 -3.56 6.14 6.62
N THR A 59 -4.72 6.50 7.16
CA THR A 59 -5.14 7.89 7.20
C THR A 59 -4.32 8.69 8.22
N LYS A 60 -4.18 8.13 9.42
CA LYS A 60 -3.42 8.80 10.47
C LYS A 60 -2.01 9.16 9.98
N THR A 61 -1.31 8.18 9.44
CA THR A 61 0.04 8.39 8.93
C THR A 61 0.07 9.54 7.93
N LEU A 62 -0.83 9.48 6.95
CA LEU A 62 -0.90 10.52 5.92
C LEU A 62 -1.15 11.88 6.54
N ASN A 63 -1.88 11.92 7.64
CA ASN A 63 -2.18 13.16 8.34
C ASN A 63 -0.91 13.78 8.91
N ARG A 64 -0.10 12.96 9.57
CA ARG A 64 1.15 13.43 10.16
C ARG A 64 2.13 13.90 9.08
N GLY A 65 1.96 13.38 7.88
CA GLY A 65 2.83 13.75 6.78
C GLY A 65 4.21 13.15 6.90
N ILE A 66 4.28 11.90 7.36
CA ILE A 66 5.55 11.22 7.54
C ILE A 66 5.60 9.93 6.71
N SER A 67 4.45 9.57 6.12
CA SER A 67 4.36 8.36 5.32
C SER A 67 4.67 8.66 3.86
N GLU A 68 5.09 7.64 3.12
CA GLU A 68 5.43 7.78 1.71
C GLU A 68 4.36 7.16 0.83
N PHE A 69 3.96 5.94 1.16
CA PHE A 69 2.94 5.22 0.40
C PHE A 69 2.20 4.22 1.28
N ILE A 70 1.09 3.70 0.76
CA ILE A 70 0.29 2.74 1.50
C ILE A 70 -0.14 1.58 0.60
N VAL A 71 -0.19 0.39 1.18
CA VAL A 71 -0.58 -0.81 0.44
C VAL A 71 -1.80 -1.47 1.06
N MET A 72 -2.71 -1.95 0.22
CA MET A 72 -3.92 -2.61 0.68
C MET A 72 -4.30 -3.76 -0.23
N ALA A 73 -5.20 -4.62 0.24
CA ALA A 73 -5.66 -5.76 -0.53
C ALA A 73 -6.97 -5.46 -1.25
N ALA A 74 -7.00 -5.67 -2.55
CA ALA A 74 -8.18 -5.41 -3.36
C ALA A 74 -9.27 -6.45 -3.07
N ASP A 75 -8.85 -7.66 -2.70
CA ASP A 75 -9.78 -8.73 -2.39
C ASP A 75 -10.04 -8.82 -0.89
N ALA A 76 -10.03 -7.66 -0.23
CA ALA A 76 -10.28 -7.61 1.21
C ALA A 76 -11.52 -6.79 1.53
N GLU A 77 -12.18 -7.13 2.63
CA GLU A 77 -13.39 -6.43 3.05
C GLU A 77 -13.37 -6.14 4.55
N PRO A 78 -14.18 -5.16 4.98
CA PRO A 78 -15.05 -4.40 4.08
C PRO A 78 -14.25 -3.48 3.14
N LEU A 79 -14.96 -2.83 2.22
CA LEU A 79 -14.33 -1.92 1.28
C LEU A 79 -14.25 -0.51 1.85
N GLU A 80 -15.12 -0.22 2.81
CA GLU A 80 -15.16 1.09 3.44
C GLU A 80 -13.77 1.50 3.93
N ILE A 81 -13.11 0.60 4.66
CA ILE A 81 -11.79 0.87 5.19
C ILE A 81 -10.84 1.31 4.08
N ILE A 82 -11.09 0.82 2.87
CA ILE A 82 -10.25 1.17 1.72
C ILE A 82 -10.76 2.44 1.03
N LEU A 83 -12.06 2.71 1.19
CA LEU A 83 -12.67 3.88 0.58
C LEU A 83 -12.32 5.14 1.37
N HIS A 84 -11.98 4.96 2.64
CA HIS A 84 -11.62 6.08 3.51
C HIS A 84 -10.21 6.57 3.21
N LEU A 85 -9.39 5.69 2.65
CA LEU A 85 -8.02 6.04 2.31
C LEU A 85 -7.95 7.32 1.48
N PRO A 86 -8.61 7.31 0.31
CA PRO A 86 -8.66 8.46 -0.58
C PRO A 86 -9.49 9.60 -0.02
N LEU A 87 -8.93 10.81 -0.05
CA LEU A 87 -9.62 11.99 0.46
C LEU A 87 -10.55 12.58 -0.60
N LEU A 88 -9.97 12.93 -1.75
CA LEU A 88 -10.74 13.51 -2.84
C LEU A 88 -10.82 12.54 -4.02
N CYS A 89 -9.71 12.41 -4.75
CA CYS A 89 -9.65 11.53 -5.91
C CYS A 89 -8.22 11.41 -6.43
N GLU A 90 -7.99 10.44 -7.30
CA GLU A 90 -6.67 10.23 -7.88
C GLU A 90 -6.15 11.50 -8.53
N ASP A 91 -7.05 12.25 -9.15
CA ASP A 91 -6.68 13.50 -9.81
C ASP A 91 -6.45 14.61 -8.80
N LYS A 92 -7.01 14.44 -7.61
CA LYS A 92 -6.87 15.43 -6.54
C LYS A 92 -5.72 15.07 -5.62
N ASN A 93 -4.73 14.37 -6.16
CA ASN A 93 -3.57 13.96 -5.38
C ASN A 93 -3.95 12.95 -4.30
N VAL A 94 -3.90 11.67 -4.64
CA VAL A 94 -4.25 10.62 -3.70
C VAL A 94 -3.47 9.34 -4.00
N PRO A 95 -2.29 9.20 -3.38
CA PRO A 95 -1.44 8.02 -3.57
C PRO A 95 -2.02 6.77 -2.94
N TYR A 96 -1.96 5.67 -3.66
CA TYR A 96 -2.49 4.39 -3.17
C TYR A 96 -2.05 3.24 -4.06
N VAL A 97 -2.49 2.03 -3.71
CA VAL A 97 -2.14 0.84 -4.49
C VAL A 97 -2.87 -0.38 -3.96
N PHE A 98 -3.13 -1.34 -4.85
CA PHE A 98 -3.82 -2.57 -4.46
C PHE A 98 -2.92 -3.78 -4.66
N VAL A 99 -3.25 -4.88 -3.98
CA VAL A 99 -2.47 -6.11 -4.08
C VAL A 99 -3.35 -7.33 -3.88
N ARG A 100 -3.10 -8.37 -4.66
CA ARG A 100 -3.88 -9.60 -4.57
C ARG A 100 -3.18 -10.62 -3.68
N SER A 101 -2.82 -10.19 -2.47
CA SER A 101 -2.13 -11.06 -1.52
C SER A 101 -2.41 -10.62 -0.08
N LYS A 102 -2.84 -11.57 0.75
CA LYS A 102 -3.13 -11.28 2.14
C LYS A 102 -2.47 -12.30 3.06
N GLN A 103 -2.48 -13.56 2.65
CA GLN A 103 -1.87 -14.63 3.43
C GLN A 103 -0.36 -14.43 3.55
N ALA A 104 0.30 -14.32 2.40
CA ALA A 104 1.74 -14.13 2.37
C ALA A 104 2.12 -12.71 2.82
N LEU A 105 1.25 -11.76 2.51
CA LEU A 105 1.49 -10.37 2.88
C LEU A 105 1.52 -10.20 4.40
N GLY A 106 0.71 -10.99 5.09
CA GLY A 106 0.65 -10.92 6.54
C GLY A 106 1.80 -11.65 7.20
N ARG A 107 1.98 -12.92 6.84
CA ARG A 107 3.05 -13.73 7.40
C ARG A 107 4.41 -13.11 7.12
N ALA A 108 4.52 -12.43 5.98
CA ALA A 108 5.78 -11.79 5.60
C ALA A 108 6.14 -10.68 6.58
N CYS A 109 5.21 -9.76 6.80
CA CYS A 109 5.44 -8.64 7.71
C CYS A 109 5.70 -9.14 9.12
N GLY A 110 5.20 -10.33 9.43
CA GLY A 110 5.38 -10.90 10.74
C GLY A 110 4.14 -10.79 11.61
N VAL A 111 3.00 -10.59 10.97
CA VAL A 111 1.73 -10.47 11.69
C VAL A 111 1.12 -11.84 11.96
N SER A 112 0.36 -11.94 13.04
CA SER A 112 -0.28 -13.20 13.42
C SER A 112 -1.72 -13.24 12.92
N ARG A 113 -1.97 -12.57 11.81
CA ARG A 113 -3.31 -12.53 11.22
C ARG A 113 -3.26 -12.02 9.78
N PRO A 114 -4.30 -12.37 9.00
CA PRO A 114 -4.40 -11.95 7.59
C PRO A 114 -4.65 -10.46 7.45
N VAL A 115 -3.59 -9.71 7.18
CA VAL A 115 -3.70 -8.26 7.01
C VAL A 115 -4.42 -7.91 5.71
N ILE A 116 -5.21 -6.84 5.74
CA ILE A 116 -5.95 -6.41 4.57
C ILE A 116 -5.50 -5.01 4.12
N ALA A 117 -4.94 -4.25 5.06
CA ALA A 117 -4.46 -2.91 4.76
C ALA A 117 -3.25 -2.55 5.61
N CYS A 118 -2.12 -2.33 4.96
CA CYS A 118 -0.88 -1.98 5.67
C CYS A 118 -0.35 -0.63 5.19
N SER A 119 0.63 -0.11 5.92
CA SER A 119 1.23 1.18 5.57
C SER A 119 2.75 1.11 5.66
N VAL A 120 3.42 2.04 4.99
CA VAL A 120 4.88 2.10 5.00
C VAL A 120 5.38 3.50 5.30
N THR A 121 6.04 3.65 6.44
CA THR A 121 6.57 4.95 6.86
C THR A 121 8.07 5.02 6.65
N ILE A 122 8.57 6.20 6.26
CA ILE A 122 9.99 6.40 6.03
C ILE A 122 10.65 7.09 7.21
N LYS A 123 11.89 6.70 7.50
CA LYS A 123 12.63 7.30 8.61
C LYS A 123 13.93 7.91 8.12
N GLU A 124 14.06 9.22 8.28
CA GLU A 124 15.26 9.93 7.84
C GLU A 124 16.51 9.27 8.42
N GLY A 125 17.48 9.00 7.55
CA GLY A 125 18.71 8.37 7.98
C GLY A 125 18.81 6.92 7.56
N SER A 126 17.66 6.32 7.23
CA SER A 126 17.62 4.92 6.81
C SER A 126 17.83 4.80 5.31
N GLN A 127 18.45 3.70 4.89
CA GLN A 127 18.72 3.47 3.47
C GLN A 127 17.42 3.17 2.73
N LEU A 128 16.41 2.69 3.46
CA LEU A 128 15.13 2.37 2.86
C LEU A 128 14.53 3.58 2.15
N LYS A 129 14.95 4.77 2.57
CA LYS A 129 14.45 6.01 1.98
C LYS A 129 14.61 5.97 0.46
N GLN A 130 15.62 5.26 -0.02
CA GLN A 130 15.88 5.15 -1.44
C GLN A 130 14.97 4.09 -2.08
N GLN A 131 14.67 3.05 -1.31
CA GLN A 131 13.81 1.97 -1.81
C GLN A 131 12.35 2.42 -1.84
N ILE A 132 11.86 2.92 -0.72
CA ILE A 132 10.47 3.38 -0.64
C ILE A 132 10.14 4.35 -1.76
N GLN A 133 11.15 5.13 -2.18
CA GLN A 133 10.96 6.10 -3.25
C GLN A 133 10.66 5.40 -4.58
N SER A 134 11.30 4.25 -4.79
CA SER A 134 11.10 3.49 -6.01
C SER A 134 9.66 3.03 -6.14
N ILE A 135 9.14 2.40 -5.08
CA ILE A 135 7.77 1.91 -5.09
C ILE A 135 6.80 3.01 -5.49
N GLN A 136 7.14 4.26 -5.17
CA GLN A 136 6.30 5.39 -5.51
C GLN A 136 6.22 5.59 -7.02
N GLN A 137 7.34 5.34 -7.70
CA GLN A 137 7.39 5.49 -9.14
C GLN A 137 6.38 4.58 -9.83
N SER A 138 6.34 3.33 -9.40
CA SER A 138 5.41 2.36 -9.98
C SER A 138 3.97 2.82 -9.81
N ILE A 139 3.68 3.42 -8.66
CA ILE A 139 2.32 3.90 -8.39
C ILE A 139 1.98 5.09 -9.28
N GLU A 140 2.93 6.00 -9.46
CA GLU A 140 2.73 7.18 -10.29
C GLU A 140 2.47 6.78 -11.73
N ARG A 141 3.13 5.72 -12.19
CA ARG A 141 2.97 5.24 -13.55
C ARG A 141 1.51 4.91 -13.85
N LEU A 142 0.85 4.29 -12.87
CA LEU A 142 -0.56 3.92 -13.03
C LEU A 142 -1.47 5.08 -12.65
N LEU A 143 -1.01 5.91 -11.72
CA LEU A 143 -1.79 7.06 -11.27
C LEU A 143 -1.95 8.09 -12.39
N VAL A 144 -0.83 8.69 -12.80
CA VAL A 144 -0.85 9.69 -13.86
C VAL A 144 -1.84 10.80 -13.56
N MET A 17 -10.02 -1.43 -28.91
CA MET A 17 -9.52 -1.62 -27.55
C MET A 17 -8.49 -0.55 -27.19
N THR A 18 -8.66 0.64 -27.75
CA THR A 18 -7.74 1.74 -27.50
C THR A 18 -8.47 2.92 -26.87
N GLU A 19 -9.57 2.64 -26.19
CA GLU A 19 -10.36 3.68 -25.54
C GLU A 19 -11.19 3.10 -24.40
N ALA A 20 -10.66 2.08 -23.75
CA ALA A 20 -11.36 1.43 -22.64
C ALA A 20 -10.72 1.80 -21.31
N ASP A 21 -10.68 3.11 -21.03
CA ASP A 21 -10.10 3.60 -19.78
C ASP A 21 -11.10 3.48 -18.63
N VAL A 22 -11.40 2.24 -18.25
CA VAL A 22 -12.34 1.98 -17.16
C VAL A 22 -11.85 0.85 -16.26
N ASN A 23 -11.58 1.18 -15.00
CA ASN A 23 -11.10 0.19 -14.05
C ASN A 23 -11.78 0.37 -12.69
N PRO A 24 -11.75 -0.69 -11.86
CA PRO A 24 -12.36 -0.67 -10.53
C PRO A 24 -11.61 0.23 -9.57
N LYS A 25 -12.25 0.55 -8.44
CA LYS A 25 -11.64 1.41 -7.43
C LYS A 25 -10.38 0.76 -6.87
N ALA A 26 -10.29 -0.56 -6.98
CA ALA A 26 -9.13 -1.29 -6.48
C ALA A 26 -8.01 -1.28 -7.51
N TYR A 27 -7.60 -0.10 -7.94
CA TYR A 27 -6.54 0.05 -8.93
C TYR A 27 -5.51 1.08 -8.47
N PRO A 28 -4.30 1.00 -9.04
CA PRO A 28 -3.97 0.00 -10.06
C PRO A 28 -3.88 -1.41 -9.47
N LEU A 29 -3.69 -2.40 -10.34
CA LEU A 29 -3.58 -3.78 -9.91
C LEU A 29 -2.27 -4.40 -10.38
N ALA A 30 -1.42 -4.76 -9.42
CA ALA A 30 -0.13 -5.36 -9.74
C ALA A 30 -0.25 -6.89 -9.84
N ASP A 31 0.18 -7.43 -10.97
CA ASP A 31 0.11 -8.87 -11.18
C ASP A 31 0.83 -9.62 -10.06
N ALA A 32 0.68 -10.94 -10.06
CA ALA A 32 1.31 -11.78 -9.03
C ALA A 32 2.83 -11.66 -9.08
N HIS A 33 3.36 -11.38 -10.28
CA HIS A 33 4.80 -11.24 -10.47
C HIS A 33 5.30 -9.93 -9.88
N LEU A 34 4.47 -8.89 -9.98
CA LEU A 34 4.84 -7.57 -9.46
C LEU A 34 4.72 -7.54 -7.94
N THR A 35 3.62 -8.07 -7.42
CA THR A 35 3.39 -8.11 -5.99
C THR A 35 4.58 -8.74 -5.25
N LYS A 36 5.25 -9.66 -5.92
CA LYS A 36 6.41 -10.33 -5.33
C LYS A 36 7.46 -9.33 -4.88
N LYS A 37 7.63 -8.26 -5.66
CA LYS A 37 8.60 -7.23 -5.35
C LYS A 37 8.10 -6.35 -4.19
N LEU A 38 6.80 -6.09 -4.19
CA LEU A 38 6.20 -5.26 -3.14
C LEU A 38 6.35 -5.92 -1.78
N LEU A 39 6.13 -7.23 -1.73
CA LEU A 39 6.24 -7.98 -0.48
C LEU A 39 7.61 -7.78 0.16
N ASP A 40 8.64 -7.66 -0.69
CA ASP A 40 10.00 -7.46 -0.20
C ASP A 40 10.11 -6.16 0.57
N LEU A 41 9.46 -5.11 0.07
CA LEU A 41 9.50 -3.81 0.72
C LEU A 41 8.80 -3.86 2.08
N VAL A 42 7.54 -4.25 2.07
CA VAL A 42 6.76 -4.35 3.30
C VAL A 42 7.46 -5.23 4.33
N GLN A 43 8.05 -6.33 3.85
CA GLN A 43 8.76 -7.26 4.73
C GLN A 43 10.01 -6.62 5.29
N GLN A 44 10.79 -5.98 4.42
CA GLN A 44 12.03 -5.33 4.83
C GLN A 44 11.76 -4.26 5.88
N SER A 45 10.63 -3.57 5.74
CA SER A 45 10.25 -2.52 6.67
C SER A 45 10.31 -3.01 8.11
N CYS A 46 9.67 -4.16 8.36
CA CYS A 46 9.65 -4.75 9.69
C CYS A 46 11.07 -5.02 10.19
N ASN A 47 11.98 -5.23 9.26
CA ASN A 47 13.37 -5.51 9.61
C ASN A 47 14.03 -4.29 10.24
N TYR A 48 13.51 -3.11 9.92
CA TYR A 48 14.05 -1.87 10.45
C TYR A 48 13.25 -1.41 11.68
N LYS A 49 12.62 -2.37 12.35
CA LYS A 49 11.84 -2.08 13.54
C LYS A 49 10.72 -1.07 13.21
N GLN A 50 10.28 -1.06 11.96
CA GLN A 50 9.23 -0.15 11.54
C GLN A 50 8.19 -0.89 10.69
N LEU A 51 6.91 -0.64 10.99
CA LEU A 51 5.83 -1.28 10.27
C LEU A 51 4.49 -0.63 10.61
N ARG A 52 3.44 -1.01 9.89
CA ARG A 52 2.11 -0.47 10.12
C ARG A 52 1.04 -1.41 9.57
N LYS A 53 0.18 -1.90 10.46
CA LYS A 53 -0.88 -2.81 10.06
C LYS A 53 -2.24 -2.30 10.55
N GLY A 54 -2.82 -1.38 9.79
CA GLY A 54 -4.11 -0.82 10.16
C GLY A 54 -4.68 0.09 9.09
N ALA A 55 -5.98 -0.02 8.85
CA ALA A 55 -6.65 0.80 7.85
C ALA A 55 -6.91 2.21 8.38
N ASN A 56 -7.26 2.30 9.65
CA ASN A 56 -7.54 3.59 10.27
C ASN A 56 -6.24 4.29 10.70
N GLU A 57 -5.23 3.49 11.04
CA GLU A 57 -3.95 4.02 11.46
C GLU A 57 -3.15 4.55 10.26
N ALA A 58 -3.42 3.97 9.10
CA ALA A 58 -2.73 4.39 7.87
C ALA A 58 -2.92 5.88 7.61
N THR A 59 -4.00 6.44 8.16
CA THR A 59 -4.28 7.86 7.99
C THR A 59 -3.42 8.71 8.91
N LYS A 60 -3.09 8.17 10.07
CA LYS A 60 -2.26 8.87 11.04
C LYS A 60 -0.95 9.33 10.41
N THR A 61 -0.28 8.41 9.72
CA THR A 61 0.99 8.71 9.07
C THR A 61 0.86 9.95 8.19
N LEU A 62 -0.03 9.89 7.21
CA LEU A 62 -0.24 11.00 6.30
C LEU A 62 -0.73 12.24 7.05
N ASN A 63 -1.44 12.02 8.15
CA ASN A 63 -1.96 13.12 8.96
C ASN A 63 -0.83 14.02 9.44
N ARG A 64 0.30 13.40 9.81
CA ARG A 64 1.46 14.15 10.29
C ARG A 64 2.32 14.63 9.12
N GLY A 65 2.22 13.93 8.00
CA GLY A 65 3.00 14.29 6.82
C GLY A 65 4.25 13.46 6.68
N ILE A 66 4.13 12.15 6.88
CA ILE A 66 5.26 11.25 6.79
C ILE A 66 4.86 9.92 6.15
N SER A 67 3.71 9.92 5.47
CA SER A 67 3.21 8.72 4.82
C SER A 67 3.74 8.59 3.40
N GLU A 68 4.64 7.64 3.19
CA GLU A 68 5.23 7.43 1.88
C GLU A 68 4.26 6.68 0.96
N PHE A 69 3.63 5.64 1.48
CA PHE A 69 2.67 4.85 0.72
C PHE A 69 1.99 3.80 1.60
N ILE A 70 0.86 3.29 1.15
CA ILE A 70 0.12 2.29 1.89
C ILE A 70 -0.45 1.22 0.96
N VAL A 71 -0.18 -0.04 1.27
CA VAL A 71 -0.66 -1.16 0.47
C VAL A 71 -1.92 -1.76 1.07
N MET A 72 -2.93 -1.97 0.23
CA MET A 72 -4.19 -2.54 0.68
C MET A 72 -4.54 -3.79 -0.12
N ALA A 73 -5.44 -4.61 0.42
CA ALA A 73 -5.85 -5.84 -0.24
C ALA A 73 -7.10 -5.61 -1.10
N ALA A 74 -6.94 -5.76 -2.41
CA ALA A 74 -8.05 -5.58 -3.33
C ALA A 74 -9.16 -6.59 -3.08
N ASP A 75 -8.78 -7.74 -2.52
CA ASP A 75 -9.75 -8.80 -2.23
C ASP A 75 -10.20 -8.72 -0.77
N ALA A 76 -10.20 -7.52 -0.22
CA ALA A 76 -10.62 -7.31 1.16
C ALA A 76 -11.88 -6.45 1.24
N GLU A 77 -12.66 -6.65 2.30
CA GLU A 77 -13.89 -5.89 2.48
C GLU A 77 -14.12 -5.60 3.96
N PRO A 78 -14.98 -4.61 4.23
CA PRO A 78 -15.66 -3.83 3.19
C PRO A 78 -14.69 -2.93 2.43
N LEU A 79 -15.20 -2.26 1.40
CA LEU A 79 -14.39 -1.37 0.59
C LEU A 79 -14.34 0.03 1.20
N GLU A 80 -15.30 0.32 2.07
CA GLU A 80 -15.35 1.62 2.74
C GLU A 80 -14.02 1.96 3.39
N ILE A 81 -13.43 0.97 4.06
CA ILE A 81 -12.15 1.16 4.73
C ILE A 81 -11.05 1.46 3.73
N ILE A 82 -11.21 0.96 2.51
CA ILE A 82 -10.22 1.18 1.45
C ILE A 82 -10.41 2.54 0.80
N LEU A 83 -11.66 2.88 0.51
CA LEU A 83 -11.98 4.16 -0.12
C LEU A 83 -11.93 5.29 0.90
N HIS A 84 -11.83 4.94 2.17
CA HIS A 84 -11.77 5.93 3.24
C HIS A 84 -10.38 6.55 3.32
N LEU A 85 -9.39 5.83 2.82
CA LEU A 85 -8.01 6.31 2.84
C LEU A 85 -7.92 7.72 2.27
N PRO A 86 -8.33 7.88 1.00
CA PRO A 86 -8.31 9.17 0.31
C PRO A 86 -9.35 10.14 0.87
N LEU A 87 -9.50 11.29 0.20
CA LEU A 87 -10.45 12.30 0.63
C LEU A 87 -11.84 12.00 0.08
N LEU A 88 -11.95 11.90 -1.23
CA LEU A 88 -13.23 11.62 -1.89
C LEU A 88 -13.21 10.24 -2.54
N CYS A 89 -12.51 10.13 -3.66
CA CYS A 89 -12.41 8.86 -4.37
C CYS A 89 -11.40 8.95 -5.51
N GLU A 90 -11.34 7.90 -6.33
CA GLU A 90 -10.41 7.87 -7.45
C GLU A 90 -10.56 9.11 -8.32
N ASP A 91 -11.74 9.72 -8.27
CA ASP A 91 -12.01 10.93 -9.05
C ASP A 91 -10.99 12.03 -8.73
N LYS A 92 -10.62 12.12 -7.46
CA LYS A 92 -9.66 13.13 -7.02
C LYS A 92 -8.23 12.59 -7.09
N ASN A 93 -8.07 11.48 -7.79
CA ASN A 93 -6.76 10.86 -7.95
C ASN A 93 -6.27 10.31 -6.60
N VAL A 94 -6.50 9.02 -6.38
CA VAL A 94 -6.07 8.37 -5.14
C VAL A 94 -4.88 7.44 -5.39
N PRO A 95 -3.66 8.00 -5.26
CA PRO A 95 -2.42 7.24 -5.45
C PRO A 95 -2.19 6.22 -4.35
N TYR A 96 -2.37 4.95 -4.68
CA TYR A 96 -2.18 3.87 -3.71
C TYR A 96 -2.02 2.53 -4.42
N VAL A 97 -1.17 1.68 -3.87
CA VAL A 97 -0.93 0.36 -4.45
C VAL A 97 -1.87 -0.69 -3.85
N PHE A 98 -2.35 -1.60 -4.69
CA PHE A 98 -3.26 -2.64 -4.23
C PHE A 98 -2.65 -4.03 -4.47
N VAL A 99 -3.22 -5.03 -3.83
CA VAL A 99 -2.74 -6.40 -3.97
C VAL A 99 -3.88 -7.40 -3.77
N ARG A 100 -3.92 -8.42 -4.64
CA ARG A 100 -4.96 -9.44 -4.57
C ARG A 100 -4.46 -10.65 -3.79
N SER A 101 -3.74 -10.40 -2.70
CA SER A 101 -3.21 -11.47 -1.87
C SER A 101 -3.12 -11.03 -0.41
N LYS A 102 -4.04 -11.55 0.40
CA LYS A 102 -4.07 -11.22 1.82
C LYS A 102 -3.15 -12.14 2.62
N GLN A 103 -2.97 -13.36 2.12
CA GLN A 103 -2.12 -14.33 2.79
C GLN A 103 -0.66 -13.96 2.66
N ALA A 104 -0.23 -13.68 1.43
CA ALA A 104 1.15 -13.30 1.17
C ALA A 104 1.55 -12.07 1.97
N LEU A 105 0.58 -11.17 2.18
CA LEU A 105 0.82 -9.95 2.93
C LEU A 105 1.06 -10.24 4.41
N GLY A 106 0.40 -11.30 4.91
CA GLY A 106 0.54 -11.67 6.30
C GLY A 106 1.93 -12.21 6.61
N ARG A 107 2.49 -12.98 5.69
CA ARG A 107 3.81 -13.57 5.87
C ARG A 107 4.90 -12.51 5.68
N ALA A 108 4.58 -11.48 4.90
CA ALA A 108 5.53 -10.41 4.64
C ALA A 108 5.75 -9.55 5.89
N CYS A 109 4.65 -9.09 6.47
CA CYS A 109 4.71 -8.26 7.67
C CYS A 109 5.21 -9.06 8.87
N GLY A 110 5.00 -10.36 8.82
CA GLY A 110 5.43 -11.23 9.91
C GLY A 110 4.36 -11.40 10.98
N VAL A 111 3.16 -11.77 10.56
CA VAL A 111 2.05 -11.97 11.49
C VAL A 111 1.33 -13.28 11.21
N SER A 112 0.86 -13.92 12.27
CA SER A 112 0.15 -15.19 12.15
C SER A 112 -1.04 -15.06 11.20
N ARG A 113 -1.74 -13.93 11.28
CA ARG A 113 -2.90 -13.69 10.43
C ARG A 113 -2.57 -12.65 9.36
N PRO A 114 -3.38 -12.63 8.29
CA PRO A 114 -3.19 -11.68 7.18
C PRO A 114 -3.51 -10.25 7.57
N VAL A 115 -3.35 -9.33 6.63
CA VAL A 115 -3.62 -7.92 6.88
C VAL A 115 -4.43 -7.30 5.74
N ILE A 116 -5.48 -6.57 6.09
CA ILE A 116 -6.33 -5.93 5.11
C ILE A 116 -5.59 -4.81 4.38
N ALA A 117 -4.88 -3.99 5.15
CA ALA A 117 -4.12 -2.89 4.58
C ALA A 117 -3.02 -2.43 5.53
N CYS A 118 -1.78 -2.45 5.04
CA CYS A 118 -0.63 -2.05 5.85
C CYS A 118 -0.04 -0.74 5.35
N SER A 119 0.48 0.06 6.25
CA SER A 119 1.08 1.35 5.90
C SER A 119 2.60 1.30 6.03
N VAL A 120 3.28 2.23 5.35
CA VAL A 120 4.73 2.28 5.39
C VAL A 120 5.21 3.70 5.69
N THR A 121 6.09 3.83 6.67
CA THR A 121 6.62 5.13 7.07
C THR A 121 8.08 5.26 6.66
N ILE A 122 8.60 6.49 6.69
CA ILE A 122 9.98 6.75 6.33
C ILE A 122 10.91 6.56 7.51
N LYS A 123 12.12 6.08 7.24
CA LYS A 123 13.11 5.85 8.28
C LYS A 123 14.13 6.97 8.33
N GLU A 124 14.55 7.34 9.53
CA GLU A 124 15.53 8.41 9.71
C GLU A 124 16.77 8.15 8.86
N GLY A 125 17.48 9.23 8.53
CA GLY A 125 18.68 9.11 7.73
C GLY A 125 18.38 8.88 6.27
N SER A 126 17.09 8.89 5.92
CA SER A 126 16.66 8.69 4.54
C SER A 126 17.09 7.31 4.04
N GLN A 127 17.39 6.41 4.98
CA GLN A 127 17.81 5.06 4.65
C GLN A 127 16.72 4.33 3.86
N LEU A 128 15.46 4.62 4.19
CA LEU A 128 14.33 3.99 3.52
C LEU A 128 13.84 4.86 2.37
N LYS A 129 14.14 6.15 2.43
CA LYS A 129 13.73 7.08 1.38
C LYS A 129 14.14 6.58 0.01
N GLN A 130 15.25 5.83 -0.04
CA GLN A 130 15.75 5.29 -1.30
C GLN A 130 14.99 4.02 -1.68
N GLN A 131 14.94 3.07 -0.76
CA GLN A 131 14.24 1.81 -1.00
C GLN A 131 12.78 2.05 -1.34
N ILE A 132 12.07 2.72 -0.45
CA ILE A 132 10.65 3.01 -0.67
C ILE A 132 10.44 3.75 -1.99
N GLN A 133 11.41 4.56 -2.37
CA GLN A 133 11.34 5.32 -3.61
C GLN A 133 11.23 4.39 -4.81
N SER A 134 11.79 3.19 -4.69
CA SER A 134 11.75 2.21 -5.77
C SER A 134 10.32 1.80 -6.07
N ILE A 135 9.58 1.43 -5.04
CA ILE A 135 8.19 1.01 -5.20
C ILE A 135 7.28 2.22 -5.37
N GLN A 136 7.66 3.34 -4.77
CA GLN A 136 6.87 4.57 -4.86
C GLN A 136 6.68 4.99 -6.32
N GLN A 137 7.76 4.95 -7.09
CA GLN A 137 7.72 5.32 -8.49
C GLN A 137 6.79 4.39 -9.28
N SER A 138 6.68 3.15 -8.81
CA SER A 138 5.83 2.16 -9.46
C SER A 138 4.38 2.63 -9.51
N ILE A 139 4.00 3.42 -8.52
CA ILE A 139 2.63 3.95 -8.44
C ILE A 139 2.38 4.99 -9.52
N GLU A 140 3.33 5.89 -9.70
CA GLU A 140 3.22 6.95 -10.70
C GLU A 140 3.13 6.35 -12.10
N ARG A 141 3.96 5.35 -12.37
CA ARG A 141 3.97 4.70 -13.67
C ARG A 141 2.58 4.18 -14.04
N LEU A 142 1.82 3.81 -13.02
CA LEU A 142 0.47 3.29 -13.23
C LEU A 142 -0.55 4.42 -13.26
N LEU A 143 -0.60 5.19 -12.18
CA LEU A 143 -1.53 6.31 -12.08
C LEU A 143 -1.37 7.26 -13.26
N VAL A 144 -0.21 7.88 -13.37
CA VAL A 144 0.08 8.81 -14.46
C VAL A 144 -0.92 9.96 -14.48
N MET A 17 -17.93 -23.69 -16.78
CA MET A 17 -17.73 -22.26 -16.52
C MET A 17 -17.55 -22.00 -15.03
N THR A 18 -17.34 -20.74 -14.68
CA THR A 18 -17.15 -20.36 -13.29
C THR A 18 -17.78 -19.00 -13.00
N GLU A 19 -17.44 -18.43 -11.84
CA GLU A 19 -17.98 -17.13 -11.45
C GLU A 19 -16.92 -16.33 -10.69
N ALA A 20 -16.04 -15.65 -11.42
CA ALA A 20 -15.00 -14.85 -10.81
C ALA A 20 -15.50 -13.44 -10.48
N ASP A 21 -14.89 -12.81 -9.49
CA ASP A 21 -15.26 -11.47 -9.08
C ASP A 21 -14.24 -10.44 -9.55
N VAL A 22 -14.02 -10.39 -10.86
CA VAL A 22 -13.05 -9.45 -11.43
C VAL A 22 -13.75 -8.20 -11.93
N ASN A 23 -13.14 -7.04 -11.67
CA ASN A 23 -13.70 -5.77 -12.10
C ASN A 23 -12.62 -4.70 -12.19
N PRO A 24 -12.91 -3.62 -12.93
CA PRO A 24 -11.98 -2.52 -13.12
C PRO A 24 -11.78 -1.70 -11.84
N LYS A 25 -12.71 -1.85 -10.90
CA LYS A 25 -12.65 -1.14 -9.63
C LYS A 25 -11.42 -1.55 -8.83
N ALA A 26 -10.95 -2.78 -9.07
CA ALA A 26 -9.78 -3.30 -8.37
C ALA A 26 -8.51 -3.10 -9.20
N TYR A 27 -8.42 -1.96 -9.87
CA TYR A 27 -7.27 -1.64 -10.70
C TYR A 27 -6.70 -0.27 -10.37
N PRO A 28 -5.43 -0.04 -10.75
CA PRO A 28 -4.62 -1.04 -11.44
C PRO A 28 -4.25 -2.21 -10.54
N LEU A 29 -4.16 -3.40 -11.11
CA LEU A 29 -3.81 -4.60 -10.36
C LEU A 29 -2.42 -5.10 -10.73
N ALA A 30 -1.68 -5.58 -9.74
CA ALA A 30 -0.33 -6.08 -9.97
C ALA A 30 -0.25 -7.58 -9.67
N ASP A 31 0.10 -8.37 -10.68
CA ASP A 31 0.22 -9.81 -10.52
C ASP A 31 1.16 -10.15 -9.36
N ALA A 32 1.21 -11.43 -9.02
CA ALA A 32 2.08 -11.90 -7.94
C ALA A 32 3.52 -11.48 -8.17
N HIS A 33 3.89 -11.35 -9.45
CA HIS A 33 5.25 -10.95 -9.81
C HIS A 33 5.61 -9.61 -9.19
N LEU A 34 4.76 -8.62 -9.43
CA LEU A 34 4.99 -7.27 -8.90
C LEU A 34 4.89 -7.27 -7.38
N THR A 35 4.12 -8.20 -6.83
CA THR A 35 3.95 -8.31 -5.38
C THR A 35 5.20 -8.89 -4.73
N LYS A 36 5.95 -9.67 -5.49
CA LYS A 36 7.17 -10.30 -4.98
C LYS A 36 8.11 -9.25 -4.37
N LYS A 37 8.42 -8.22 -5.15
CA LYS A 37 9.30 -7.15 -4.68
C LYS A 37 8.69 -6.43 -3.49
N LEU A 38 7.37 -6.25 -3.51
CA LEU A 38 6.67 -5.58 -2.43
C LEU A 38 6.79 -6.37 -1.12
N LEU A 39 6.70 -7.69 -1.24
CA LEU A 39 6.79 -8.56 -0.08
C LEU A 39 8.07 -8.29 0.70
N ASP A 40 9.19 -8.22 -0.01
CA ASP A 40 10.49 -7.97 0.62
C ASP A 40 10.62 -6.51 1.02
N LEU A 41 9.91 -5.64 0.30
CA LEU A 41 9.95 -4.20 0.57
C LEU A 41 9.27 -3.89 1.90
N VAL A 42 8.33 -4.75 2.30
CA VAL A 42 7.62 -4.56 3.55
C VAL A 42 8.36 -5.20 4.72
N GLN A 43 8.98 -6.35 4.46
CA GLN A 43 9.74 -7.06 5.49
C GLN A 43 10.79 -6.16 6.12
N GLN A 44 11.31 -5.22 5.33
CA GLN A 44 12.32 -4.29 5.80
C GLN A 44 11.72 -3.22 6.69
N SER A 45 10.46 -2.87 6.41
CA SER A 45 9.75 -1.85 7.19
C SER A 45 9.84 -2.15 8.68
N CYS A 46 9.44 -3.37 9.05
CA CYS A 46 9.46 -3.79 10.45
C CYS A 46 10.89 -3.81 10.99
N ASN A 47 11.85 -4.01 10.08
CA ASN A 47 13.25 -4.06 10.47
C ASN A 47 13.74 -2.69 10.95
N TYR A 48 13.07 -1.64 10.49
CA TYR A 48 13.44 -0.28 10.87
C TYR A 48 12.61 0.18 12.07
N LYS A 49 11.99 -0.77 12.74
CA LYS A 49 11.17 -0.46 13.92
C LYS A 49 9.97 0.41 13.53
N GLN A 50 9.46 0.20 12.33
CA GLN A 50 8.31 0.96 11.84
C GLN A 50 7.39 0.09 11.00
N LEU A 51 6.09 0.19 11.26
CA LEU A 51 5.10 -0.58 10.52
C LEU A 51 3.69 -0.09 10.81
N ARG A 52 2.72 -0.62 10.08
CA ARG A 52 1.32 -0.23 10.26
C ARG A 52 0.40 -1.15 9.47
N LYS A 53 -0.47 -1.86 10.19
CA LYS A 53 -1.41 -2.77 9.56
C LYS A 53 -2.84 -2.46 9.98
N GLY A 54 -3.45 -1.48 9.32
CA GLY A 54 -4.81 -1.11 9.64
C GLY A 54 -5.38 -0.10 8.65
N ALA A 55 -6.67 -0.22 8.36
CA ALA A 55 -7.34 0.68 7.43
C ALA A 55 -7.64 2.02 8.09
N ASN A 56 -7.97 1.98 9.38
CA ASN A 56 -8.28 3.19 10.13
C ASN A 56 -7.00 3.88 10.63
N GLU A 57 -5.98 3.07 10.89
CA GLU A 57 -4.70 3.59 11.37
C GLU A 57 -3.93 4.27 10.24
N ALA A 58 -4.16 3.80 9.02
CA ALA A 58 -3.48 4.36 7.85
C ALA A 58 -3.71 5.85 7.74
N THR A 59 -4.81 6.33 8.33
CA THR A 59 -5.15 7.74 8.29
C THR A 59 -4.23 8.55 9.21
N LYS A 60 -3.68 7.88 10.23
CA LYS A 60 -2.78 8.53 11.17
C LYS A 60 -1.48 8.94 10.49
N THR A 61 -0.91 8.03 9.70
CA THR A 61 0.34 8.30 9.00
C THR A 61 0.22 9.58 8.17
N LEU A 62 -0.72 9.59 7.24
CA LEU A 62 -0.93 10.75 6.38
C LEU A 62 -1.12 12.01 7.20
N ASN A 63 -1.67 11.86 8.39
CA ASN A 63 -1.91 12.99 9.28
C ASN A 63 -0.60 13.50 9.86
N ARG A 64 0.35 12.59 10.08
CA ARG A 64 1.65 12.95 10.64
C ARG A 64 2.57 13.48 9.55
N GLY A 65 2.32 13.09 8.32
CA GLY A 65 3.13 13.55 7.21
C GLY A 65 4.36 12.68 6.99
N ILE A 66 4.15 11.36 7.04
CA ILE A 66 5.25 10.42 6.86
C ILE A 66 4.79 9.18 6.10
N SER A 67 3.60 9.27 5.50
CA SER A 67 3.04 8.16 4.75
C SER A 67 3.55 8.17 3.31
N GLU A 68 4.28 7.12 2.94
CA GLU A 68 4.84 7.00 1.61
C GLU A 68 3.81 6.43 0.63
N PHE A 69 3.14 5.36 1.05
CA PHE A 69 2.13 4.72 0.22
C PHE A 69 1.36 3.67 1.01
N ILE A 70 0.12 3.43 0.61
CA ILE A 70 -0.72 2.45 1.29
C ILE A 70 -1.02 1.26 0.37
N VAL A 71 -0.91 0.05 0.91
CA VAL A 71 -1.17 -1.16 0.15
C VAL A 71 -2.41 -1.88 0.67
N MET A 72 -3.33 -2.21 -0.24
CA MET A 72 -4.55 -2.90 0.12
C MET A 72 -4.85 -4.03 -0.86
N ALA A 73 -5.21 -5.19 -0.32
CA ALA A 73 -5.52 -6.35 -1.14
C ALA A 73 -6.75 -6.09 -2.01
N ALA A 74 -6.77 -6.67 -3.21
CA ALA A 74 -7.89 -6.51 -4.12
C ALA A 74 -9.13 -7.21 -3.60
N ASP A 75 -8.93 -8.23 -2.77
CA ASP A 75 -10.05 -8.99 -2.20
C ASP A 75 -10.00 -8.94 -0.67
N ALA A 76 -9.57 -7.81 -0.13
CA ALA A 76 -9.48 -7.63 1.31
C ALA A 76 -10.67 -6.84 1.85
N GLU A 77 -11.26 -7.34 2.93
CA GLU A 77 -12.42 -6.67 3.53
C GLU A 77 -12.23 -6.51 5.04
N PRO A 78 -12.97 -5.56 5.63
CA PRO A 78 -13.93 -4.73 4.90
C PRO A 78 -13.24 -3.74 3.97
N LEU A 79 -13.81 -3.54 2.78
CA LEU A 79 -13.25 -2.61 1.82
C LEU A 79 -13.82 -1.21 2.01
N GLU A 80 -15.02 -1.13 2.57
CA GLU A 80 -15.67 0.15 2.82
C GLU A 80 -14.77 1.07 3.64
N ILE A 81 -14.19 0.52 4.70
CA ILE A 81 -13.31 1.28 5.58
C ILE A 81 -12.16 1.90 4.79
N ILE A 82 -11.65 1.16 3.81
CA ILE A 82 -10.55 1.63 2.99
C ILE A 82 -10.92 2.93 2.27
N LEU A 83 -12.21 3.15 2.08
CA LEU A 83 -12.69 4.36 1.42
C LEU A 83 -12.59 5.57 2.35
N HIS A 84 -12.34 5.30 3.63
CA HIS A 84 -12.22 6.36 4.62
C HIS A 84 -10.98 7.21 4.37
N LEU A 85 -9.87 6.54 4.09
CA LEU A 85 -8.61 7.23 3.82
C LEU A 85 -8.78 8.30 2.75
N PRO A 86 -9.22 7.88 1.56
CA PRO A 86 -9.44 8.80 0.43
C PRO A 86 -10.64 9.71 0.65
N LEU A 87 -10.37 10.98 0.95
CA LEU A 87 -11.43 11.95 1.19
C LEU A 87 -11.92 12.55 -0.13
N LEU A 88 -10.99 13.13 -0.88
CA LEU A 88 -11.33 13.74 -2.16
C LEU A 88 -10.73 12.95 -3.32
N CYS A 89 -9.43 13.05 -3.50
CA CYS A 89 -8.73 12.34 -4.57
C CYS A 89 -7.22 12.46 -4.41
N GLU A 90 -6.49 12.05 -5.44
CA GLU A 90 -5.04 12.11 -5.42
C GLU A 90 -4.55 13.51 -5.04
N ASP A 91 -5.33 14.51 -5.40
CA ASP A 91 -4.99 15.89 -5.10
C ASP A 91 -4.81 16.10 -3.60
N LYS A 92 -5.56 15.33 -2.81
CA LYS A 92 -5.50 15.42 -1.36
C LYS A 92 -4.46 14.45 -0.81
N ASN A 93 -3.63 13.90 -1.69
CA ASN A 93 -2.59 12.96 -1.28
C ASN A 93 -3.22 11.68 -0.73
N VAL A 94 -3.52 10.75 -1.62
CA VAL A 94 -4.12 9.48 -1.23
C VAL A 94 -3.64 8.34 -2.14
N PRO A 95 -2.53 7.70 -1.74
CA PRO A 95 -1.95 6.59 -2.50
C PRO A 95 -2.81 5.34 -2.44
N TYR A 96 -2.48 4.36 -3.28
CA TYR A 96 -3.23 3.11 -3.33
C TYR A 96 -2.59 2.13 -4.30
N VAL A 97 -2.78 0.84 -4.04
CA VAL A 97 -2.22 -0.21 -4.89
C VAL A 97 -2.82 -1.56 -4.57
N PHE A 98 -3.19 -2.30 -5.61
CA PHE A 98 -3.78 -3.62 -5.45
C PHE A 98 -2.77 -4.73 -5.76
N VAL A 99 -2.60 -5.65 -4.82
CA VAL A 99 -1.66 -6.75 -4.99
C VAL A 99 -2.39 -8.08 -5.08
N ARG A 100 -1.87 -8.98 -5.92
CA ARG A 100 -2.48 -10.29 -6.10
C ARG A 100 -1.94 -11.29 -5.08
N SER A 101 -1.99 -10.91 -3.81
CA SER A 101 -1.50 -11.76 -2.74
C SER A 101 -1.76 -11.13 -1.37
N LYS A 102 -2.88 -11.49 -0.77
CA LYS A 102 -3.26 -10.95 0.55
C LYS A 102 -2.59 -11.75 1.67
N GLN A 103 -2.41 -13.05 1.43
CA GLN A 103 -1.78 -13.92 2.42
C GLN A 103 -0.29 -13.63 2.55
N ALA A 104 0.37 -13.46 1.41
CA ALA A 104 1.79 -13.18 1.39
C ALA A 104 2.10 -11.86 2.09
N LEU A 105 1.18 -10.91 1.98
CA LEU A 105 1.35 -9.60 2.60
C LEU A 105 1.39 -9.72 4.12
N GLY A 106 0.45 -10.48 4.67
CA GLY A 106 0.38 -10.67 6.11
C GLY A 106 1.70 -11.16 6.68
N ARG A 107 2.39 -12.00 5.93
CA ARG A 107 3.68 -12.54 6.37
C ARG A 107 4.76 -11.47 6.33
N ALA A 108 4.63 -10.52 5.39
CA ALA A 108 5.60 -9.45 5.25
C ALA A 108 5.57 -8.52 6.45
N CYS A 109 4.37 -8.33 7.02
CA CYS A 109 4.20 -7.46 8.18
C CYS A 109 4.44 -8.22 9.47
N GLY A 110 4.17 -9.52 9.44
CA GLY A 110 4.36 -10.35 10.61
C GLY A 110 3.10 -10.44 11.46
N VAL A 111 2.01 -10.87 10.86
CA VAL A 111 0.73 -10.99 11.56
C VAL A 111 0.09 -12.36 11.30
N SER A 112 -0.57 -12.89 12.32
CA SER A 112 -1.22 -14.19 12.21
C SER A 112 -2.40 -14.12 11.24
N ARG A 113 -3.00 -12.94 11.12
CA ARG A 113 -4.14 -12.74 10.24
C ARG A 113 -3.77 -11.83 9.08
N PRO A 114 -4.57 -11.88 8.00
CA PRO A 114 -4.35 -11.06 6.80
C PRO A 114 -4.62 -9.59 7.06
N VAL A 115 -4.10 -8.72 6.18
CA VAL A 115 -4.29 -7.29 6.31
C VAL A 115 -5.09 -6.73 5.13
N ILE A 116 -5.85 -5.67 5.38
CA ILE A 116 -6.64 -5.05 4.33
C ILE A 116 -5.99 -3.76 3.84
N ALA A 117 -5.31 -3.07 4.74
CA ALA A 117 -4.63 -1.81 4.40
C ALA A 117 -3.50 -1.52 5.38
N CYS A 118 -2.28 -1.48 4.86
CA CYS A 118 -1.11 -1.20 5.69
C CYS A 118 -0.40 0.07 5.23
N SER A 119 0.21 0.76 6.17
CA SER A 119 0.93 2.00 5.86
C SER A 119 2.42 1.75 5.71
N VAL A 120 3.08 2.55 4.88
CA VAL A 120 4.51 2.43 4.65
C VAL A 120 5.23 3.74 4.90
N THR A 121 6.00 3.78 5.98
CA THR A 121 6.75 4.99 6.34
C THR A 121 8.18 4.91 5.83
N ILE A 122 8.60 5.93 5.10
CA ILE A 122 9.95 5.98 4.56
C ILE A 122 10.97 6.33 5.64
N LYS A 123 12.08 5.60 5.67
CA LYS A 123 13.12 5.82 6.65
C LYS A 123 14.27 6.63 6.05
N GLU A 124 14.43 7.86 6.52
CA GLU A 124 15.49 8.74 6.02
C GLU A 124 16.78 8.53 6.82
N GLY A 125 17.86 8.23 6.10
CA GLY A 125 19.13 8.00 6.76
C GLY A 125 19.79 6.71 6.33
N SER A 126 18.99 5.80 5.79
CA SER A 126 19.50 4.50 5.35
C SER A 126 19.29 4.33 3.85
N GLN A 127 19.92 3.30 3.28
CA GLN A 127 19.80 3.01 1.86
C GLN A 127 18.38 2.55 1.52
N LEU A 128 17.70 1.99 2.51
CA LEU A 128 16.33 1.51 2.31
C LEU A 128 15.45 2.57 1.68
N LYS A 129 15.77 3.83 1.97
CA LYS A 129 15.01 4.96 1.43
C LYS A 129 14.93 4.88 -0.09
N GLN A 130 15.94 4.24 -0.69
CA GLN A 130 15.99 4.11 -2.15
C GLN A 130 14.97 3.07 -2.63
N GLN A 131 14.89 1.96 -1.91
CA GLN A 131 13.96 0.89 -2.27
C GLN A 131 12.55 1.43 -2.43
N ILE A 132 12.03 2.07 -1.38
CA ILE A 132 10.69 2.64 -1.42
C ILE A 132 10.53 3.61 -2.59
N GLN A 133 11.62 4.29 -2.92
CA GLN A 133 11.60 5.25 -4.01
C GLN A 133 11.35 4.56 -5.35
N SER A 134 11.69 3.28 -5.42
CA SER A 134 11.51 2.51 -6.64
C SER A 134 10.04 2.16 -6.84
N ILE A 135 9.43 1.59 -5.81
CA ILE A 135 8.02 1.21 -5.87
C ILE A 135 7.12 2.44 -5.99
N GLN A 136 7.59 3.56 -5.47
CA GLN A 136 6.83 4.81 -5.52
C GLN A 136 6.62 5.25 -6.97
N GLN A 137 7.63 5.03 -7.80
CA GLN A 137 7.56 5.41 -9.20
C GLN A 137 6.53 4.57 -9.95
N SER A 138 6.49 3.28 -9.62
CA SER A 138 5.54 2.36 -10.26
C SER A 138 4.11 2.80 -10.03
N ILE A 139 3.78 3.12 -8.79
CA ILE A 139 2.44 3.57 -8.44
C ILE A 139 2.19 4.99 -8.90
N GLU A 140 3.19 5.85 -8.74
CA GLU A 140 3.09 7.24 -9.14
C GLU A 140 2.83 7.35 -10.64
N ARG A 141 3.61 6.61 -11.43
CA ARG A 141 3.46 6.62 -12.88
C ARG A 141 2.03 6.29 -13.29
N LEU A 142 1.45 5.28 -12.65
CA LEU A 142 0.09 4.87 -12.94
C LEU A 142 -0.92 5.85 -12.35
N LEU A 143 -0.52 6.53 -11.29
CA LEU A 143 -1.38 7.51 -10.62
C LEU A 143 -1.44 8.81 -11.41
N VAL A 144 -0.39 9.09 -12.17
CA VAL A 144 -0.32 10.31 -12.97
C VAL A 144 -0.58 11.54 -12.13
N MET A 17 -6.12 6.38 -25.95
CA MET A 17 -5.70 5.78 -24.69
C MET A 17 -5.68 6.81 -23.57
N THR A 18 -6.54 7.82 -23.68
CA THR A 18 -6.62 8.87 -22.68
C THR A 18 -8.02 8.97 -22.09
N GLU A 19 -8.69 7.83 -21.96
CA GLU A 19 -10.04 7.78 -21.42
C GLU A 19 -10.31 6.44 -20.74
N ALA A 20 -9.38 6.02 -19.89
CA ALA A 20 -9.52 4.75 -19.18
C ALA A 20 -9.66 3.59 -20.16
N ASP A 21 -9.75 2.37 -19.61
CA ASP A 21 -9.89 1.18 -20.44
C ASP A 21 -10.84 0.17 -19.77
N VAL A 22 -12.00 0.66 -19.35
CA VAL A 22 -12.99 -0.19 -18.70
C VAL A 22 -12.32 -1.26 -17.85
N ASN A 23 -11.78 -0.85 -16.71
CA ASN A 23 -11.11 -1.77 -15.80
C ASN A 23 -11.90 -1.94 -14.50
N PRO A 24 -11.64 -3.04 -13.78
CA PRO A 24 -12.32 -3.34 -12.53
C PRO A 24 -11.91 -2.39 -11.40
N LYS A 25 -12.37 -2.68 -10.19
CA LYS A 25 -12.06 -1.84 -9.04
C LYS A 25 -10.87 -2.42 -8.27
N ALA A 26 -10.02 -3.16 -8.97
CA ALA A 26 -8.84 -3.75 -8.35
C ALA A 26 -7.57 -3.34 -9.09
N TYR A 27 -7.63 -2.20 -9.78
CA TYR A 27 -6.49 -1.69 -10.53
C TYR A 27 -5.95 -0.41 -9.89
N PRO A 28 -4.69 -0.08 -10.21
CA PRO A 28 -3.86 -0.89 -11.11
C PRO A 28 -3.46 -2.22 -10.49
N LEU A 29 -3.38 -3.25 -11.32
CA LEU A 29 -2.99 -4.58 -10.85
C LEU A 29 -1.59 -4.95 -11.31
N ALA A 30 -0.86 -5.66 -10.46
CA ALA A 30 0.50 -6.07 -10.78
C ALA A 30 0.61 -7.59 -10.84
N ASP A 31 1.30 -8.09 -11.86
CA ASP A 31 1.48 -9.53 -12.03
C ASP A 31 2.13 -10.14 -10.80
N ALA A 32 2.02 -11.46 -10.68
CA ALA A 32 2.59 -12.17 -9.54
C ALA A 32 4.08 -11.87 -9.39
N HIS A 33 4.74 -11.61 -10.52
CA HIS A 33 6.16 -11.29 -10.52
C HIS A 33 6.42 -9.91 -9.93
N LEU A 34 5.81 -8.89 -10.54
CA LEU A 34 5.97 -7.53 -10.08
C LEU A 34 5.61 -7.40 -8.61
N THR A 35 4.47 -7.96 -8.22
CA THR A 35 4.01 -7.92 -6.85
C THR A 35 5.04 -8.51 -5.90
N LYS A 36 5.79 -9.49 -6.39
CA LYS A 36 6.82 -10.14 -5.59
C LYS A 36 7.79 -9.11 -5.01
N LYS A 37 8.34 -8.27 -5.88
CA LYS A 37 9.28 -7.24 -5.46
C LYS A 37 8.61 -6.23 -4.54
N LEU A 38 7.37 -5.89 -4.85
CA LEU A 38 6.62 -4.93 -4.06
C LEU A 38 6.44 -5.44 -2.63
N LEU A 39 6.01 -6.69 -2.49
CA LEU A 39 5.81 -7.29 -1.18
C LEU A 39 7.13 -7.40 -0.42
N ASP A 40 8.14 -7.95 -1.08
CA ASP A 40 9.46 -8.11 -0.47
C ASP A 40 9.97 -6.78 0.06
N LEU A 41 9.64 -5.70 -0.64
CA LEU A 41 10.07 -4.37 -0.24
C LEU A 41 9.34 -3.90 1.02
N VAL A 42 8.14 -4.44 1.22
CA VAL A 42 7.34 -4.08 2.38
C VAL A 42 7.88 -4.73 3.65
N GLN A 43 8.21 -6.02 3.55
CA GLN A 43 8.75 -6.76 4.69
C GLN A 43 9.95 -6.04 5.29
N GLN A 44 10.71 -5.36 4.44
CA GLN A 44 11.89 -4.63 4.89
C GLN A 44 11.51 -3.56 5.92
N SER A 45 10.31 -3.02 5.78
CA SER A 45 9.82 -1.98 6.69
C SER A 45 9.96 -2.43 8.14
N CYS A 46 9.45 -3.63 8.44
CA CYS A 46 9.51 -4.16 9.79
C CYS A 46 10.95 -4.31 10.25
N ASN A 47 11.86 -4.49 9.29
CA ASN A 47 13.28 -4.64 9.60
C ASN A 47 13.85 -3.35 10.19
N TYR A 48 13.23 -2.23 9.86
CA TYR A 48 13.67 -0.93 10.34
C TYR A 48 12.87 -0.51 11.58
N LYS A 49 12.35 -1.50 12.30
CA LYS A 49 11.57 -1.25 13.50
C LYS A 49 10.36 -0.37 13.19
N GLN A 50 9.90 -0.43 11.95
CA GLN A 50 8.75 0.35 11.51
C GLN A 50 7.74 -0.52 10.79
N LEU A 51 6.46 -0.37 11.13
CA LEU A 51 5.41 -1.14 10.49
C LEU A 51 4.03 -0.59 10.87
N ARG A 52 3.00 -1.00 10.13
CA ARG A 52 1.64 -0.56 10.39
C ARG A 52 0.63 -1.59 9.90
N LYS A 53 -0.45 -1.75 10.67
CA LYS A 53 -1.49 -2.71 10.31
C LYS A 53 -2.82 -2.30 10.93
N GLY A 54 -3.52 -1.37 10.27
CA GLY A 54 -4.80 -0.91 10.78
C GLY A 54 -5.51 0.01 9.80
N ALA A 55 -6.75 -0.34 9.46
CA ALA A 55 -7.53 0.46 8.52
C ALA A 55 -7.68 1.89 9.03
N ASN A 56 -8.18 2.04 10.25
CA ASN A 56 -8.37 3.36 10.85
C ASN A 56 -7.03 3.98 11.24
N GLU A 57 -6.08 3.13 11.60
CA GLU A 57 -4.75 3.60 12.00
C GLU A 57 -4.01 4.19 10.81
N ALA A 58 -4.32 3.71 9.62
CA ALA A 58 -3.69 4.20 8.40
C ALA A 58 -3.78 5.72 8.30
N THR A 59 -4.85 6.28 8.83
CA THR A 59 -5.06 7.72 8.81
C THR A 59 -3.93 8.44 9.54
N LYS A 60 -3.34 7.78 10.51
CA LYS A 60 -2.26 8.36 11.29
C LYS A 60 -1.08 8.72 10.39
N THR A 61 -0.66 7.77 9.56
CA THR A 61 0.45 7.99 8.65
C THR A 61 0.22 9.20 7.78
N LEU A 62 -0.98 9.30 7.21
CA LEU A 62 -1.34 10.42 6.34
C LEU A 62 -1.37 11.73 7.13
N ASN A 63 -1.82 11.65 8.38
CA ASN A 63 -1.90 12.82 9.25
C ASN A 63 -0.56 13.55 9.30
N ARG A 64 0.51 12.81 9.61
CA ARG A 64 1.84 13.39 9.69
C ARG A 64 2.39 13.68 8.30
N GLY A 65 1.88 12.95 7.30
CA GLY A 65 2.34 13.15 5.94
C GLY A 65 3.77 12.69 5.74
N ILE A 66 4.09 11.52 6.28
CA ILE A 66 5.43 10.96 6.15
C ILE A 66 5.39 9.55 5.57
N SER A 67 4.29 9.23 4.89
CA SER A 67 4.12 7.92 4.28
C SER A 67 4.65 7.91 2.85
N GLU A 68 5.05 6.73 2.38
CA GLU A 68 5.58 6.58 1.03
C GLU A 68 4.55 5.95 0.10
N PHE A 69 3.94 4.87 0.58
CA PHE A 69 2.93 4.16 -0.21
C PHE A 69 2.08 3.26 0.69
N ILE A 70 1.00 2.73 0.13
CA ILE A 70 0.11 1.85 0.87
C ILE A 70 -0.20 0.58 0.08
N VAL A 71 -0.35 -0.54 0.80
CA VAL A 71 -0.65 -1.81 0.17
C VAL A 71 -1.85 -2.49 0.83
N MET A 72 -2.70 -3.10 0.01
CA MET A 72 -3.88 -3.79 0.53
C MET A 72 -4.21 -5.01 -0.34
N ALA A 73 -5.27 -5.73 0.05
CA ALA A 73 -5.68 -6.91 -0.68
C ALA A 73 -6.83 -6.59 -1.65
N ALA A 74 -6.68 -7.01 -2.89
CA ALA A 74 -7.69 -6.77 -3.91
C ALA A 74 -9.05 -7.33 -3.49
N ASP A 75 -9.02 -8.32 -2.60
CA ASP A 75 -10.24 -8.95 -2.11
C ASP A 75 -10.36 -8.80 -0.59
N ALA A 76 -9.89 -7.67 -0.08
CA ALA A 76 -9.94 -7.41 1.37
C ALA A 76 -11.13 -6.53 1.71
N GLU A 77 -11.88 -6.94 2.73
CA GLU A 77 -13.05 -6.19 3.16
C GLU A 77 -13.03 -5.97 4.67
N PRO A 78 -13.81 -4.99 5.15
CA PRO A 78 -14.65 -4.16 4.27
C PRO A 78 -13.83 -3.22 3.40
N LEU A 79 -14.31 -2.96 2.19
CA LEU A 79 -13.62 -2.09 1.26
C LEU A 79 -14.12 -0.65 1.40
N GLU A 80 -15.34 -0.49 1.89
CA GLU A 80 -15.93 0.83 2.07
C GLU A 80 -15.07 1.68 3.01
N ILE A 81 -14.68 1.10 4.14
CA ILE A 81 -13.86 1.81 5.11
C ILE A 81 -12.58 2.33 4.47
N ILE A 82 -12.02 1.56 3.54
CA ILE A 82 -10.80 1.95 2.86
C ILE A 82 -10.97 3.30 2.16
N LEU A 83 -12.19 3.58 1.71
CA LEU A 83 -12.49 4.83 1.03
C LEU A 83 -12.42 6.01 2.00
N HIS A 84 -12.36 5.71 3.29
CA HIS A 84 -12.29 6.73 4.32
C HIS A 84 -10.91 7.39 4.34
N LEU A 85 -9.90 6.64 3.92
CA LEU A 85 -8.53 7.15 3.89
C LEU A 85 -8.41 8.33 2.92
N PRO A 86 -8.72 8.07 1.64
CA PRO A 86 -8.66 9.09 0.59
C PRO A 86 -9.73 10.16 0.75
N LEU A 87 -9.32 11.41 0.75
CA LEU A 87 -10.25 12.53 0.88
C LEU A 87 -10.85 12.91 -0.46
N LEU A 88 -9.98 13.25 -1.41
CA LEU A 88 -10.42 13.64 -2.75
C LEU A 88 -10.01 12.59 -3.78
N CYS A 89 -8.72 12.58 -4.11
CA CYS A 89 -8.19 11.63 -5.09
C CYS A 89 -6.67 11.69 -5.13
N GLU A 90 -6.09 11.08 -6.16
CA GLU A 90 -4.64 11.06 -6.32
C GLU A 90 -4.07 12.47 -6.26
N ASP A 91 -4.85 13.44 -6.73
CA ASP A 91 -4.42 14.83 -6.74
C ASP A 91 -4.15 15.32 -5.33
N LYS A 92 -4.85 14.74 -4.35
CA LYS A 92 -4.67 15.12 -2.96
C LYS A 92 -3.63 14.23 -2.28
N ASN A 93 -2.83 13.54 -3.09
CA ASN A 93 -1.81 12.66 -2.57
C ASN A 93 -2.42 11.47 -1.84
N VAL A 94 -2.63 10.38 -2.56
CA VAL A 94 -3.21 9.17 -1.97
C VAL A 94 -2.72 7.92 -2.69
N PRO A 95 -1.60 7.36 -2.20
CA PRO A 95 -1.00 6.16 -2.78
C PRO A 95 -1.85 4.92 -2.53
N TYR A 96 -1.89 4.03 -3.52
CA TYR A 96 -2.66 2.80 -3.40
C TYR A 96 -2.21 1.77 -4.44
N VAL A 97 -2.20 0.51 -4.03
CA VAL A 97 -1.79 -0.58 -4.92
C VAL A 97 -2.50 -1.88 -4.58
N PHE A 98 -2.97 -2.58 -5.60
CA PHE A 98 -3.67 -3.84 -5.41
C PHE A 98 -2.84 -5.02 -5.91
N VAL A 99 -2.78 -6.07 -5.10
CA VAL A 99 -2.01 -7.26 -5.46
C VAL A 99 -2.92 -8.48 -5.60
N ARG A 100 -2.31 -9.64 -5.82
CA ARG A 100 -3.06 -10.87 -5.98
C ARG A 100 -2.85 -11.79 -4.78
N SER A 101 -3.01 -11.24 -3.58
CA SER A 101 -2.83 -12.00 -2.35
C SER A 101 -3.15 -11.15 -1.13
N LYS A 102 -3.68 -11.79 -0.09
CA LYS A 102 -4.02 -11.10 1.14
C LYS A 102 -3.20 -11.62 2.31
N GLN A 103 -2.97 -12.92 2.33
CA GLN A 103 -2.20 -13.55 3.40
C GLN A 103 -0.72 -13.18 3.29
N ALA A 104 -0.23 -13.08 2.06
CA ALA A 104 1.16 -12.73 1.83
C ALA A 104 1.48 -11.35 2.39
N LEU A 105 0.53 -10.43 2.29
CA LEU A 105 0.71 -9.08 2.80
C LEU A 105 0.94 -9.09 4.31
N GLY A 106 -0.01 -9.64 5.05
CA GLY A 106 0.11 -9.70 6.49
C GLY A 106 1.37 -10.42 6.93
N ARG A 107 1.85 -11.34 6.11
CA ARG A 107 3.05 -12.10 6.42
C ARG A 107 4.26 -11.18 6.55
N ALA A 108 4.44 -10.30 5.57
CA ALA A 108 5.55 -9.37 5.58
C ALA A 108 5.47 -8.43 6.78
N CYS A 109 4.26 -8.19 7.26
CA CYS A 109 4.05 -7.31 8.41
C CYS A 109 4.53 -7.98 9.69
N GLY A 110 4.49 -9.31 9.72
CA GLY A 110 4.91 -10.05 10.90
C GLY A 110 3.84 -10.10 11.97
N VAL A 111 2.60 -10.35 11.54
CA VAL A 111 1.48 -10.43 12.47
C VAL A 111 0.93 -11.85 12.55
N SER A 112 0.10 -12.10 13.55
CA SER A 112 -0.49 -13.42 13.74
C SER A 112 -1.92 -13.45 13.21
N ARG A 113 -2.21 -12.59 12.25
CA ARG A 113 -3.55 -12.52 11.66
C ARG A 113 -3.52 -11.78 10.33
N PRO A 114 -4.57 -11.98 9.52
CA PRO A 114 -4.67 -11.35 8.20
C PRO A 114 -4.94 -9.85 8.30
N VAL A 115 -4.73 -9.14 7.19
CA VAL A 115 -4.94 -7.70 7.16
C VAL A 115 -5.61 -7.27 5.87
N ILE A 116 -6.41 -6.21 5.94
CA ILE A 116 -7.12 -5.71 4.78
C ILE A 116 -6.55 -4.35 4.33
N ALA A 117 -5.95 -3.64 5.28
CA ALA A 117 -5.36 -2.34 4.98
C ALA A 117 -4.20 -2.03 5.93
N CYS A 118 -3.00 -1.89 5.36
CA CYS A 118 -1.82 -1.60 6.15
C CYS A 118 -1.17 -0.29 5.70
N SER A 119 -0.17 0.16 6.45
CA SER A 119 0.53 1.40 6.14
C SER A 119 2.03 1.20 6.17
N VAL A 120 2.72 1.82 5.22
CA VAL A 120 4.18 1.71 5.14
C VAL A 120 4.83 3.08 5.14
N THR A 121 5.65 3.35 6.15
CA THR A 121 6.34 4.63 6.28
C THR A 121 7.79 4.52 5.81
N ILE A 122 8.49 5.64 5.83
CA ILE A 122 9.89 5.67 5.42
C ILE A 122 10.80 6.01 6.58
N LYS A 123 11.99 5.41 6.60
CA LYS A 123 12.96 5.65 7.66
C LYS A 123 14.24 6.27 7.11
N GLU A 124 14.26 7.60 7.03
CA GLU A 124 15.42 8.32 6.52
C GLU A 124 16.66 8.01 7.35
N GLY A 125 17.68 7.47 6.70
CA GLY A 125 18.92 7.13 7.39
C GLY A 125 19.75 6.13 6.63
N SER A 126 19.09 5.28 5.85
CA SER A 126 19.78 4.25 5.07
C SER A 126 19.47 4.39 3.58
N GLN A 127 19.98 3.46 2.79
CA GLN A 127 19.74 3.48 1.35
C GLN A 127 18.29 3.15 1.03
N LEU A 128 17.64 2.42 1.93
CA LEU A 128 16.24 2.04 1.74
C LEU A 128 15.38 3.25 1.45
N LYS A 129 15.78 4.40 2.00
CA LYS A 129 15.04 5.64 1.80
C LYS A 129 14.80 5.90 0.32
N GLN A 130 15.82 5.64 -0.49
CA GLN A 130 15.72 5.85 -1.94
C GLN A 130 14.94 4.71 -2.60
N GLN A 131 15.00 3.53 -1.98
CA GLN A 131 14.30 2.37 -2.52
C GLN A 131 12.78 2.53 -2.38
N ILE A 132 12.34 2.87 -1.17
CA ILE A 132 10.92 3.05 -0.90
C ILE A 132 10.36 4.22 -1.72
N GLN A 133 11.19 5.23 -1.94
CA GLN A 133 10.79 6.41 -2.70
C GLN A 133 10.73 6.10 -4.19
N SER A 134 11.55 5.14 -4.62
CA SER A 134 11.61 4.76 -6.02
C SER A 134 10.33 4.06 -6.45
N ILE A 135 9.93 3.04 -5.68
CA ILE A 135 8.73 2.29 -5.98
C ILE A 135 7.49 3.18 -5.90
N GLN A 136 7.56 4.22 -5.08
CA GLN A 136 6.45 5.16 -4.93
C GLN A 136 6.17 5.88 -6.24
N GLN A 137 7.22 6.34 -6.90
CA GLN A 137 7.08 7.05 -8.16
C GLN A 137 6.24 6.25 -9.15
N SER A 138 6.30 4.93 -9.03
CA SER A 138 5.54 4.04 -9.92
C SER A 138 4.07 4.00 -9.51
N ILE A 139 3.82 4.05 -8.20
CA ILE A 139 2.46 4.02 -7.69
C ILE A 139 1.74 5.33 -7.93
N GLU A 140 2.48 6.43 -7.83
CA GLU A 140 1.91 7.76 -8.05
C GLU A 140 1.67 8.01 -9.54
N ARG A 141 2.55 7.49 -10.37
CA ARG A 141 2.43 7.65 -11.81
C ARG A 141 1.22 6.89 -12.35
N LEU A 142 1.08 5.64 -11.92
CA LEU A 142 -0.03 4.81 -12.35
C LEU A 142 -1.37 5.49 -12.11
N LEU A 143 -1.54 6.03 -10.90
CA LEU A 143 -2.77 6.72 -10.53
C LEU A 143 -2.93 8.01 -11.33
N VAL A 144 -1.80 8.59 -11.74
CA VAL A 144 -1.81 9.81 -12.52
C VAL A 144 -2.54 10.93 -11.77
N MET A 17 -19.83 18.51 -19.96
CA MET A 17 -19.82 18.35 -18.51
C MET A 17 -19.18 17.02 -18.12
N THR A 18 -18.07 17.10 -17.40
CA THR A 18 -17.35 15.90 -16.97
C THR A 18 -16.68 16.13 -15.62
N GLU A 19 -17.37 15.78 -14.54
CA GLU A 19 -16.83 15.94 -13.20
C GLU A 19 -17.14 14.72 -12.33
N ALA A 20 -17.29 13.57 -12.98
CA ALA A 20 -17.59 12.33 -12.27
C ALA A 20 -16.36 11.44 -12.19
N ASP A 21 -16.50 10.31 -11.51
CA ASP A 21 -15.41 9.35 -11.36
C ASP A 21 -15.56 8.19 -12.33
N VAL A 22 -16.47 7.27 -12.01
CA VAL A 22 -16.72 6.11 -12.85
C VAL A 22 -15.44 5.30 -13.06
N ASN A 23 -14.62 5.21 -12.01
CA ASN A 23 -13.36 4.47 -12.10
C ASN A 23 -13.34 3.33 -11.08
N PRO A 24 -12.45 2.35 -11.31
CA PRO A 24 -12.31 1.19 -10.42
C PRO A 24 -11.70 1.56 -9.07
N LYS A 25 -12.39 1.19 -8.01
CA LYS A 25 -11.92 1.48 -6.65
C LYS A 25 -11.03 0.35 -6.13
N ALA A 26 -10.06 -0.05 -6.95
CA ALA A 26 -9.14 -1.12 -6.57
C ALA A 26 -7.84 -1.03 -7.36
N TYR A 27 -7.45 0.19 -7.70
CA TYR A 27 -6.22 0.41 -8.47
C TYR A 27 -5.31 1.41 -7.76
N PRO A 28 -4.02 1.39 -8.12
CA PRO A 28 -3.49 0.46 -9.14
C PRO A 28 -3.49 -0.99 -8.65
N LEU A 29 -3.18 -1.90 -9.57
CA LEU A 29 -3.15 -3.32 -9.24
C LEU A 29 -1.85 -3.97 -9.72
N ALA A 30 -0.97 -4.29 -8.78
CA ALA A 30 0.31 -4.91 -9.11
C ALA A 30 0.13 -6.37 -9.48
N ASP A 31 0.60 -6.75 -10.67
CA ASP A 31 0.49 -8.12 -11.14
C ASP A 31 1.30 -9.06 -10.25
N ALA A 32 1.20 -10.36 -10.55
CA ALA A 32 1.93 -11.36 -9.78
C ALA A 32 3.43 -11.11 -9.84
N HIS A 33 3.90 -10.58 -10.96
CA HIS A 33 5.31 -10.29 -11.15
C HIS A 33 5.71 -9.02 -10.41
N LEU A 34 4.77 -8.08 -10.31
CA LEU A 34 5.04 -6.82 -9.63
C LEU A 34 4.97 -6.99 -8.11
N THR A 35 4.01 -7.79 -7.65
CA THR A 35 3.85 -8.04 -6.23
C THR A 35 5.10 -8.67 -5.62
N LYS A 36 5.87 -9.34 -6.47
CA LYS A 36 7.10 -9.99 -6.03
C LYS A 36 8.10 -8.96 -5.50
N LYS A 37 8.39 -7.96 -6.31
CA LYS A 37 9.33 -6.92 -5.94
C LYS A 37 8.70 -5.97 -4.93
N LEU A 38 7.42 -5.71 -5.08
CA LEU A 38 6.69 -4.82 -4.17
C LEU A 38 6.74 -5.35 -2.75
N LEU A 39 6.60 -6.66 -2.59
CA LEU A 39 6.64 -7.28 -1.28
C LEU A 39 7.92 -6.94 -0.54
N ASP A 40 8.99 -6.72 -1.29
CA ASP A 40 10.28 -6.37 -0.72
C ASP A 40 10.16 -5.16 0.20
N LEU A 41 9.28 -4.23 -0.17
CA LEU A 41 9.07 -3.03 0.63
C LEU A 41 8.63 -3.37 2.04
N VAL A 42 7.81 -4.41 2.16
CA VAL A 42 7.31 -4.85 3.46
C VAL A 42 8.43 -5.46 4.30
N GLN A 43 9.13 -6.43 3.71
CA GLN A 43 10.23 -7.10 4.39
C GLN A 43 11.35 -6.12 4.73
N GLN A 44 11.50 -5.09 3.89
CA GLN A 44 12.53 -4.09 4.11
C GLN A 44 12.15 -3.14 5.24
N SER A 45 10.85 -2.92 5.41
CA SER A 45 10.35 -2.04 6.45
C SER A 45 10.58 -2.65 7.84
N CYS A 46 10.15 -3.89 8.00
CA CYS A 46 10.31 -4.58 9.28
C CYS A 46 11.78 -4.81 9.60
N ASN A 47 12.59 -4.88 8.55
CA ASN A 47 14.03 -5.09 8.72
C ASN A 47 14.66 -3.95 9.52
N TYR A 48 14.04 -2.79 9.46
CA TYR A 48 14.54 -1.62 10.16
C TYR A 48 13.71 -1.35 11.42
N LYS A 49 13.10 -2.40 11.95
CA LYS A 49 12.29 -2.29 13.16
C LYS A 49 11.13 -1.32 12.94
N GLN A 50 10.55 -1.35 11.75
CA GLN A 50 9.43 -0.47 11.42
C GLN A 50 8.34 -1.23 10.66
N LEU A 51 7.10 -1.02 11.06
CA LEU A 51 5.97 -1.69 10.42
C LEU A 51 4.64 -1.09 10.88
N ARG A 52 3.55 -1.50 10.24
CA ARG A 52 2.23 -0.99 10.59
C ARG A 52 1.14 -1.81 9.90
N LYS A 53 0.14 -2.22 10.67
CA LYS A 53 -0.96 -3.01 10.14
C LYS A 53 -2.30 -2.50 10.66
N GLY A 54 -3.04 -1.80 9.80
CA GLY A 54 -4.33 -1.27 10.20
C GLY A 54 -5.08 -0.65 9.04
N ALA A 55 -6.33 -1.07 8.87
CA ALA A 55 -7.16 -0.55 7.78
C ALA A 55 -7.53 0.91 8.02
N ASN A 56 -8.23 1.18 9.13
CA ASN A 56 -8.65 2.53 9.46
C ASN A 56 -7.44 3.39 9.82
N GLU A 57 -6.38 2.75 10.29
CA GLU A 57 -5.15 3.45 10.67
C GLU A 57 -4.55 4.17 9.46
N ALA A 58 -4.79 3.61 8.28
CA ALA A 58 -4.26 4.19 7.04
C ALA A 58 -4.59 5.68 6.95
N THR A 59 -5.81 6.03 7.35
CA THR A 59 -6.25 7.42 7.31
C THR A 59 -5.50 8.27 8.33
N LYS A 60 -5.07 7.64 9.41
CA LYS A 60 -4.33 8.33 10.47
C LYS A 60 -2.88 8.53 10.07
N THR A 61 -2.26 7.47 9.56
CA THR A 61 -0.86 7.51 9.15
C THR A 61 -0.61 8.69 8.21
N LEU A 62 -1.52 8.88 7.26
CA LEU A 62 -1.40 9.97 6.29
C LEU A 62 -1.74 11.30 6.93
N ASN A 63 -2.64 11.27 7.91
CA ASN A 63 -3.05 12.49 8.61
C ASN A 63 -1.91 13.05 9.46
N ARG A 64 -0.99 12.18 9.86
CA ARG A 64 0.15 12.59 10.66
C ARG A 64 1.29 13.06 9.78
N GLY A 65 1.32 12.58 8.55
CA GLY A 65 2.38 12.96 7.62
C GLY A 65 3.55 11.99 7.64
N ILE A 66 3.25 10.71 7.84
CA ILE A 66 4.29 9.69 7.88
C ILE A 66 3.95 8.53 6.96
N SER A 67 2.85 8.65 6.23
CA SER A 67 2.41 7.62 5.31
C SER A 67 3.00 7.84 3.92
N GLU A 68 3.95 6.99 3.54
CA GLU A 68 4.59 7.09 2.23
C GLU A 68 4.13 5.97 1.30
N PHE A 69 3.85 4.80 1.88
CA PHE A 69 3.40 3.65 1.12
C PHE A 69 2.34 2.87 1.88
N ILE A 70 1.27 2.51 1.18
CA ILE A 70 0.17 1.76 1.79
C ILE A 70 -0.42 0.76 0.80
N VAL A 71 -0.75 -0.43 1.30
CA VAL A 71 -1.33 -1.47 0.45
C VAL A 71 -2.58 -2.06 1.11
N MET A 72 -3.53 -2.47 0.27
CA MET A 72 -4.77 -3.06 0.77
C MET A 72 -5.36 -4.02 -0.26
N ALA A 73 -6.09 -5.03 0.22
CA ALA A 73 -6.71 -6.01 -0.65
C ALA A 73 -7.96 -5.44 -1.32
N ALA A 74 -7.95 -5.37 -2.64
CA ALA A 74 -9.08 -4.84 -3.39
C ALA A 74 -10.35 -5.64 -3.10
N ASP A 75 -10.17 -6.88 -2.67
CA ASP A 75 -11.29 -7.75 -2.35
C ASP A 75 -11.47 -7.88 -0.83
N ALA A 76 -11.20 -6.80 -0.12
CA ALA A 76 -11.33 -6.80 1.33
C ALA A 76 -12.39 -5.78 1.78
N GLU A 77 -13.01 -6.06 2.93
CA GLU A 77 -14.04 -5.18 3.46
C GLU A 77 -13.63 -4.65 4.83
N PRO A 78 -14.27 -3.54 5.26
CA PRO A 78 -15.31 -2.87 4.46
C PRO A 78 -14.74 -2.19 3.22
N LEU A 79 -15.58 -2.01 2.20
CA LEU A 79 -15.16 -1.36 0.97
C LEU A 79 -15.33 0.14 1.05
N GLU A 80 -16.31 0.58 1.85
CA GLU A 80 -16.58 2.00 2.02
C GLU A 80 -15.35 2.73 2.56
N ILE A 81 -14.66 2.08 3.50
CA ILE A 81 -13.46 2.67 4.10
C ILE A 81 -12.33 2.74 3.09
N ILE A 82 -12.31 1.80 2.16
CA ILE A 82 -11.27 1.75 1.12
C ILE A 82 -11.24 3.05 0.32
N LEU A 83 -12.37 3.75 0.30
CA LEU A 83 -12.48 5.00 -0.44
C LEU A 83 -11.79 6.14 0.31
N HIS A 84 -11.66 5.98 1.63
CA HIS A 84 -11.02 6.99 2.47
C HIS A 84 -9.50 6.91 2.34
N LEU A 85 -9.00 5.75 1.98
CA LEU A 85 -7.56 5.54 1.83
C LEU A 85 -6.97 6.57 0.85
N PRO A 86 -7.47 6.57 -0.38
CA PRO A 86 -7.02 7.50 -1.42
C PRO A 86 -7.44 8.95 -1.14
N LEU A 87 -6.66 9.89 -1.66
CA LEU A 87 -6.96 11.30 -1.46
C LEU A 87 -8.15 11.73 -2.29
N LEU A 88 -8.06 11.54 -3.61
CA LEU A 88 -9.14 11.90 -4.52
C LEU A 88 -9.79 10.66 -5.12
N CYS A 89 -9.09 10.02 -6.06
CA CYS A 89 -9.60 8.82 -6.71
C CYS A 89 -8.52 8.18 -7.59
N GLU A 90 -8.64 6.88 -7.80
CA GLU A 90 -7.69 6.15 -8.62
C GLU A 90 -7.57 6.76 -10.02
N ASP A 91 -8.65 7.40 -10.44
CA ASP A 91 -8.68 8.04 -11.77
C ASP A 91 -7.80 9.29 -11.78
N LYS A 92 -7.58 9.86 -10.61
CA LYS A 92 -6.75 11.07 -10.50
C LYS A 92 -5.29 10.70 -10.24
N ASN A 93 -4.96 9.43 -10.46
CA ASN A 93 -3.59 8.95 -10.25
C ASN A 93 -3.19 9.06 -8.78
N VAL A 94 -4.04 8.52 -7.91
CA VAL A 94 -3.77 8.55 -6.47
C VAL A 94 -2.58 7.69 -6.12
N PRO A 95 -1.65 8.24 -5.32
CA PRO A 95 -0.44 7.53 -4.88
C PRO A 95 -0.75 6.40 -3.90
N TYR A 96 -1.23 5.29 -4.44
CA TYR A 96 -1.57 4.13 -3.61
C TYR A 96 -1.36 2.83 -4.38
N VAL A 97 -1.64 1.71 -3.73
CA VAL A 97 -1.50 0.40 -4.36
C VAL A 97 -2.41 -0.63 -3.71
N PHE A 98 -2.96 -1.53 -4.52
CA PHE A 98 -3.86 -2.57 -4.03
C PHE A 98 -3.29 -3.95 -4.30
N VAL A 99 -3.84 -4.96 -3.62
CA VAL A 99 -3.40 -6.33 -3.79
C VAL A 99 -4.58 -7.29 -3.89
N ARG A 100 -4.30 -8.53 -4.30
CA ARG A 100 -5.33 -9.54 -4.43
C ARG A 100 -5.05 -10.74 -3.55
N SER A 101 -4.31 -10.51 -2.46
CA SER A 101 -3.96 -11.57 -1.53
C SER A 101 -3.82 -11.02 -0.11
N LYS A 102 -4.10 -11.88 0.87
CA LYS A 102 -4.01 -11.48 2.27
C LYS A 102 -2.93 -12.29 3.00
N GLN A 103 -2.65 -13.48 2.49
CA GLN A 103 -1.64 -14.36 3.09
C GLN A 103 -0.26 -13.72 3.00
N ALA A 104 0.15 -13.37 1.78
CA ALA A 104 1.45 -12.75 1.56
C ALA A 104 1.61 -11.50 2.41
N LEU A 105 0.58 -10.65 2.41
CA LEU A 105 0.62 -9.41 3.18
C LEU A 105 0.59 -9.71 4.69
N GLY A 106 -0.02 -10.83 5.05
CA GLY A 106 -0.10 -11.21 6.44
C GLY A 106 1.19 -11.81 6.96
N ARG A 107 1.97 -12.42 6.06
CA ARG A 107 3.23 -13.04 6.43
C ARG A 107 4.38 -12.05 6.30
N ALA A 108 4.35 -11.26 5.23
CA ALA A 108 5.40 -10.28 4.98
C ALA A 108 5.59 -9.37 6.19
N CYS A 109 4.52 -9.16 6.95
CA CYS A 109 4.57 -8.31 8.13
C CYS A 109 5.19 -9.05 9.31
N GLY A 110 4.97 -10.36 9.35
CA GLY A 110 5.51 -11.17 10.44
C GLY A 110 4.66 -11.11 11.69
N VAL A 111 3.41 -11.53 11.57
CA VAL A 111 2.48 -11.52 12.70
C VAL A 111 1.71 -12.84 12.79
N SER A 112 1.01 -13.04 13.89
CA SER A 112 0.23 -14.25 14.10
C SER A 112 -1.07 -14.21 13.29
N ARG A 113 -1.74 -13.07 13.32
CA ARG A 113 -2.99 -12.90 12.59
C ARG A 113 -2.74 -12.28 11.22
N PRO A 114 -3.72 -12.45 10.31
CA PRO A 114 -3.63 -11.92 8.95
C PRO A 114 -3.71 -10.40 8.91
N VAL A 115 -3.22 -9.81 7.82
CA VAL A 115 -3.25 -8.36 7.65
C VAL A 115 -3.95 -7.96 6.37
N ILE A 116 -4.77 -6.92 6.45
CA ILE A 116 -5.51 -6.43 5.29
C ILE A 116 -4.91 -5.14 4.75
N ALA A 117 -4.40 -4.31 5.66
CA ALA A 117 -3.78 -3.05 5.27
C ALA A 117 -2.44 -2.86 5.97
N CYS A 118 -1.52 -2.15 5.30
CA CYS A 118 -0.20 -1.89 5.87
C CYS A 118 0.25 -0.46 5.57
N SER A 119 1.00 0.12 6.48
CA SER A 119 1.49 1.47 6.32
C SER A 119 3.01 1.54 6.51
N VAL A 120 3.72 1.70 5.40
CA VAL A 120 5.18 1.78 5.44
C VAL A 120 5.65 3.21 5.67
N THR A 121 6.18 3.48 6.85
CA THR A 121 6.68 4.81 7.20
C THR A 121 8.13 4.98 6.80
N ILE A 122 8.49 6.16 6.33
CA ILE A 122 9.86 6.46 5.92
C ILE A 122 10.67 7.01 7.08
N LYS A 123 11.97 6.71 7.08
CA LYS A 123 12.86 7.18 8.13
C LYS A 123 14.11 7.84 7.53
N GLU A 124 14.31 9.11 7.87
CA GLU A 124 15.46 9.85 7.36
C GLU A 124 16.75 9.33 7.98
N GLY A 125 17.75 9.10 7.12
CA GLY A 125 19.03 8.59 7.60
C GLY A 125 19.27 7.16 7.19
N SER A 126 18.20 6.45 6.85
CA SER A 126 18.30 5.05 6.45
C SER A 126 18.39 4.93 4.93
N GLN A 127 19.10 3.91 4.46
CA GLN A 127 19.27 3.68 3.03
C GLN A 127 17.95 3.25 2.40
N LEU A 128 17.09 2.64 3.20
CA LEU A 128 15.79 2.18 2.70
C LEU A 128 15.05 3.30 1.99
N LYS A 129 15.20 4.51 2.48
CA LYS A 129 14.55 5.68 1.89
C LYS A 129 14.91 5.81 0.41
N GLN A 130 16.12 5.37 0.06
CA GLN A 130 16.58 5.43 -1.32
C GLN A 130 15.83 4.43 -2.20
N GLN A 131 15.33 3.37 -1.57
CA GLN A 131 14.58 2.34 -2.30
C GLN A 131 13.09 2.67 -2.33
N ILE A 132 12.53 3.00 -1.18
CA ILE A 132 11.12 3.34 -1.07
C ILE A 132 10.74 4.42 -2.07
N GLN A 133 11.66 5.36 -2.30
CA GLN A 133 11.42 6.45 -3.24
C GLN A 133 11.51 5.97 -4.68
N SER A 134 12.43 5.04 -4.92
CA SER A 134 12.62 4.49 -6.27
C SER A 134 11.36 3.78 -6.75
N ILE A 135 10.86 2.87 -5.92
CA ILE A 135 9.65 2.11 -6.26
C ILE A 135 8.43 3.02 -6.31
N GLN A 136 8.47 4.09 -5.53
CA GLN A 136 7.36 5.04 -5.48
C GLN A 136 6.98 5.50 -6.89
N GLN A 137 8.00 5.83 -7.69
CA GLN A 137 7.76 6.28 -9.06
C GLN A 137 6.97 5.25 -9.85
N SER A 138 7.12 3.98 -9.47
CA SER A 138 6.42 2.90 -10.15
C SER A 138 4.91 3.04 -9.99
N ILE A 139 4.49 3.61 -8.87
CA ILE A 139 3.07 3.80 -8.59
C ILE A 139 2.39 4.56 -9.72
N GLU A 140 3.05 5.60 -10.22
CA GLU A 140 2.51 6.40 -11.31
C GLU A 140 2.37 5.57 -12.58
N ARG A 141 3.43 4.83 -12.92
CA ARG A 141 3.43 4.01 -14.11
C ARG A 141 2.31 2.98 -14.06
N LEU A 142 2.18 2.29 -12.92
CA LEU A 142 1.15 1.28 -12.74
C LEU A 142 -0.24 1.90 -12.85
N LEU A 143 -0.43 3.05 -12.20
CA LEU A 143 -1.71 3.74 -12.24
C LEU A 143 -2.18 3.95 -13.68
N VAL A 144 -1.31 4.54 -14.49
CA VAL A 144 -1.64 4.79 -15.89
C VAL A 144 -0.60 4.17 -16.83
N MET A 17 -5.07 8.98 -23.28
CA MET A 17 -4.54 9.93 -22.30
C MET A 17 -5.55 11.03 -22.00
N THR A 18 -5.44 11.62 -20.82
CA THR A 18 -6.35 12.69 -20.41
C THR A 18 -7.81 12.23 -20.49
N GLU A 19 -8.18 11.33 -19.57
CA GLU A 19 -9.55 10.82 -19.54
C GLU A 19 -9.76 9.93 -18.33
N ALA A 20 -9.76 10.53 -17.14
CA ALA A 20 -9.96 9.79 -15.91
C ALA A 20 -11.40 9.93 -15.40
N ASP A 21 -12.22 8.94 -15.72
CA ASP A 21 -13.62 8.95 -15.30
C ASP A 21 -14.22 7.55 -15.40
N VAL A 22 -13.41 6.54 -15.08
CA VAL A 22 -13.87 5.16 -15.13
C VAL A 22 -13.64 4.46 -13.79
N ASN A 23 -14.42 3.42 -13.54
CA ASN A 23 -14.31 2.66 -12.30
C ASN A 23 -12.86 2.23 -12.06
N PRO A 24 -12.54 1.94 -10.78
CA PRO A 24 -11.19 1.52 -10.39
C PRO A 24 -10.84 0.13 -10.90
N LYS A 25 -11.81 -0.79 -10.84
CA LYS A 25 -11.61 -2.15 -11.30
C LYS A 25 -10.42 -2.79 -10.60
N ALA A 26 -10.12 -2.31 -9.40
CA ALA A 26 -9.01 -2.84 -8.62
C ALA A 26 -7.69 -2.64 -9.34
N TYR A 27 -7.54 -1.50 -10.00
CA TYR A 27 -6.32 -1.18 -10.74
C TYR A 27 -5.75 0.16 -10.29
N PRO A 28 -4.46 0.37 -10.58
CA PRO A 28 -3.62 -0.62 -11.27
C PRO A 28 -3.34 -1.84 -10.40
N LEU A 29 -3.14 -2.98 -11.05
CA LEU A 29 -2.86 -4.23 -10.34
C LEU A 29 -1.38 -4.58 -10.42
N ALA A 30 -0.75 -4.74 -9.26
CA ALA A 30 0.66 -5.07 -9.19
C ALA A 30 0.95 -6.39 -9.91
N ASP A 31 1.86 -6.34 -10.88
CA ASP A 31 2.23 -7.52 -11.65
C ASP A 31 3.10 -8.45 -10.82
N ALA A 32 3.42 -9.62 -11.38
CA ALA A 32 4.25 -10.60 -10.71
C ALA A 32 5.61 -10.02 -10.35
N HIS A 33 6.17 -9.22 -11.27
CA HIS A 33 7.47 -8.60 -11.04
C HIS A 33 7.39 -7.53 -9.94
N LEU A 34 6.23 -6.89 -9.86
CA LEU A 34 6.02 -5.85 -8.85
C LEU A 34 5.80 -6.46 -7.47
N THR A 35 4.99 -7.52 -7.42
CA THR A 35 4.70 -8.19 -6.16
C THR A 35 5.98 -8.69 -5.50
N LYS A 36 6.90 -9.22 -6.29
CA LYS A 36 8.15 -9.73 -5.77
C LYS A 36 8.86 -8.66 -4.94
N LYS A 37 8.97 -7.46 -5.49
CA LYS A 37 9.63 -6.36 -4.80
C LYS A 37 8.73 -5.81 -3.69
N LEU A 38 7.43 -5.78 -3.95
CA LEU A 38 6.47 -5.29 -2.97
C LEU A 38 6.54 -6.08 -1.67
N LEU A 39 6.52 -7.41 -1.79
CA LEU A 39 6.59 -8.27 -0.63
C LEU A 39 7.83 -7.98 0.21
N ASP A 40 8.93 -7.64 -0.47
CA ASP A 40 10.18 -7.32 0.20
C ASP A 40 10.08 -5.99 0.94
N LEU A 41 9.25 -5.09 0.42
CA LEU A 41 9.06 -3.79 1.04
C LEU A 41 8.65 -3.91 2.50
N VAL A 42 7.64 -4.75 2.75
CA VAL A 42 7.16 -4.97 4.10
C VAL A 42 8.30 -5.34 5.05
N GLN A 43 9.08 -6.34 4.65
CA GLN A 43 10.20 -6.80 5.46
C GLN A 43 11.18 -5.66 5.73
N GLN A 44 11.25 -4.72 4.79
CA GLN A 44 12.15 -3.56 4.94
C GLN A 44 11.59 -2.57 5.95
N SER A 45 10.27 -2.49 6.04
CA SER A 45 9.62 -1.57 6.97
C SER A 45 9.88 -1.99 8.41
N CYS A 46 9.61 -3.25 8.72
CA CYS A 46 9.83 -3.77 10.06
C CYS A 46 11.31 -3.80 10.41
N ASN A 47 12.15 -3.93 9.39
CA ASN A 47 13.60 -3.96 9.59
C ASN A 47 14.09 -2.70 10.27
N TYR A 48 13.40 -1.58 10.01
CA TYR A 48 13.78 -0.30 10.59
C TYR A 48 12.90 0.02 11.81
N LYS A 49 12.40 -1.02 12.46
CA LYS A 49 11.55 -0.86 13.63
C LYS A 49 10.31 -0.04 13.29
N GLN A 50 9.76 -0.26 12.10
CA GLN A 50 8.58 0.45 11.66
C GLN A 50 7.53 -0.51 11.09
N LEU A 51 6.29 -0.32 11.49
CA LEU A 51 5.20 -1.17 11.01
C LEU A 51 3.84 -0.59 11.41
N ARG A 52 2.84 -0.82 10.56
CA ARG A 52 1.50 -0.32 10.82
C ARG A 52 0.44 -1.31 10.34
N LYS A 53 -0.27 -1.91 11.29
CA LYS A 53 -1.31 -2.89 10.97
C LYS A 53 -2.68 -2.39 11.42
N GLY A 54 -3.33 -1.60 10.56
CA GLY A 54 -4.64 -1.08 10.88
C GLY A 54 -5.27 -0.35 9.72
N ALA A 55 -6.59 -0.47 9.59
CA ALA A 55 -7.32 0.19 8.52
C ALA A 55 -7.45 1.68 8.77
N ASN A 56 -7.81 2.04 10.00
CA ASN A 56 -7.97 3.45 10.36
C ASN A 56 -6.62 4.08 10.70
N GLU A 57 -5.71 3.27 11.23
CA GLU A 57 -4.38 3.75 11.59
C GLU A 57 -3.64 4.29 10.38
N ALA A 58 -3.98 3.76 9.20
CA ALA A 58 -3.36 4.19 7.95
C ALA A 58 -3.48 5.69 7.77
N THR A 59 -4.51 6.28 8.38
CA THR A 59 -4.74 7.71 8.28
C THR A 59 -3.80 8.49 9.20
N LYS A 60 -3.50 7.91 10.36
CA LYS A 60 -2.62 8.54 11.33
C LYS A 60 -1.24 8.79 10.71
N THR A 61 -0.69 7.76 10.07
CA THR A 61 0.62 7.87 9.44
C THR A 61 0.70 9.09 8.54
N LEU A 62 -0.34 9.30 7.75
CA LEU A 62 -0.39 10.44 6.83
C LEU A 62 -0.68 11.74 7.58
N ASN A 63 -1.56 11.65 8.57
CA ASN A 63 -1.93 12.82 9.36
C ASN A 63 -0.69 13.46 9.98
N ARG A 64 0.34 12.66 10.18
CA ARG A 64 1.59 13.14 10.77
C ARG A 64 2.52 13.69 9.69
N GLY A 65 2.34 13.20 8.47
CA GLY A 65 3.19 13.65 7.37
C GLY A 65 4.37 12.74 7.13
N ILE A 66 4.13 11.43 7.23
CA ILE A 66 5.18 10.45 7.02
C ILE A 66 4.63 9.18 6.36
N SER A 67 3.47 9.31 5.72
CA SER A 67 2.84 8.19 5.05
C SER A 67 3.37 8.04 3.62
N GLU A 68 4.31 7.11 3.45
CA GLU A 68 4.90 6.87 2.14
C GLU A 68 3.87 6.30 1.18
N PHE A 69 3.13 5.29 1.64
CA PHE A 69 2.11 4.66 0.82
C PHE A 69 1.32 3.63 1.62
N ILE A 70 0.29 3.05 1.01
CA ILE A 70 -0.55 2.06 1.68
C ILE A 70 -0.98 0.98 0.71
N VAL A 71 -1.04 -0.25 1.19
CA VAL A 71 -1.46 -1.38 0.36
C VAL A 71 -2.59 -2.16 1.02
N MET A 72 -3.42 -2.79 0.20
CA MET A 72 -4.54 -3.58 0.71
C MET A 72 -4.94 -4.66 -0.28
N ALA A 73 -5.95 -5.46 0.09
CA ALA A 73 -6.43 -6.53 -0.77
C ALA A 73 -7.60 -6.08 -1.62
N ALA A 74 -7.56 -6.39 -2.91
CA ALA A 74 -8.63 -6.01 -3.83
C ALA A 74 -9.98 -6.51 -3.33
N ASP A 75 -9.96 -7.59 -2.56
CA ASP A 75 -11.18 -8.16 -2.02
C ASP A 75 -11.16 -8.15 -0.50
N ALA A 76 -10.57 -7.12 0.07
CA ALA A 76 -10.49 -6.97 1.53
C ALA A 76 -11.63 -6.12 2.06
N GLU A 77 -12.32 -6.64 3.07
CA GLU A 77 -13.44 -5.92 3.69
C GLU A 77 -13.21 -5.71 5.18
N PRO A 78 -13.92 -4.73 5.75
CA PRO A 78 -14.86 -3.89 5.00
C PRO A 78 -14.17 -2.96 4.03
N LEU A 79 -14.76 -2.77 2.87
CA LEU A 79 -14.20 -1.89 1.84
C LEU A 79 -14.68 -0.46 2.02
N GLU A 80 -15.87 -0.32 2.62
CA GLU A 80 -16.44 1.01 2.86
C GLU A 80 -15.48 1.88 3.63
N ILE A 81 -14.95 1.36 4.74
CA ILE A 81 -14.02 2.10 5.58
C ILE A 81 -12.77 2.49 4.79
N ILE A 82 -12.40 1.65 3.83
CA ILE A 82 -11.23 1.91 3.01
C ILE A 82 -11.49 3.04 2.02
N LEU A 83 -12.76 3.28 1.72
CA LEU A 83 -13.15 4.33 0.78
C LEU A 83 -12.97 5.70 1.42
N HIS A 84 -12.94 5.74 2.74
CA HIS A 84 -12.76 7.00 3.46
C HIS A 84 -11.31 7.46 3.41
N LEU A 85 -10.39 6.50 3.31
CA LEU A 85 -8.97 6.81 3.25
C LEU A 85 -8.68 7.85 2.18
N PRO A 86 -9.03 7.52 0.93
CA PRO A 86 -8.81 8.42 -0.22
C PRO A 86 -9.74 9.62 -0.18
N LEU A 87 -9.20 10.79 -0.57
CA LEU A 87 -9.98 12.02 -0.59
C LEU A 87 -10.79 12.14 -1.88
N LEU A 88 -10.08 12.09 -3.01
CA LEU A 88 -10.73 12.20 -4.31
C LEU A 88 -10.67 10.88 -5.06
N CYS A 89 -9.48 10.54 -5.56
CA CYS A 89 -9.30 9.29 -6.29
C CYS A 89 -7.83 8.82 -6.20
N GLU A 90 -7.57 7.63 -6.74
CA GLU A 90 -6.23 7.07 -6.70
C GLU A 90 -5.27 7.94 -7.52
N ASP A 91 -5.74 8.44 -8.65
CA ASP A 91 -4.93 9.28 -9.53
C ASP A 91 -5.10 10.75 -9.16
N LYS A 92 -6.12 11.06 -8.39
CA LYS A 92 -6.39 12.43 -7.97
C LYS A 92 -5.40 12.89 -6.91
N ASN A 93 -5.05 11.97 -6.01
CA ASN A 93 -4.09 12.29 -4.94
C ASN A 93 -4.06 11.18 -3.90
N VAL A 94 -4.19 9.94 -4.36
CA VAL A 94 -4.17 8.79 -3.46
C VAL A 94 -3.36 7.64 -4.06
N PRO A 95 -2.06 7.62 -3.77
CA PRO A 95 -1.15 6.58 -4.26
C PRO A 95 -1.41 5.23 -3.62
N TYR A 96 -2.31 4.46 -4.22
CA TYR A 96 -2.66 3.13 -3.70
C TYR A 96 -2.37 2.06 -4.73
N VAL A 97 -2.38 0.80 -4.30
CA VAL A 97 -2.12 -0.33 -5.17
C VAL A 97 -2.87 -1.57 -4.71
N PHE A 98 -3.39 -2.33 -5.67
CA PHE A 98 -4.13 -3.55 -5.36
C PHE A 98 -3.32 -4.78 -5.74
N VAL A 99 -3.42 -5.82 -4.91
CA VAL A 99 -2.70 -7.07 -5.16
C VAL A 99 -3.64 -8.26 -5.19
N ARG A 100 -3.16 -9.39 -5.71
CA ARG A 100 -3.96 -10.59 -5.80
C ARG A 100 -3.62 -11.56 -4.68
N SER A 101 -3.44 -11.03 -3.48
CA SER A 101 -3.11 -11.86 -2.32
C SER A 101 -3.10 -11.02 -1.04
N LYS A 102 -3.76 -11.52 -0.01
CA LYS A 102 -3.83 -10.83 1.28
C LYS A 102 -3.07 -11.59 2.35
N GLN A 103 -2.93 -12.90 2.16
CA GLN A 103 -2.21 -13.74 3.11
C GLN A 103 -0.70 -13.51 3.01
N ALA A 104 -0.24 -13.20 1.82
CA ALA A 104 1.18 -12.98 1.59
C ALA A 104 1.64 -11.68 2.26
N LEU A 105 0.87 -10.61 2.06
CA LEU A 105 1.20 -9.32 2.65
C LEU A 105 1.26 -9.41 4.18
N GLY A 106 0.51 -10.35 4.74
CA GLY A 106 0.50 -10.53 6.18
C GLY A 106 1.72 -11.27 6.68
N ARG A 107 2.15 -12.28 5.92
CA ARG A 107 3.31 -13.06 6.30
C ARG A 107 4.51 -12.16 6.60
N ALA A 108 4.69 -11.14 5.79
CA ALA A 108 5.80 -10.20 5.97
C ALA A 108 5.50 -9.22 7.10
N CYS A 109 4.22 -8.96 7.33
CA CYS A 109 3.80 -8.04 8.38
C CYS A 109 4.11 -8.60 9.76
N GLY A 110 4.01 -9.92 9.89
CA GLY A 110 4.27 -10.57 11.16
C GLY A 110 3.03 -11.18 11.77
N VAL A 111 2.03 -11.44 10.94
CA VAL A 111 0.78 -12.02 11.42
C VAL A 111 0.44 -13.30 10.64
N SER A 112 -0.13 -14.27 11.35
CA SER A 112 -0.50 -15.53 10.74
C SER A 112 -1.64 -15.35 9.73
N ARG A 113 -2.59 -14.49 10.09
CA ARG A 113 -3.73 -14.22 9.23
C ARG A 113 -3.48 -12.99 8.35
N PRO A 114 -4.25 -12.87 7.26
CA PRO A 114 -4.13 -11.75 6.32
C PRO A 114 -4.60 -10.44 6.92
N VAL A 115 -4.14 -9.32 6.36
CA VAL A 115 -4.53 -8.00 6.84
C VAL A 115 -5.24 -7.20 5.74
N ILE A 116 -6.16 -6.34 6.16
CA ILE A 116 -6.91 -5.52 5.21
C ILE A 116 -6.00 -4.49 4.54
N ALA A 117 -5.53 -3.52 5.32
CA ALA A 117 -4.65 -2.49 4.81
C ALA A 117 -3.59 -2.09 5.83
N CYS A 118 -2.34 -2.05 5.39
CA CYS A 118 -1.23 -1.69 6.27
C CYS A 118 -0.54 -0.44 5.79
N SER A 119 0.01 0.34 6.73
CA SER A 119 0.70 1.57 6.39
C SER A 119 2.21 1.37 6.41
N VAL A 120 2.88 1.84 5.35
CA VAL A 120 4.32 1.71 5.24
C VAL A 120 5.02 3.06 5.44
N THR A 121 5.70 3.20 6.57
CA THR A 121 6.40 4.44 6.88
C THR A 121 7.82 4.42 6.33
N ILE A 122 8.35 5.61 6.02
CA ILE A 122 9.69 5.72 5.47
C ILE A 122 10.63 6.41 6.47
N LYS A 123 11.89 6.02 6.44
CA LYS A 123 12.89 6.59 7.34
C LYS A 123 14.07 7.14 6.56
N GLU A 124 14.08 8.46 6.35
CA GLU A 124 15.16 9.11 5.61
C GLU A 124 16.47 9.04 6.39
N GLY A 125 17.50 8.53 5.74
CA GLY A 125 18.80 8.41 6.38
C GLY A 125 19.57 7.19 5.91
N SER A 126 18.85 6.21 5.37
CA SER A 126 19.47 4.98 4.89
C SER A 126 19.11 4.72 3.43
N GLN A 127 19.89 3.88 2.77
CA GLN A 127 19.65 3.55 1.37
C GLN A 127 18.24 3.02 1.17
N LEU A 128 17.68 2.44 2.22
CA LEU A 128 16.33 1.89 2.17
C LEU A 128 15.34 2.91 1.64
N LYS A 129 15.59 4.18 1.96
CA LYS A 129 14.72 5.27 1.51
C LYS A 129 14.61 5.29 -0.01
N GLN A 130 15.67 4.86 -0.69
CA GLN A 130 15.69 4.83 -2.14
C GLN A 130 14.89 3.64 -2.67
N GLN A 131 15.10 2.47 -2.07
CA GLN A 131 14.39 1.27 -2.48
C GLN A 131 12.87 1.46 -2.38
N ILE A 132 12.44 2.06 -1.29
CA ILE A 132 11.02 2.32 -1.08
C ILE A 132 10.46 3.30 -2.11
N GLN A 133 11.30 4.26 -2.50
CA GLN A 133 10.90 5.27 -3.48
C GLN A 133 10.93 4.68 -4.89
N SER A 134 11.78 3.68 -5.09
CA SER A 134 11.90 3.05 -6.40
C SER A 134 10.61 2.36 -6.80
N ILE A 135 10.08 1.54 -5.91
CA ILE A 135 8.84 0.82 -6.16
C ILE A 135 7.66 1.78 -6.31
N GLN A 136 7.74 2.91 -5.61
CA GLN A 136 6.68 3.92 -5.66
C GLN A 136 6.55 4.49 -7.07
N GLN A 137 7.67 4.83 -7.68
CA GLN A 137 7.68 5.39 -9.02
C GLN A 137 6.91 4.50 -9.98
N SER A 138 7.07 3.18 -9.82
CA SER A 138 6.38 2.22 -10.68
C SER A 138 4.87 2.36 -10.55
N ILE A 139 4.41 2.67 -9.34
CA ILE A 139 2.98 2.83 -9.09
C ILE A 139 2.41 4.00 -9.87
N GLU A 140 3.17 5.09 -9.93
CA GLU A 140 2.74 6.29 -10.65
C GLU A 140 2.54 5.99 -12.13
N ARG A 141 3.44 5.19 -12.70
CA ARG A 141 3.35 4.83 -14.10
C ARG A 141 2.04 4.12 -14.41
N LEU A 142 1.69 3.14 -13.58
CA LEU A 142 0.46 2.39 -13.77
C LEU A 142 -0.75 3.24 -13.42
N LEU A 143 -0.59 4.12 -12.44
CA LEU A 143 -1.67 5.00 -12.01
C LEU A 143 -2.21 5.81 -13.18
N VAL A 144 -1.32 6.49 -13.89
CA VAL A 144 -1.70 7.30 -15.04
C VAL A 144 -1.40 6.57 -16.35
N MET A 17 -16.55 18.33 -9.14
CA MET A 17 -17.11 17.82 -10.40
C MET A 17 -16.31 16.61 -10.89
N THR A 18 -17.03 15.66 -11.49
CA THR A 18 -16.39 14.45 -12.01
C THR A 18 -15.74 13.66 -10.89
N GLU A 19 -16.46 12.64 -10.40
CA GLU A 19 -15.94 11.80 -9.32
C GLU A 19 -16.85 10.60 -9.09
N ALA A 20 -16.35 9.41 -9.38
CA ALA A 20 -17.12 8.18 -9.19
C ALA A 20 -17.10 7.73 -7.74
N ASP A 21 -18.25 7.29 -7.24
CA ASP A 21 -18.36 6.82 -5.86
C ASP A 21 -18.53 5.31 -5.81
N VAL A 22 -17.81 4.61 -6.67
CA VAL A 22 -17.88 3.15 -6.72
C VAL A 22 -16.57 2.52 -6.27
N ASN A 23 -16.67 1.37 -5.60
CA ASN A 23 -15.50 0.66 -5.11
C ASN A 23 -14.47 0.46 -6.23
N PRO A 24 -13.21 0.25 -5.84
CA PRO A 24 -12.11 0.05 -6.79
C PRO A 24 -12.21 -1.29 -7.52
N LYS A 25 -12.44 -2.36 -6.77
CA LYS A 25 -12.56 -3.69 -7.35
C LYS A 25 -11.38 -3.99 -8.26
N ALA A 26 -10.18 -3.67 -7.81
CA ALA A 26 -8.98 -3.92 -8.59
C ALA A 26 -8.96 -3.07 -9.86
N TYR A 27 -8.86 -1.77 -9.69
CA TYR A 27 -8.85 -0.84 -10.83
C TYR A 27 -8.26 0.50 -10.43
N PRO A 28 -6.97 0.69 -10.74
CA PRO A 28 -6.16 -0.32 -11.42
C PRO A 28 -5.87 -1.52 -10.52
N LEU A 29 -5.28 -2.56 -11.11
CA LEU A 29 -4.94 -3.77 -10.36
C LEU A 29 -3.49 -4.16 -10.58
N ALA A 30 -2.66 -3.95 -9.56
CA ALA A 30 -1.24 -4.29 -9.65
C ALA A 30 -1.04 -5.81 -9.61
N ASP A 31 -0.46 -6.35 -10.67
CA ASP A 31 -0.20 -7.78 -10.75
C ASP A 31 0.82 -8.21 -9.70
N ALA A 32 0.99 -9.52 -9.56
CA ALA A 32 1.95 -10.07 -8.60
C ALA A 32 3.38 -9.82 -9.04
N HIS A 33 3.56 -9.65 -10.34
CA HIS A 33 4.89 -9.41 -10.90
C HIS A 33 5.56 -8.21 -10.23
N LEU A 34 4.77 -7.17 -9.96
CA LEU A 34 5.28 -5.97 -9.32
C LEU A 34 5.22 -6.09 -7.81
N THR A 35 4.07 -6.51 -7.30
CA THR A 35 3.88 -6.68 -5.86
C THR A 35 4.93 -7.60 -5.27
N LYS A 36 5.46 -8.49 -6.11
CA LYS A 36 6.48 -9.44 -5.67
C LYS A 36 7.63 -8.72 -4.98
N LYS A 37 8.22 -7.75 -5.67
CA LYS A 37 9.33 -6.98 -5.13
C LYS A 37 8.88 -6.10 -3.97
N LEU A 38 7.63 -5.64 -4.04
CA LEU A 38 7.07 -4.79 -2.99
C LEU A 38 6.98 -5.55 -1.67
N LEU A 39 6.61 -6.82 -1.75
CA LEU A 39 6.49 -7.66 -0.56
C LEU A 39 7.78 -7.64 0.26
N ASP A 40 8.90 -7.47 -0.44
CA ASP A 40 10.21 -7.43 0.23
C ASP A 40 10.32 -6.22 1.14
N LEU A 41 9.61 -5.15 0.79
CA LEU A 41 9.62 -3.93 1.58
C LEU A 41 8.91 -4.12 2.91
N VAL A 42 7.86 -4.94 2.90
CA VAL A 42 7.09 -5.21 4.11
C VAL A 42 7.95 -5.92 5.15
N GLN A 43 8.58 -7.02 4.74
CA GLN A 43 9.43 -7.79 5.65
C GLN A 43 10.58 -6.93 6.17
N GLN A 44 11.06 -6.01 5.34
CA GLN A 44 12.15 -5.13 5.72
C GLN A 44 11.67 -4.04 6.67
N SER A 45 10.41 -3.64 6.52
CA SER A 45 9.84 -2.61 7.37
C SER A 45 10.08 -2.91 8.84
N CYS A 46 9.71 -4.11 9.26
CA CYS A 46 9.88 -4.53 10.65
C CYS A 46 11.35 -4.46 11.05
N ASN A 47 12.23 -4.58 10.07
CA ASN A 47 13.67 -4.55 10.32
C ASN A 47 14.14 -3.13 10.61
N TYR A 48 13.34 -2.15 10.18
CA TYR A 48 13.67 -0.75 10.39
C TYR A 48 13.08 -0.24 11.71
N LYS A 49 12.61 -1.17 12.53
CA LYS A 49 12.02 -0.82 13.82
C LYS A 49 10.77 0.03 13.64
N GLN A 50 10.15 -0.09 12.47
CA GLN A 50 8.94 0.67 12.17
C GLN A 50 8.10 -0.05 11.12
N LEU A 51 6.79 -0.15 11.38
CA LEU A 51 5.88 -0.81 10.45
C LEU A 51 4.46 -0.27 10.61
N ARG A 52 3.57 -0.69 9.72
CA ARG A 52 2.18 -0.25 9.76
C ARG A 52 1.28 -1.20 8.98
N LYS A 53 0.35 -1.84 9.67
CA LYS A 53 -0.57 -2.78 9.04
C LYS A 53 -1.97 -2.67 9.64
N GLY A 54 -2.73 -1.69 9.17
CA GLY A 54 -4.08 -1.49 9.69
C GLY A 54 -4.84 -0.43 8.92
N ALA A 55 -6.14 -0.65 8.74
CA ALA A 55 -6.98 0.29 8.01
C ALA A 55 -7.35 1.48 8.88
N ASN A 56 -7.69 1.21 10.14
CA ASN A 56 -8.07 2.25 11.09
C ASN A 56 -6.88 3.17 11.38
N GLU A 57 -5.68 2.61 11.33
CA GLU A 57 -4.47 3.37 11.59
C GLU A 57 -4.12 4.28 10.41
N ALA A 58 -4.54 3.87 9.22
CA ALA A 58 -4.29 4.64 8.01
C ALA A 58 -4.74 6.10 8.19
N THR A 59 -5.89 6.28 8.81
CA THR A 59 -6.43 7.62 9.04
C THR A 59 -5.50 8.43 9.94
N LYS A 60 -4.82 7.75 10.85
CA LYS A 60 -3.90 8.41 11.77
C LYS A 60 -2.57 8.71 11.09
N THR A 61 -2.01 7.70 10.42
CA THR A 61 -0.74 7.85 9.73
C THR A 61 -0.78 9.02 8.74
N LEU A 62 -1.88 9.12 8.00
CA LEU A 62 -2.05 10.19 7.03
C LEU A 62 -1.94 11.56 7.70
N ASN A 63 -2.48 11.66 8.90
CA ASN A 63 -2.44 12.91 9.66
C ASN A 63 -1.02 13.24 10.12
N ARG A 64 -0.30 12.20 10.52
CA ARG A 64 1.07 12.36 11.00
C ARG A 64 1.98 12.85 9.87
N GLY A 65 1.58 12.57 8.63
CA GLY A 65 2.37 12.97 7.49
C GLY A 65 3.57 12.08 7.26
N ILE A 66 3.36 10.77 7.37
CA ILE A 66 4.43 9.81 7.16
C ILE A 66 4.00 8.68 6.24
N SER A 67 2.96 8.93 5.45
CA SER A 67 2.44 7.94 4.52
C SER A 67 3.13 8.04 3.17
N GLU A 68 4.12 7.19 2.95
CA GLU A 68 4.87 7.19 1.70
C GLU A 68 4.51 5.97 0.84
N PHE A 69 4.11 4.89 1.51
CA PHE A 69 3.74 3.66 0.83
C PHE A 69 2.46 3.06 1.43
N ILE A 70 1.53 2.70 0.57
CA ILE A 70 0.27 2.11 1.01
C ILE A 70 -0.21 1.03 0.05
N VAL A 71 -0.55 -0.13 0.59
CA VAL A 71 -1.03 -1.25 -0.22
C VAL A 71 -2.21 -1.94 0.44
N MET A 72 -3.06 -2.56 -0.37
CA MET A 72 -4.23 -3.28 0.14
C MET A 72 -4.59 -4.45 -0.77
N ALA A 73 -5.48 -5.31 -0.28
CA ALA A 73 -5.91 -6.47 -1.05
C ALA A 73 -7.18 -6.17 -1.83
N ALA A 74 -7.10 -6.33 -3.15
CA ALA A 74 -8.26 -6.08 -4.01
C ALA A 74 -9.46 -6.91 -3.58
N ASP A 75 -9.20 -8.03 -2.91
CA ASP A 75 -10.26 -8.91 -2.44
C ASP A 75 -10.34 -8.91 -0.92
N ALA A 76 -10.05 -7.75 -0.32
CA ALA A 76 -10.10 -7.63 1.14
C ALA A 76 -11.18 -6.65 1.57
N GLU A 77 -11.76 -6.91 2.74
CA GLU A 77 -12.83 -6.07 3.26
C GLU A 77 -12.62 -5.81 4.75
N PRO A 78 -13.28 -4.75 5.27
CA PRO A 78 -14.13 -3.88 4.46
C PRO A 78 -13.33 -3.04 3.48
N LEU A 79 -13.89 -2.84 2.28
CA LEU A 79 -13.23 -2.05 1.25
C LEU A 79 -13.61 -0.58 1.37
N GLU A 80 -14.78 -0.32 1.95
CA GLU A 80 -15.25 1.05 2.13
C GLU A 80 -14.24 1.88 2.91
N ILE A 81 -13.80 1.35 4.04
CA ILE A 81 -12.84 2.04 4.89
C ILE A 81 -11.60 2.45 4.09
N ILE A 82 -11.09 1.53 3.28
CA ILE A 82 -9.91 1.80 2.46
C ILE A 82 -10.16 2.97 1.52
N LEU A 83 -11.43 3.21 1.21
CA LEU A 83 -11.81 4.30 0.31
C LEU A 83 -11.86 5.63 1.07
N HIS A 84 -11.80 5.55 2.39
CA HIS A 84 -11.84 6.74 3.23
C HIS A 84 -10.50 7.47 3.22
N LEU A 85 -9.44 6.71 2.94
CA LEU A 85 -8.08 7.27 2.91
C LEU A 85 -8.02 8.43 1.92
N PRO A 86 -8.31 8.14 0.64
CA PRO A 86 -8.29 9.14 -0.43
C PRO A 86 -9.41 10.16 -0.29
N LEU A 87 -9.05 11.44 -0.30
CA LEU A 87 -10.04 12.51 -0.19
C LEU A 87 -10.64 12.84 -1.54
N LEU A 88 -9.80 13.20 -2.50
CA LEU A 88 -10.25 13.55 -3.84
C LEU A 88 -9.79 12.50 -4.86
N CYS A 89 -8.51 12.54 -5.19
CA CYS A 89 -7.95 11.58 -6.15
C CYS A 89 -6.44 11.71 -6.21
N GLU A 90 -5.82 11.00 -7.16
CA GLU A 90 -4.37 11.04 -7.33
C GLU A 90 -3.87 12.48 -7.44
N ASP A 91 -4.68 13.33 -8.05
CA ASP A 91 -4.32 14.73 -8.24
C ASP A 91 -4.11 15.42 -6.89
N LYS A 92 -4.79 14.92 -5.86
CA LYS A 92 -4.68 15.49 -4.52
C LYS A 92 -3.59 14.77 -3.72
N ASN A 93 -2.74 14.02 -4.42
CA ASN A 93 -1.66 13.28 -3.78
C ASN A 93 -2.21 12.18 -2.89
N VAL A 94 -2.40 11.00 -3.46
CA VAL A 94 -2.92 9.86 -2.71
C VAL A 94 -2.39 8.55 -3.27
N PRO A 95 -1.23 8.10 -2.74
CA PRO A 95 -0.59 6.85 -3.17
C PRO A 95 -1.39 5.62 -2.74
N TYR A 96 -1.36 4.59 -3.58
CA TYR A 96 -2.07 3.34 -3.28
C TYR A 96 -1.85 2.31 -4.38
N VAL A 97 -1.77 1.04 -4.00
CA VAL A 97 -1.57 -0.04 -4.95
C VAL A 97 -2.29 -1.30 -4.51
N PHE A 98 -2.97 -1.94 -5.46
CA PHE A 98 -3.70 -3.17 -5.17
C PHE A 98 -2.83 -4.40 -5.40
N VAL A 99 -3.28 -5.54 -4.89
CA VAL A 99 -2.54 -6.79 -5.04
C VAL A 99 -3.49 -7.98 -5.17
N ARG A 100 -2.92 -9.15 -5.41
CA ARG A 100 -3.71 -10.37 -5.55
C ARG A 100 -3.33 -11.39 -4.49
N SER A 101 -3.16 -10.93 -3.26
CA SER A 101 -2.78 -11.81 -2.16
C SER A 101 -3.07 -11.14 -0.82
N LYS A 102 -3.67 -11.90 0.10
CA LYS A 102 -4.00 -11.38 1.42
C LYS A 102 -3.22 -12.12 2.50
N GLN A 103 -3.02 -13.42 2.31
CA GLN A 103 -2.29 -14.23 3.26
C GLN A 103 -0.80 -13.88 3.24
N ALA A 104 -0.26 -13.69 2.05
CA ALA A 104 1.15 -13.35 1.90
C ALA A 104 1.43 -11.93 2.38
N LEU A 105 0.45 -11.05 2.23
CA LEU A 105 0.60 -9.67 2.66
C LEU A 105 0.88 -9.59 4.16
N GLY A 106 -0.03 -10.15 4.96
CA GLY A 106 0.15 -10.12 6.40
C GLY A 106 1.36 -10.93 6.85
N ARG A 107 1.57 -12.07 6.21
CA ARG A 107 2.69 -12.94 6.56
C ARG A 107 4.00 -12.16 6.51
N ALA A 108 4.26 -11.51 5.38
CA ALA A 108 5.48 -10.72 5.20
C ALA A 108 5.68 -9.75 6.37
N CYS A 109 4.63 -9.01 6.69
CA CYS A 109 4.69 -8.04 7.78
C CYS A 109 5.11 -8.72 9.09
N GLY A 110 4.80 -10.01 9.19
CA GLY A 110 5.14 -10.75 10.40
C GLY A 110 3.97 -10.90 11.34
N VAL A 111 2.75 -10.75 10.80
CA VAL A 111 1.54 -10.86 11.60
C VAL A 111 0.88 -12.22 11.40
N SER A 112 0.19 -12.70 12.43
CA SER A 112 -0.49 -13.99 12.37
C SER A 112 -1.98 -13.80 12.13
N ARG A 113 -2.33 -12.78 11.35
CA ARG A 113 -3.72 -12.50 11.04
C ARG A 113 -3.85 -11.80 9.69
N PRO A 114 -5.06 -11.85 9.11
CA PRO A 114 -5.35 -11.23 7.81
C PRO A 114 -5.32 -9.71 7.88
N VAL A 115 -4.79 -9.08 6.84
CA VAL A 115 -4.71 -7.62 6.78
C VAL A 115 -5.45 -7.08 5.56
N ILE A 116 -6.01 -5.89 5.69
CA ILE A 116 -6.74 -5.26 4.60
C ILE A 116 -6.00 -4.03 4.08
N ALA A 117 -5.38 -3.29 4.99
CA ALA A 117 -4.63 -2.09 4.63
C ALA A 117 -3.30 -2.03 5.37
N CYS A 118 -2.29 -1.48 4.71
CA CYS A 118 -0.96 -1.36 5.31
C CYS A 118 -0.34 0.00 4.98
N SER A 119 0.73 0.34 5.69
CA SER A 119 1.41 1.61 5.48
C SER A 119 2.90 1.48 5.82
N VAL A 120 3.71 2.32 5.18
CA VAL A 120 5.15 2.30 5.41
C VAL A 120 5.69 3.71 5.64
N THR A 121 6.24 3.94 6.83
CA THR A 121 6.80 5.25 7.17
C THR A 121 8.23 5.39 6.70
N ILE A 122 8.48 6.38 5.85
CA ILE A 122 9.82 6.61 5.32
C ILE A 122 10.79 6.99 6.44
N LYS A 123 12.05 6.60 6.27
CA LYS A 123 13.08 6.91 7.26
C LYS A 123 14.09 7.91 6.72
N GLU A 124 13.97 9.16 7.16
CA GLU A 124 14.86 10.22 6.72
C GLU A 124 16.31 9.88 7.07
N GLY A 125 17.16 9.81 6.05
CA GLY A 125 18.56 9.50 6.26
C GLY A 125 18.81 8.01 6.38
N SER A 126 18.35 7.26 5.39
CA SER A 126 18.53 5.80 5.39
C SER A 126 18.62 5.27 3.96
N GLN A 127 19.16 4.07 3.82
CA GLN A 127 19.31 3.45 2.51
C GLN A 127 17.95 3.08 1.93
N LEU A 128 16.98 2.84 2.81
CA LEU A 128 15.63 2.47 2.39
C LEU A 128 15.06 3.52 1.44
N LYS A 129 15.50 4.77 1.60
CA LYS A 129 15.04 5.86 0.75
C LYS A 129 15.19 5.51 -0.72
N GLN A 130 16.19 4.68 -1.02
CA GLN A 130 16.45 4.27 -2.41
C GLN A 130 15.52 3.14 -2.82
N GLN A 131 15.17 2.28 -1.86
CA GLN A 131 14.29 1.16 -2.12
C GLN A 131 12.86 1.62 -2.34
N ILE A 132 12.32 2.33 -1.34
CA ILE A 132 10.95 2.83 -1.42
C ILE A 132 10.77 3.73 -2.64
N GLN A 133 11.71 4.65 -2.83
CA GLN A 133 11.65 5.56 -3.97
C GLN A 133 11.66 4.81 -5.29
N SER A 134 12.57 3.86 -5.41
CA SER A 134 12.69 3.05 -6.63
C SER A 134 11.35 2.45 -7.01
N ILE A 135 10.71 1.78 -6.04
CA ILE A 135 9.42 1.15 -6.28
C ILE A 135 8.32 2.20 -6.46
N GLN A 136 8.48 3.33 -5.79
CA GLN A 136 7.50 4.41 -5.87
C GLN A 136 7.22 4.77 -7.34
N GLN A 137 8.29 4.93 -8.11
CA GLN A 137 8.16 5.28 -9.52
C GLN A 137 7.21 4.32 -10.23
N SER A 138 7.15 3.08 -9.76
CA SER A 138 6.28 2.08 -10.35
C SER A 138 4.82 2.33 -9.97
N ILE A 139 4.60 2.78 -8.73
CA ILE A 139 3.26 3.06 -8.25
C ILE A 139 2.58 4.12 -9.10
N GLU A 140 3.30 5.20 -9.38
CA GLU A 140 2.76 6.29 -10.19
C GLU A 140 2.24 5.78 -11.53
N ARG A 141 3.02 4.90 -12.16
CA ARG A 141 2.64 4.33 -13.45
C ARG A 141 1.24 3.74 -13.39
N LEU A 142 0.98 2.92 -12.36
CA LEU A 142 -0.31 2.29 -12.19
C LEU A 142 -1.37 3.31 -11.77
N LEU A 143 -1.00 4.18 -10.83
CA LEU A 143 -1.92 5.21 -10.35
C LEU A 143 -1.23 6.57 -10.32
N VAL A 144 -1.44 7.36 -11.37
CA VAL A 144 -0.85 8.69 -11.47
C VAL A 144 -1.15 9.51 -10.23
N MET A 17 -26.79 12.19 -14.57
CA MET A 17 -26.39 10.79 -14.41
C MET A 17 -25.12 10.49 -15.21
N THR A 18 -24.21 11.46 -15.25
CA THR A 18 -22.96 11.30 -15.98
C THR A 18 -21.76 11.27 -15.04
N GLU A 19 -21.92 10.56 -13.92
CA GLU A 19 -20.85 10.46 -12.93
C GLU A 19 -21.23 9.45 -11.84
N ALA A 20 -21.89 8.37 -12.24
CA ALA A 20 -22.30 7.34 -11.30
C ALA A 20 -21.82 5.97 -11.75
N ASP A 21 -21.98 4.97 -10.88
CA ASP A 21 -21.57 3.61 -11.19
C ASP A 21 -20.11 3.58 -11.63
N VAL A 22 -19.21 3.93 -10.73
CA VAL A 22 -17.78 3.94 -11.03
C VAL A 22 -16.97 3.33 -9.89
N ASN A 23 -16.08 2.40 -10.24
CA ASN A 23 -15.26 1.73 -9.24
C ASN A 23 -13.81 1.61 -9.74
N PRO A 24 -12.88 1.41 -8.79
CA PRO A 24 -11.46 1.27 -9.11
C PRO A 24 -11.16 -0.04 -9.83
N LYS A 25 -12.09 -0.99 -9.76
CA LYS A 25 -11.92 -2.28 -10.40
C LYS A 25 -10.66 -2.98 -9.90
N ALA A 26 -10.28 -2.68 -8.66
CA ALA A 26 -9.10 -3.29 -8.07
C ALA A 26 -7.86 -3.03 -8.91
N TYR A 27 -7.86 -1.91 -9.62
CA TYR A 27 -6.74 -1.55 -10.48
C TYR A 27 -6.18 -0.17 -10.11
N PRO A 28 -4.94 0.10 -10.52
CA PRO A 28 -4.12 -0.86 -11.27
C PRO A 28 -3.70 -2.05 -10.43
N LEU A 29 -3.11 -3.05 -11.08
CA LEU A 29 -2.66 -4.26 -10.38
C LEU A 29 -1.20 -4.55 -10.71
N ALA A 30 -0.47 -5.10 -9.74
CA ALA A 30 0.92 -5.44 -9.93
C ALA A 30 1.09 -6.89 -10.38
N ASP A 31 1.85 -7.08 -11.46
CA ASP A 31 2.08 -8.42 -11.98
C ASP A 31 2.89 -9.26 -11.01
N ALA A 32 3.09 -10.53 -11.35
CA ALA A 32 3.84 -11.44 -10.50
C ALA A 32 5.28 -10.95 -10.30
N HIS A 33 5.87 -10.44 -11.38
CA HIS A 33 7.24 -9.94 -11.32
C HIS A 33 7.31 -8.66 -10.48
N LEU A 34 6.24 -7.88 -10.50
CA LEU A 34 6.18 -6.63 -9.74
C LEU A 34 5.90 -6.90 -8.27
N THR A 35 5.02 -7.86 -8.00
CA THR A 35 4.66 -8.21 -6.63
C THR A 35 5.87 -8.71 -5.86
N LYS A 36 6.76 -9.40 -6.55
CA LYS A 36 7.97 -9.94 -5.93
C LYS A 36 8.74 -8.83 -5.21
N LYS A 37 8.82 -7.66 -5.85
CA LYS A 37 9.53 -6.53 -5.28
C LYS A 37 8.72 -5.89 -4.15
N LEU A 38 7.41 -5.83 -4.33
CA LEU A 38 6.52 -5.25 -3.33
C LEU A 38 6.57 -6.06 -2.03
N LEU A 39 6.50 -7.37 -2.16
CA LEU A 39 6.53 -8.25 -1.01
C LEU A 39 7.78 -7.99 -0.15
N ASP A 40 8.87 -7.62 -0.81
CA ASP A 40 10.12 -7.34 -0.13
C ASP A 40 10.00 -6.06 0.71
N LEU A 41 9.21 -5.12 0.23
CA LEU A 41 9.01 -3.86 0.93
C LEU A 41 8.54 -4.09 2.36
N VAL A 42 7.66 -5.07 2.54
CA VAL A 42 7.14 -5.40 3.86
C VAL A 42 8.26 -5.83 4.80
N GLN A 43 9.06 -6.81 4.36
CA GLN A 43 10.17 -7.30 5.16
C GLN A 43 11.21 -6.22 5.39
N GLN A 44 11.34 -5.31 4.43
CA GLN A 44 12.30 -4.22 4.51
C GLN A 44 11.81 -3.15 5.49
N SER A 45 10.50 -2.99 5.57
CA SER A 45 9.91 -1.99 6.45
C SER A 45 10.08 -2.40 7.91
N CYS A 46 9.68 -3.62 8.23
CA CYS A 46 9.79 -4.14 9.60
C CYS A 46 11.25 -4.23 10.02
N ASN A 47 12.14 -4.40 9.05
CA ASN A 47 13.57 -4.51 9.32
C ASN A 47 14.10 -3.22 9.95
N TYR A 48 13.45 -2.11 9.62
CA TYR A 48 13.86 -0.80 10.15
C TYR A 48 13.01 -0.41 11.35
N LYS A 49 12.48 -1.41 12.04
CA LYS A 49 11.64 -1.17 13.21
C LYS A 49 10.44 -0.29 12.85
N GLN A 50 9.93 -0.46 11.65
CA GLN A 50 8.78 0.31 11.19
C GLN A 50 7.76 -0.58 10.49
N LEU A 51 6.49 -0.40 10.83
CA LEU A 51 5.42 -1.20 10.23
C LEU A 51 4.06 -0.62 10.59
N ARG A 52 3.04 -1.01 9.83
CA ARG A 52 1.68 -0.52 10.06
C ARG A 52 0.66 -1.49 9.47
N LYS A 53 -0.08 -2.17 10.34
CA LYS A 53 -1.09 -3.12 9.91
C LYS A 53 -2.43 -2.84 10.60
N GLY A 54 -3.17 -1.89 10.06
CA GLY A 54 -4.46 -1.53 10.63
C GLY A 54 -5.23 -0.55 9.77
N ALA A 55 -6.55 -0.70 9.74
CA ALA A 55 -7.39 0.19 8.95
C ALA A 55 -7.54 1.55 9.64
N ASN A 56 -7.70 1.53 10.96
CA ASN A 56 -7.85 2.76 11.72
C ASN A 56 -6.53 3.51 11.82
N GLU A 57 -5.43 2.76 11.80
CA GLU A 57 -4.10 3.36 11.88
C GLU A 57 -3.69 3.97 10.55
N ALA A 58 -4.17 3.38 9.46
CA ALA A 58 -3.86 3.86 8.12
C ALA A 58 -4.17 5.34 7.98
N THR A 59 -5.20 5.80 8.70
CA THR A 59 -5.60 7.19 8.65
C THR A 59 -4.74 8.04 9.58
N LYS A 60 -4.19 7.40 10.61
CA LYS A 60 -3.35 8.09 11.58
C LYS A 60 -1.99 8.44 10.97
N THR A 61 -1.45 7.53 10.17
CA THR A 61 -0.16 7.74 9.54
C THR A 61 -0.15 9.06 8.75
N LEU A 62 -1.05 9.17 7.79
CA LEU A 62 -1.14 10.38 6.97
C LEU A 62 -1.49 11.60 7.84
N ASN A 63 -2.23 11.36 8.91
CA ASN A 63 -2.63 12.43 9.81
C ASN A 63 -1.41 13.04 10.51
N ARG A 64 -0.35 12.25 10.64
CA ARG A 64 0.87 12.70 11.28
C ARG A 64 1.81 13.33 10.26
N GLY A 65 1.67 12.93 9.00
CA GLY A 65 2.52 13.47 7.96
C GLY A 65 3.66 12.54 7.60
N ILE A 66 3.35 11.25 7.48
CA ILE A 66 4.35 10.25 7.14
C ILE A 66 3.77 9.16 6.25
N SER A 67 2.65 9.46 5.61
CA SER A 67 1.98 8.51 4.73
C SER A 67 2.48 8.66 3.30
N GLU A 68 3.52 7.91 2.96
CA GLU A 68 4.10 7.97 1.61
C GLU A 68 3.78 6.70 0.83
N PHE A 69 3.60 5.60 1.56
CA PHE A 69 3.28 4.32 0.93
C PHE A 69 2.10 3.64 1.63
N ILE A 70 1.19 3.08 0.84
CA ILE A 70 0.02 2.41 1.38
C ILE A 70 -0.40 1.25 0.50
N VAL A 71 -0.56 0.07 1.09
CA VAL A 71 -0.97 -1.12 0.36
C VAL A 71 -2.18 -1.78 1.01
N MET A 72 -3.15 -2.17 0.18
CA MET A 72 -4.36 -2.81 0.67
C MET A 72 -4.87 -3.84 -0.33
N ALA A 73 -5.68 -4.77 0.15
CA ALA A 73 -6.23 -5.82 -0.70
C ALA A 73 -7.42 -5.30 -1.51
N ALA A 74 -7.52 -5.74 -2.75
CA ALA A 74 -8.61 -5.32 -3.63
C ALA A 74 -9.96 -5.70 -3.06
N ASP A 75 -9.98 -6.79 -2.28
CA ASP A 75 -11.22 -7.26 -1.66
C ASP A 75 -11.12 -7.20 -0.14
N ALA A 76 -10.28 -6.30 0.36
CA ALA A 76 -10.10 -6.14 1.79
C ALA A 76 -11.19 -5.26 2.39
N GLU A 77 -11.92 -5.81 3.37
CA GLU A 77 -12.99 -5.07 4.02
C GLU A 77 -12.67 -4.84 5.50
N PRO A 78 -13.37 -3.86 6.10
CA PRO A 78 -14.38 -3.05 5.41
C PRO A 78 -13.77 -2.11 4.38
N LEU A 79 -14.45 -1.95 3.25
CA LEU A 79 -13.97 -1.08 2.19
C LEU A 79 -14.54 0.33 2.34
N GLU A 80 -15.70 0.43 2.97
CA GLU A 80 -16.36 1.71 3.19
C GLU A 80 -15.42 2.69 3.89
N ILE A 81 -14.50 2.15 4.69
CA ILE A 81 -13.55 2.98 5.42
C ILE A 81 -12.29 3.23 4.58
N ILE A 82 -11.99 2.30 3.69
CA ILE A 82 -10.83 2.42 2.82
C ILE A 82 -10.96 3.62 1.89
N LEU A 83 -12.20 4.04 1.64
CA LEU A 83 -12.46 5.17 0.76
C LEU A 83 -12.29 6.49 1.51
N HIS A 84 -12.47 6.44 2.83
CA HIS A 84 -12.34 7.63 3.67
C HIS A 84 -10.87 7.97 3.89
N LEU A 85 -10.01 6.97 3.76
CA LEU A 85 -8.57 7.15 3.95
C LEU A 85 -8.07 8.33 3.13
N PRO A 86 -8.24 8.24 1.80
CA PRO A 86 -7.81 9.29 0.86
C PRO A 86 -8.65 10.56 0.99
N LEU A 87 -7.99 11.67 1.27
CA LEU A 87 -8.67 12.95 1.42
C LEU A 87 -9.38 13.34 0.12
N LEU A 88 -8.64 13.34 -0.98
CA LEU A 88 -9.19 13.68 -2.28
C LEU A 88 -9.27 12.45 -3.19
N CYS A 89 -8.12 12.00 -3.66
CA CYS A 89 -8.05 10.84 -4.54
C CYS A 89 -6.63 10.31 -4.65
N GLU A 90 -6.46 9.24 -5.42
CA GLU A 90 -5.14 8.64 -5.60
C GLU A 90 -4.27 9.50 -6.50
N ASP A 91 -4.90 10.20 -7.44
CA ASP A 91 -4.19 11.05 -8.37
C ASP A 91 -3.99 12.45 -7.78
N LYS A 92 -4.71 12.74 -6.69
CA LYS A 92 -4.61 14.03 -6.03
C LYS A 92 -3.44 14.05 -5.05
N ASN A 93 -3.27 12.95 -4.32
CA ASN A 93 -2.18 12.84 -3.35
C ASN A 93 -2.40 11.67 -2.41
N VAL A 94 -2.59 10.49 -2.99
CA VAL A 94 -2.81 9.27 -2.19
C VAL A 94 -2.31 8.04 -2.93
N PRO A 95 -1.03 7.71 -2.71
CA PRO A 95 -0.39 6.54 -3.34
C PRO A 95 -0.94 5.22 -2.80
N TYR A 96 -1.72 4.52 -3.62
CA TYR A 96 -2.30 3.25 -3.22
C TYR A 96 -1.82 2.12 -4.13
N VAL A 97 -2.32 0.92 -3.87
CA VAL A 97 -1.94 -0.25 -4.67
C VAL A 97 -2.79 -1.47 -4.31
N PHE A 98 -3.27 -2.18 -5.32
CA PHE A 98 -4.09 -3.35 -5.11
C PHE A 98 -3.34 -4.63 -5.51
N VAL A 99 -3.29 -5.59 -4.59
CA VAL A 99 -2.60 -6.85 -4.85
C VAL A 99 -3.58 -8.02 -4.86
N ARG A 100 -3.33 -8.98 -5.74
CA ARG A 100 -4.19 -10.15 -5.85
C ARG A 100 -3.76 -11.25 -4.88
N SER A 101 -3.62 -10.87 -3.61
CA SER A 101 -3.20 -11.82 -2.57
C SER A 101 -3.61 -11.33 -1.19
N LYS A 102 -3.24 -12.09 -0.17
CA LYS A 102 -3.57 -11.74 1.20
C LYS A 102 -2.66 -12.45 2.19
N GLN A 103 -2.52 -13.76 2.00
CA GLN A 103 -1.66 -14.56 2.88
C GLN A 103 -0.20 -14.12 2.77
N ALA A 104 0.26 -13.89 1.55
CA ALA A 104 1.63 -13.46 1.32
C ALA A 104 1.91 -12.14 2.01
N LEU A 105 0.89 -11.29 2.10
CA LEU A 105 1.04 -9.99 2.75
C LEU A 105 1.04 -10.13 4.26
N GLY A 106 0.31 -11.12 4.77
CA GLY A 106 0.26 -11.35 6.20
C GLY A 106 1.49 -12.07 6.72
N ARG A 107 1.88 -13.14 6.06
CA ARG A 107 3.04 -13.93 6.46
C ARG A 107 4.29 -13.06 6.47
N ALA A 108 4.30 -12.04 5.63
CA ALA A 108 5.44 -11.13 5.55
C ALA A 108 5.65 -10.39 6.87
N CYS A 109 4.56 -10.05 7.53
CA CYS A 109 4.62 -9.34 8.80
C CYS A 109 4.78 -10.32 9.96
N GLY A 110 4.20 -11.50 9.82
CA GLY A 110 4.28 -12.50 10.87
C GLY A 110 3.04 -12.53 11.74
N VAL A 111 1.87 -12.52 11.12
CA VAL A 111 0.61 -12.55 11.86
C VAL A 111 -0.15 -13.85 11.58
N SER A 112 -1.16 -14.11 12.41
CA SER A 112 -1.97 -15.31 12.26
C SER A 112 -3.01 -15.14 11.16
N ARG A 113 -3.60 -13.95 11.09
CA ARG A 113 -4.61 -13.65 10.08
C ARG A 113 -4.08 -12.67 9.05
N PRO A 114 -4.74 -12.62 7.88
CA PRO A 114 -4.35 -11.73 6.79
C PRO A 114 -4.63 -10.26 7.12
N VAL A 115 -3.93 -9.37 6.42
CA VAL A 115 -4.11 -7.93 6.63
C VAL A 115 -5.02 -7.32 5.57
N ILE A 116 -5.75 -6.28 5.94
CA ILE A 116 -6.66 -5.60 5.03
C ILE A 116 -6.19 -4.19 4.73
N ALA A 117 -5.50 -3.59 5.68
CA ALA A 117 -4.98 -2.22 5.54
C ALA A 117 -3.59 -2.09 6.15
N CYS A 118 -2.62 -1.75 5.31
CA CYS A 118 -1.25 -1.59 5.78
C CYS A 118 -0.53 -0.49 4.99
N SER A 119 0.39 0.19 5.65
CA SER A 119 1.14 1.27 5.02
C SER A 119 2.60 1.27 5.47
N VAL A 120 3.45 1.97 4.73
CA VAL A 120 4.87 2.05 5.06
C VAL A 120 5.30 3.48 5.33
N THR A 121 5.85 3.71 6.52
CA THR A 121 6.30 5.04 6.90
C THR A 121 7.69 5.34 6.35
N ILE A 122 7.79 6.39 5.55
CA ILE A 122 9.07 6.79 4.96
C ILE A 122 9.96 7.49 5.98
N LYS A 123 11.21 7.04 6.06
CA LYS A 123 12.17 7.63 6.99
C LYS A 123 13.36 8.22 6.26
N GLU A 124 13.46 9.54 6.26
CA GLU A 124 14.56 10.24 5.59
C GLU A 124 15.88 10.00 6.32
N GLY A 125 16.95 9.84 5.54
CA GLY A 125 18.25 9.60 6.13
C GLY A 125 18.67 8.15 6.06
N SER A 126 17.69 7.26 5.94
CA SER A 126 17.96 5.83 5.88
C SER A 126 18.12 5.38 4.43
N GLN A 127 19.07 4.46 4.21
CA GLN A 127 19.32 3.94 2.87
C GLN A 127 18.07 3.34 2.27
N LEU A 128 17.20 2.80 3.12
CA LEU A 128 15.95 2.20 2.66
C LEU A 128 15.09 3.20 1.90
N LYS A 129 15.28 4.48 2.22
CA LYS A 129 14.52 5.55 1.57
C LYS A 129 14.63 5.43 0.06
N GLN A 130 15.75 4.91 -0.42
CA GLN A 130 15.96 4.75 -1.85
C GLN A 130 15.13 3.60 -2.40
N GLN A 131 15.11 2.49 -1.68
CA GLN A 131 14.34 1.32 -2.10
C GLN A 131 12.86 1.66 -2.23
N ILE A 132 12.27 2.17 -1.17
CA ILE A 132 10.86 2.54 -1.16
C ILE A 132 10.53 3.47 -2.32
N GLN A 133 11.49 4.33 -2.66
CA GLN A 133 11.31 5.27 -3.76
C GLN A 133 11.36 4.56 -5.11
N SER A 134 12.32 3.66 -5.26
CA SER A 134 12.48 2.91 -6.51
C SER A 134 11.18 2.21 -6.88
N ILE A 135 10.61 1.49 -5.94
CA ILE A 135 9.36 0.77 -6.17
C ILE A 135 8.21 1.73 -6.42
N GLN A 136 8.29 2.91 -5.80
CA GLN A 136 7.25 3.92 -5.95
C GLN A 136 6.96 4.19 -7.42
N GLN A 137 8.01 4.26 -8.22
CA GLN A 137 7.87 4.51 -9.66
C GLN A 137 6.94 3.49 -10.30
N SER A 138 6.99 2.26 -9.81
CA SER A 138 6.16 1.18 -10.34
C SER A 138 4.68 1.53 -10.20
N ILE A 139 4.31 2.02 -9.02
CA ILE A 139 2.92 2.39 -8.75
C ILE A 139 2.53 3.65 -9.52
N GLU A 140 3.43 4.63 -9.54
CA GLU A 140 3.19 5.88 -10.23
C GLU A 140 2.98 5.65 -11.73
N ARG A 141 3.82 4.79 -12.29
CA ARG A 141 3.74 4.48 -13.72
C ARG A 141 2.34 3.97 -14.08
N LEU A 142 1.83 3.05 -13.29
CA LEU A 142 0.51 2.49 -13.52
C LEU A 142 -0.59 3.48 -13.16
N LEU A 143 -0.37 4.23 -12.09
CA LEU A 143 -1.33 5.24 -11.64
C LEU A 143 -1.70 6.18 -12.77
N VAL A 144 -0.68 6.67 -13.48
CA VAL A 144 -0.90 7.59 -14.59
C VAL A 144 0.11 7.35 -15.71
N MET A 17 -10.51 11.30 -22.34
CA MET A 17 -10.85 9.89 -22.23
C MET A 17 -12.26 9.71 -21.67
N THR A 18 -12.93 8.65 -22.11
CA THR A 18 -14.28 8.35 -21.67
C THR A 18 -14.80 7.06 -22.28
N GLU A 19 -15.19 6.12 -21.42
CA GLU A 19 -15.71 4.83 -21.88
C GLU A 19 -16.47 4.13 -20.77
N ALA A 20 -17.08 4.91 -19.88
CA ALA A 20 -17.84 4.36 -18.77
C ALA A 20 -16.95 3.55 -17.84
N ASP A 21 -16.50 4.17 -16.75
CA ASP A 21 -15.63 3.50 -15.78
C ASP A 21 -15.52 4.31 -14.50
N VAL A 22 -16.60 4.32 -13.71
CA VAL A 22 -16.61 5.07 -12.45
C VAL A 22 -16.35 4.15 -11.27
N ASN A 23 -15.46 3.18 -11.46
CA ASN A 23 -15.13 2.24 -10.41
C ASN A 23 -13.65 1.86 -10.46
N PRO A 24 -13.12 1.34 -9.34
CA PRO A 24 -11.72 0.94 -9.23
C PRO A 24 -11.41 -0.31 -10.05
N LYS A 25 -12.34 -1.27 -10.04
CA LYS A 25 -12.17 -2.50 -10.80
C LYS A 25 -10.88 -3.20 -10.40
N ALA A 26 -10.49 -3.06 -9.13
CA ALA A 26 -9.27 -3.69 -8.63
C ALA A 26 -8.08 -3.34 -9.50
N TYR A 27 -8.12 -2.15 -10.10
CA TYR A 27 -7.04 -1.70 -10.97
C TYR A 27 -6.57 -0.30 -10.56
N PRO A 28 -5.34 0.06 -10.98
CA PRO A 28 -4.49 -0.84 -11.77
C PRO A 28 -3.97 -2.02 -10.97
N LEU A 29 -3.44 -3.02 -11.66
CA LEU A 29 -2.91 -4.20 -11.01
C LEU A 29 -1.47 -4.47 -11.43
N ALA A 30 -0.70 -5.11 -10.55
CA ALA A 30 0.69 -5.43 -10.84
C ALA A 30 0.88 -6.92 -11.07
N ASP A 31 1.69 -7.26 -12.07
CA ASP A 31 1.95 -8.66 -12.40
C ASP A 31 2.52 -9.40 -11.20
N ALA A 32 2.54 -10.73 -11.28
CA ALA A 32 3.05 -11.56 -10.20
C ALA A 32 4.53 -11.26 -9.93
N HIS A 33 5.22 -10.78 -10.96
CA HIS A 33 6.64 -10.46 -10.82
C HIS A 33 6.83 -9.15 -10.05
N LEU A 34 5.97 -8.17 -10.32
CA LEU A 34 6.04 -6.88 -9.66
C LEU A 34 5.68 -7.01 -8.18
N THR A 35 4.58 -7.70 -7.91
CA THR A 35 4.12 -7.89 -6.53
C THR A 35 5.13 -8.69 -5.73
N LYS A 36 5.89 -9.53 -6.41
CA LYS A 36 6.90 -10.36 -5.75
C LYS A 36 7.86 -9.50 -4.94
N LYS A 37 8.30 -8.39 -5.52
CA LYS A 37 9.21 -7.48 -4.85
C LYS A 37 8.50 -6.71 -3.75
N LEU A 38 7.22 -6.41 -3.97
CA LEU A 38 6.42 -5.67 -2.99
C LEU A 38 6.29 -6.46 -1.69
N LEU A 39 6.02 -7.76 -1.82
CA LEU A 39 5.86 -8.63 -0.66
C LEU A 39 7.09 -8.55 0.24
N ASP A 40 8.23 -8.23 -0.35
CA ASP A 40 9.48 -8.11 0.40
C ASP A 40 9.52 -6.80 1.18
N LEU A 41 8.98 -5.75 0.59
CA LEU A 41 8.96 -4.44 1.22
C LEU A 41 8.10 -4.45 2.48
N VAL A 42 7.04 -5.25 2.45
CA VAL A 42 6.13 -5.36 3.60
C VAL A 42 6.82 -6.01 4.79
N GLN A 43 7.41 -7.18 4.55
CA GLN A 43 8.11 -7.91 5.61
C GLN A 43 9.35 -7.14 6.07
N GLN A 44 10.12 -6.63 5.11
CA GLN A 44 11.32 -5.88 5.41
C GLN A 44 11.00 -4.65 6.24
N SER A 45 9.82 -4.08 6.04
CA SER A 45 9.39 -2.90 6.77
C SER A 45 9.54 -3.11 8.27
N CYS A 46 8.98 -4.20 8.77
CA CYS A 46 9.05 -4.52 10.20
C CYS A 46 10.50 -4.59 10.67
N ASN A 47 11.40 -4.96 9.75
CA ASN A 47 12.81 -5.07 10.08
C ASN A 47 13.44 -3.68 10.22
N TYR A 48 12.77 -2.67 9.69
CA TYR A 48 13.27 -1.30 9.75
C TYR A 48 12.74 -0.59 10.99
N LYS A 49 12.20 -1.36 11.92
CA LYS A 49 11.66 -0.81 13.16
C LYS A 49 10.47 0.11 12.88
N GLN A 50 9.92 -0.01 11.67
CA GLN A 50 8.78 0.80 11.28
C GLN A 50 7.79 -0.01 10.44
N LEU A 51 6.52 0.10 10.77
CA LEU A 51 5.47 -0.62 10.06
C LEU A 51 4.11 0.06 10.24
N ARG A 52 3.12 -0.43 9.50
CA ARG A 52 1.77 0.13 9.57
C ARG A 52 0.76 -0.81 8.92
N LYS A 53 -0.17 -1.32 9.73
CA LYS A 53 -1.20 -2.23 9.23
C LYS A 53 -2.57 -1.85 9.78
N GLY A 54 -3.24 -0.94 9.10
CA GLY A 54 -4.57 -0.51 9.53
C GLY A 54 -5.24 0.40 8.52
N ALA A 55 -6.48 0.08 8.19
CA ALA A 55 -7.24 0.89 7.23
C ALA A 55 -7.68 2.22 7.85
N ASN A 56 -8.06 2.18 9.13
CA ASN A 56 -8.49 3.37 9.83
C ASN A 56 -7.32 4.07 10.50
N GLU A 57 -6.31 3.29 10.87
CA GLU A 57 -5.13 3.83 11.53
C GLU A 57 -4.25 4.60 10.53
N ALA A 58 -4.34 4.22 9.27
CA ALA A 58 -3.56 4.87 8.22
C ALA A 58 -3.87 6.37 8.17
N THR A 59 -5.06 6.74 8.63
CA THR A 59 -5.48 8.14 8.63
C THR A 59 -4.48 9.00 9.39
N LYS A 60 -3.75 8.39 10.31
CA LYS A 60 -2.77 9.11 11.11
C LYS A 60 -1.50 9.35 10.30
N THR A 61 -1.02 8.32 9.62
CA THR A 61 0.18 8.42 8.79
C THR A 61 0.10 9.60 7.84
N LEU A 62 -0.93 9.62 7.00
CA LEU A 62 -1.12 10.69 6.04
C LEU A 62 -1.17 12.05 6.74
N ASN A 63 -1.75 12.08 7.94
CA ASN A 63 -1.86 13.30 8.71
C ASN A 63 -0.48 13.81 9.13
N ARG A 64 0.40 12.87 9.49
CA ARG A 64 1.75 13.23 9.91
C ARG A 64 2.57 13.75 8.73
N GLY A 65 2.18 13.35 7.53
CA GLY A 65 2.89 13.80 6.34
C GLY A 65 4.19 13.04 6.11
N ILE A 66 4.14 11.73 6.31
CA ILE A 66 5.32 10.88 6.14
C ILE A 66 4.95 9.54 5.52
N SER A 67 3.79 9.49 4.87
CA SER A 67 3.32 8.26 4.24
C SER A 67 3.81 8.18 2.79
N GLU A 68 4.50 7.09 2.48
CA GLU A 68 5.02 6.88 1.13
C GLU A 68 3.95 6.29 0.22
N PHE A 69 3.27 5.26 0.71
CA PHE A 69 2.22 4.60 -0.07
C PHE A 69 1.53 3.53 0.77
N ILE A 70 0.32 3.16 0.35
CA ILE A 70 -0.45 2.14 1.05
C ILE A 70 -0.77 0.96 0.15
N VAL A 71 -0.52 -0.25 0.64
CA VAL A 71 -0.79 -1.45 -0.13
C VAL A 71 -1.98 -2.22 0.44
N MET A 72 -2.95 -2.50 -0.42
CA MET A 72 -4.15 -3.23 0.00
C MET A 72 -4.51 -4.32 -1.02
N ALA A 73 -4.95 -5.46 -0.52
CA ALA A 73 -5.33 -6.57 -1.38
C ALA A 73 -6.59 -6.25 -2.18
N ALA A 74 -6.58 -6.58 -3.46
CA ALA A 74 -7.72 -6.32 -4.33
C ALA A 74 -8.97 -7.00 -3.79
N ASP A 75 -8.78 -8.06 -3.02
CA ASP A 75 -9.91 -8.80 -2.46
C ASP A 75 -9.82 -8.81 -0.93
N ALA A 76 -9.34 -7.70 -0.36
CA ALA A 76 -9.22 -7.59 1.09
C ALA A 76 -10.36 -6.77 1.67
N GLU A 77 -10.98 -7.29 2.74
CA GLU A 77 -12.08 -6.60 3.39
C GLU A 77 -11.86 -6.51 4.89
N PRO A 78 -12.59 -5.59 5.54
CA PRO A 78 -13.55 -4.71 4.86
C PRO A 78 -12.86 -3.68 3.97
N LEU A 79 -13.42 -3.45 2.80
CA LEU A 79 -12.86 -2.49 1.85
C LEU A 79 -13.41 -1.10 2.10
N GLU A 80 -14.62 -1.03 2.66
CA GLU A 80 -15.26 0.24 2.96
C GLU A 80 -14.35 1.13 3.79
N ILE A 81 -13.80 0.56 4.86
CA ILE A 81 -12.91 1.30 5.75
C ILE A 81 -11.78 1.97 4.96
N ILE A 82 -11.18 1.21 4.04
CA ILE A 82 -10.10 1.73 3.22
C ILE A 82 -10.55 2.91 2.37
N LEU A 83 -11.85 2.97 2.11
CA LEU A 83 -12.43 4.05 1.31
C LEU A 83 -12.47 5.36 2.11
N HIS A 84 -12.31 5.24 3.42
CA HIS A 84 -12.33 6.41 4.30
C HIS A 84 -11.01 7.18 4.21
N LEU A 85 -9.95 6.45 3.86
CA LEU A 85 -8.63 7.06 3.74
C LEU A 85 -8.67 8.30 2.85
N PRO A 86 -9.09 8.10 1.59
CA PRO A 86 -9.18 9.19 0.62
C PRO A 86 -10.32 10.17 0.94
N LEU A 87 -9.96 11.35 1.40
CA LEU A 87 -10.93 12.37 1.74
C LEU A 87 -11.36 13.17 0.52
N LEU A 88 -10.38 13.77 -0.16
CA LEU A 88 -10.64 14.56 -1.36
C LEU A 88 -10.09 13.86 -2.60
N CYS A 89 -8.78 13.89 -2.75
CA CYS A 89 -8.12 13.27 -3.90
C CYS A 89 -6.61 13.26 -3.72
N GLU A 90 -5.90 12.86 -4.77
CA GLU A 90 -4.44 12.79 -4.73
C GLU A 90 -3.85 14.11 -4.22
N ASP A 91 -4.54 15.21 -4.52
CA ASP A 91 -4.09 16.53 -4.09
C ASP A 91 -3.93 16.59 -2.58
N LYS A 92 -4.75 15.82 -1.87
CA LYS A 92 -4.70 15.79 -0.41
C LYS A 92 -3.77 14.67 0.07
N ASN A 93 -2.96 14.15 -0.84
CA ASN A 93 -2.04 13.08 -0.51
C ASN A 93 -2.77 11.81 -0.14
N VAL A 94 -3.05 10.96 -1.13
CA VAL A 94 -3.76 9.71 -0.92
C VAL A 94 -3.33 8.65 -1.92
N PRO A 95 -2.29 7.89 -1.55
CA PRO A 95 -1.75 6.82 -2.41
C PRO A 95 -2.71 5.64 -2.53
N TYR A 96 -2.31 4.64 -3.32
CA TYR A 96 -3.14 3.46 -3.52
C TYR A 96 -2.45 2.46 -4.45
N VAL A 97 -2.81 1.19 -4.31
CA VAL A 97 -2.22 0.14 -5.14
C VAL A 97 -2.84 -1.22 -4.83
N PHE A 98 -3.17 -1.96 -5.87
CA PHE A 98 -3.77 -3.28 -5.72
C PHE A 98 -2.76 -4.38 -5.96
N VAL A 99 -2.83 -5.45 -5.17
CA VAL A 99 -1.92 -6.57 -5.30
C VAL A 99 -2.67 -7.87 -5.55
N ARG A 100 -1.93 -8.97 -5.62
CA ARG A 100 -2.53 -10.28 -5.85
C ARG A 100 -2.14 -11.26 -4.75
N SER A 101 -2.26 -10.82 -3.51
CA SER A 101 -1.92 -11.65 -2.36
C SER A 101 -2.16 -10.91 -1.05
N LYS A 102 -2.66 -11.64 -0.05
CA LYS A 102 -2.94 -11.04 1.26
C LYS A 102 -2.46 -11.96 2.37
N GLN A 103 -2.72 -13.25 2.22
CA GLN A 103 -2.32 -14.24 3.22
C GLN A 103 -0.83 -14.11 3.55
N ALA A 104 0.00 -14.18 2.51
CA ALA A 104 1.45 -14.07 2.69
C ALA A 104 1.81 -12.75 3.36
N LEU A 105 1.04 -11.71 3.09
CA LEU A 105 1.28 -10.40 3.67
C LEU A 105 1.29 -10.46 5.19
N GLY A 106 0.29 -11.13 5.75
CA GLY A 106 0.20 -11.26 7.19
C GLY A 106 1.39 -11.99 7.78
N ARG A 107 1.71 -13.16 7.22
CA ARG A 107 2.83 -13.96 7.71
C ARG A 107 4.14 -13.22 7.51
N ALA A 108 4.20 -12.41 6.46
CA ALA A 108 5.41 -11.64 6.15
C ALA A 108 5.72 -10.64 7.27
N CYS A 109 4.72 -9.82 7.61
CA CYS A 109 4.89 -8.81 8.66
C CYS A 109 5.36 -9.46 9.96
N GLY A 110 5.04 -10.73 10.14
CA GLY A 110 5.43 -11.44 11.34
C GLY A 110 4.35 -11.41 12.41
N VAL A 111 3.12 -11.14 12.00
CA VAL A 111 2.00 -11.07 12.93
C VAL A 111 1.02 -12.22 12.70
N SER A 112 0.33 -12.63 13.75
CA SER A 112 -0.64 -13.72 13.65
C SER A 112 -2.02 -13.19 13.29
N ARG A 113 -2.08 -12.36 12.25
CA ARG A 113 -3.34 -11.78 11.80
C ARG A 113 -3.20 -11.20 10.40
N PRO A 114 -4.20 -11.48 9.55
CA PRO A 114 -4.22 -10.99 8.16
C PRO A 114 -4.42 -9.48 8.08
N VAL A 115 -3.81 -8.86 7.08
CA VAL A 115 -3.93 -7.41 6.89
C VAL A 115 -4.65 -7.09 5.59
N ILE A 116 -5.36 -5.97 5.58
CA ILE A 116 -6.10 -5.54 4.39
C ILE A 116 -5.53 -4.24 3.83
N ALA A 117 -4.95 -3.43 4.70
CA ALA A 117 -4.37 -2.16 4.29
C ALA A 117 -3.19 -1.78 5.18
N CYS A 118 -2.01 -1.70 4.59
CA CYS A 118 -0.80 -1.34 5.32
C CYS A 118 -0.16 -0.08 4.76
N SER A 119 0.46 0.71 5.63
CA SER A 119 1.10 1.96 5.22
C SER A 119 2.62 1.80 5.21
N VAL A 120 3.27 2.51 4.29
CA VAL A 120 4.72 2.46 4.18
C VAL A 120 5.35 3.80 4.52
N THR A 121 6.06 3.84 5.65
CA THR A 121 6.71 5.06 6.09
C THR A 121 8.21 5.03 5.80
N ILE A 122 8.81 6.21 5.67
CA ILE A 122 10.23 6.31 5.38
C ILE A 122 11.02 6.67 6.64
N LYS A 123 12.17 6.03 6.81
CA LYS A 123 13.02 6.28 7.97
C LYS A 123 14.16 7.22 7.62
N GLU A 124 14.24 8.34 8.34
CA GLU A 124 15.28 9.33 8.10
C GLU A 124 16.67 8.72 8.25
N GLY A 125 17.50 8.90 7.23
CA GLY A 125 18.84 8.35 7.26
C GLY A 125 18.86 6.85 7.05
N SER A 126 18.04 6.38 6.12
CA SER A 126 17.96 4.95 5.83
C SER A 126 18.07 4.69 4.34
N GLN A 127 18.66 3.56 3.98
CA GLN A 127 18.84 3.20 2.57
C GLN A 127 17.49 2.92 1.91
N LEU A 128 16.51 2.52 2.72
CA LEU A 128 15.17 2.22 2.22
C LEU A 128 14.62 3.39 1.43
N LYS A 129 15.07 4.60 1.75
CA LYS A 129 14.61 5.80 1.07
C LYS A 129 14.76 5.65 -0.44
N GLN A 130 15.76 4.87 -0.86
CA GLN A 130 16.01 4.65 -2.28
C GLN A 130 15.05 3.61 -2.85
N GLN A 131 14.69 2.63 -2.01
CA GLN A 131 13.78 1.58 -2.44
C GLN A 131 12.34 2.09 -2.50
N ILE A 132 11.89 2.68 -1.39
CA ILE A 132 10.53 3.21 -1.30
C ILE A 132 10.24 4.13 -2.48
N GLN A 133 11.18 5.01 -2.79
CA GLN A 133 11.02 5.95 -3.89
C GLN A 133 10.97 5.22 -5.23
N SER A 134 11.81 4.21 -5.37
CA SER A 134 11.86 3.43 -6.60
C SER A 134 10.55 2.70 -6.84
N ILE A 135 10.08 1.99 -5.83
CA ILE A 135 8.83 1.24 -5.91
C ILE A 135 7.63 2.19 -6.00
N GLN A 136 7.78 3.37 -5.40
CA GLN A 136 6.70 4.36 -5.41
C GLN A 136 6.51 4.93 -6.80
N GLN A 137 7.59 5.02 -7.57
CA GLN A 137 7.54 5.56 -8.92
C GLN A 137 6.47 4.84 -9.75
N SER A 138 6.31 3.55 -9.49
CA SER A 138 5.32 2.75 -10.22
C SER A 138 3.90 3.22 -9.89
N ILE A 139 3.64 3.46 -8.62
CA ILE A 139 2.32 3.91 -8.18
C ILE A 139 2.04 5.33 -8.67
N GLU A 140 3.07 6.17 -8.68
CA GLU A 140 2.94 7.55 -9.12
C GLU A 140 2.40 7.61 -10.56
N ARG A 141 3.01 6.82 -11.44
CA ARG A 141 2.60 6.79 -12.84
C ARG A 141 1.27 6.06 -12.99
N LEU A 142 1.02 5.10 -12.11
CA LEU A 142 -0.22 4.33 -12.15
C LEU A 142 -1.42 5.20 -11.80
N LEU A 143 -1.32 5.91 -10.68
CA LEU A 143 -2.40 6.79 -10.23
C LEU A 143 -2.59 7.95 -11.20
N VAL A 144 -1.51 8.38 -11.83
CA VAL A 144 -1.56 9.48 -12.78
C VAL A 144 -0.26 9.56 -13.59
N MET A 17 -24.39 -13.80 -18.82
CA MET A 17 -24.15 -12.48 -19.39
C MET A 17 -22.74 -12.38 -19.97
N THR A 18 -22.64 -12.47 -21.29
CA THR A 18 -21.35 -12.40 -21.96
C THR A 18 -21.02 -10.96 -22.37
N GLU A 19 -20.67 -10.13 -21.39
CA GLU A 19 -20.34 -8.74 -21.65
C GLU A 19 -19.80 -8.07 -20.40
N ALA A 20 -19.04 -8.82 -19.61
CA ALA A 20 -18.45 -8.29 -18.38
C ALA A 20 -16.96 -8.06 -18.55
N ASP A 21 -16.57 -7.57 -19.73
CA ASP A 21 -15.16 -7.29 -20.00
C ASP A 21 -14.89 -5.79 -19.99
N VAL A 22 -15.57 -5.09 -19.10
CA VAL A 22 -15.40 -3.64 -18.97
C VAL A 22 -15.35 -3.22 -17.51
N ASN A 23 -15.04 -4.18 -16.63
CA ASN A 23 -14.95 -3.90 -15.20
C ASN A 23 -13.59 -3.29 -14.85
N PRO A 24 -13.54 -2.63 -13.68
CA PRO A 24 -12.30 -1.99 -13.20
C PRO A 24 -11.24 -3.01 -12.80
N LYS A 25 -11.68 -4.15 -12.29
CA LYS A 25 -10.77 -5.21 -11.86
C LYS A 25 -9.76 -4.68 -10.84
N ALA A 26 -10.19 -3.70 -10.05
CA ALA A 26 -9.31 -3.11 -9.04
C ALA A 26 -7.98 -2.67 -9.64
N TYR A 27 -8.04 -1.70 -10.55
CA TYR A 27 -6.84 -1.20 -11.20
C TYR A 27 -6.54 0.24 -10.78
N PRO A 28 -5.28 0.66 -10.96
CA PRO A 28 -4.24 -0.18 -11.54
C PRO A 28 -3.82 -1.32 -10.60
N LEU A 29 -3.22 -2.36 -11.17
CA LEU A 29 -2.78 -3.50 -10.39
C LEU A 29 -1.30 -3.78 -10.64
N ALA A 30 -0.62 -4.25 -9.61
CA ALA A 30 0.81 -4.57 -9.72
C ALA A 30 1.02 -6.02 -10.11
N ASP A 31 1.66 -6.24 -11.26
CA ASP A 31 1.93 -7.58 -11.75
C ASP A 31 2.67 -8.41 -10.70
N ALA A 32 2.49 -9.72 -10.77
CA ALA A 32 3.14 -10.63 -9.82
C ALA A 32 4.66 -10.47 -9.88
N HIS A 33 5.19 -10.30 -11.08
CA HIS A 33 6.63 -10.14 -11.27
C HIS A 33 7.16 -8.99 -10.42
N LEU A 34 6.43 -7.89 -10.40
CA LEU A 34 6.83 -6.72 -9.62
C LEU A 34 6.47 -6.88 -8.16
N THR A 35 5.33 -7.52 -7.90
CA THR A 35 4.87 -7.75 -6.54
C THR A 35 5.91 -8.52 -5.73
N LYS A 36 6.74 -9.29 -6.42
CA LYS A 36 7.78 -10.07 -5.76
C LYS A 36 8.64 -9.18 -4.86
N LYS A 37 9.02 -8.01 -5.36
CA LYS A 37 9.84 -7.09 -4.59
C LYS A 37 9.01 -6.41 -3.50
N LEU A 38 7.74 -6.16 -3.80
CA LEU A 38 6.85 -5.51 -2.84
C LEU A 38 6.79 -6.30 -1.54
N LEU A 39 6.66 -7.62 -1.66
CA LEU A 39 6.61 -8.50 -0.49
C LEU A 39 7.83 -8.31 0.40
N ASP A 40 9.00 -8.25 -0.23
CA ASP A 40 10.25 -8.07 0.49
C ASP A 40 10.26 -6.74 1.24
N LEU A 41 9.51 -5.76 0.72
CA LEU A 41 9.44 -4.44 1.34
C LEU A 41 8.94 -4.55 2.77
N VAL A 42 7.90 -5.35 2.97
CA VAL A 42 7.33 -5.54 4.30
C VAL A 42 8.40 -5.99 5.31
N GLN A 43 9.12 -7.04 4.96
CA GLN A 43 10.16 -7.57 5.82
C GLN A 43 11.27 -6.55 6.02
N GLN A 44 11.49 -5.71 5.02
CA GLN A 44 12.52 -4.67 5.09
C GLN A 44 12.08 -3.53 5.99
N SER A 45 10.78 -3.27 6.03
CA SER A 45 10.24 -2.19 6.85
C SER A 45 10.36 -2.54 8.33
N CYS A 46 9.87 -3.71 8.71
CA CYS A 46 9.92 -4.17 10.09
C CYS A 46 11.36 -4.34 10.55
N ASN A 47 12.25 -4.62 9.62
CA ASN A 47 13.66 -4.81 9.93
C ASN A 47 14.27 -3.54 10.50
N TYR A 48 13.71 -2.39 10.12
CA TYR A 48 14.19 -1.10 10.60
C TYR A 48 13.35 -0.59 11.76
N LYS A 49 12.73 -1.52 12.48
CA LYS A 49 11.90 -1.17 13.62
C LYS A 49 10.77 -0.23 13.20
N GLN A 50 10.29 -0.40 11.97
CA GLN A 50 9.21 0.43 11.45
C GLN A 50 8.15 -0.40 10.77
N LEU A 51 6.89 -0.12 11.06
CA LEU A 51 5.77 -0.85 10.48
C LEU A 51 4.45 -0.15 10.77
N ARG A 52 3.38 -0.62 10.13
CA ARG A 52 2.06 -0.05 10.31
C ARG A 52 0.97 -1.02 9.85
N LYS A 53 0.20 -1.54 10.80
CA LYS A 53 -0.87 -2.47 10.48
C LYS A 53 -2.19 -2.00 11.09
N GLY A 54 -2.88 -1.12 10.39
CA GLY A 54 -4.15 -0.62 10.87
C GLY A 54 -4.87 0.24 9.85
N ALA A 55 -6.03 -0.22 9.41
CA ALA A 55 -6.81 0.52 8.41
C ALA A 55 -7.18 1.90 8.92
N ASN A 56 -8.02 1.95 9.96
CA ASN A 56 -8.45 3.22 10.53
C ASN A 56 -7.24 4.05 10.98
N GLU A 57 -6.27 3.39 11.60
CA GLU A 57 -5.07 4.06 12.07
C GLU A 57 -4.31 4.70 10.92
N ALA A 58 -4.45 4.11 9.73
CA ALA A 58 -3.77 4.62 8.55
C ALA A 58 -4.12 6.08 8.30
N THR A 59 -5.34 6.47 8.69
CA THR A 59 -5.79 7.84 8.51
C THR A 59 -4.93 8.82 9.29
N LYS A 60 -4.39 8.35 10.41
CA LYS A 60 -3.53 9.18 11.26
C LYS A 60 -2.13 9.29 10.67
N THR A 61 -1.55 8.14 10.32
CA THR A 61 -0.21 8.11 9.74
C THR A 61 -0.15 8.88 8.44
N LEU A 62 -1.24 8.84 7.68
CA LEU A 62 -1.31 9.54 6.40
C LEU A 62 -1.49 11.04 6.62
N ASN A 63 -2.27 11.41 7.63
CA ASN A 63 -2.53 12.81 7.94
C ASN A 63 -1.33 13.43 8.65
N ARG A 64 -0.52 12.58 9.27
CA ARG A 64 0.66 13.05 9.99
C ARG A 64 1.71 13.59 9.03
N GLY A 65 1.67 13.11 7.78
CA GLY A 65 2.62 13.56 6.78
C GLY A 65 3.85 12.68 6.72
N ILE A 66 3.69 11.42 7.12
CA ILE A 66 4.80 10.47 7.11
C ILE A 66 4.49 9.27 6.22
N SER A 67 3.21 8.99 6.04
CA SER A 67 2.78 7.87 5.21
C SER A 67 2.57 8.31 3.77
N GLU A 68 3.52 7.94 2.91
CA GLU A 68 3.45 8.29 1.49
C GLU A 68 3.11 7.07 0.64
N PHE A 69 3.61 5.91 1.06
CA PHE A 69 3.37 4.67 0.32
C PHE A 69 2.40 3.77 1.10
N ILE A 70 1.21 3.58 0.55
CA ILE A 70 0.20 2.74 1.19
C ILE A 70 -0.30 1.67 0.23
N VAL A 71 -0.69 0.53 0.78
CA VAL A 71 -1.21 -0.58 -0.01
C VAL A 71 -2.37 -1.28 0.69
N MET A 72 -3.29 -1.82 -0.10
CA MET A 72 -4.45 -2.52 0.43
C MET A 72 -4.82 -3.72 -0.43
N ALA A 73 -5.55 -4.66 0.15
CA ALA A 73 -5.97 -5.86 -0.57
C ALA A 73 -7.28 -5.61 -1.31
N ALA A 74 -7.24 -5.74 -2.63
CA ALA A 74 -8.42 -5.54 -3.46
C ALA A 74 -9.55 -6.47 -3.04
N ASP A 75 -9.18 -7.59 -2.43
CA ASP A 75 -10.17 -8.57 -1.98
C ASP A 75 -10.23 -8.61 -0.45
N ALA A 76 -10.05 -7.45 0.17
CA ALA A 76 -10.09 -7.36 1.63
C ALA A 76 -11.26 -6.50 2.09
N GLU A 77 -11.88 -6.90 3.19
CA GLU A 77 -13.03 -6.18 3.74
C GLU A 77 -12.86 -5.95 5.24
N PRO A 78 -13.62 -4.98 5.77
CA PRO A 78 -14.56 -4.18 4.98
C PRO A 78 -13.85 -3.23 4.03
N LEU A 79 -14.55 -2.79 3.00
CA LEU A 79 -13.99 -1.87 2.01
C LEU A 79 -14.27 -0.42 2.39
N GLU A 80 -15.37 -0.21 3.11
CA GLU A 80 -15.74 1.14 3.54
C GLU A 80 -14.59 1.82 4.26
N ILE A 81 -14.00 1.12 5.22
CA ILE A 81 -12.88 1.67 5.98
C ILE A 81 -11.77 2.14 5.07
N ILE A 82 -11.65 1.50 3.90
CA ILE A 82 -10.62 1.87 2.93
C ILE A 82 -11.15 2.93 1.96
N LEU A 83 -12.46 3.02 1.83
CA LEU A 83 -13.08 3.98 0.94
C LEU A 83 -13.03 5.39 1.53
N HIS A 84 -12.94 5.46 2.85
CA HIS A 84 -12.86 6.75 3.54
C HIS A 84 -11.45 7.32 3.50
N LEU A 85 -10.47 6.42 3.33
CA LEU A 85 -9.07 6.85 3.27
C LEU A 85 -8.87 7.96 2.25
N PRO A 86 -9.21 7.66 0.98
CA PRO A 86 -9.08 8.63 -0.11
C PRO A 86 -10.08 9.77 0.00
N LEU A 87 -9.62 10.99 -0.27
CA LEU A 87 -10.48 12.17 -0.19
C LEU A 87 -11.25 12.36 -1.50
N LEU A 88 -10.51 12.45 -2.60
CA LEU A 88 -11.12 12.64 -3.91
C LEU A 88 -10.95 11.39 -4.77
N CYS A 89 -9.73 11.16 -5.24
CA CYS A 89 -9.44 10.00 -6.07
C CYS A 89 -7.96 9.63 -6.00
N GLU A 90 -7.61 8.48 -6.57
CA GLU A 90 -6.22 8.02 -6.57
C GLU A 90 -5.33 8.98 -7.34
N ASP A 91 -5.86 9.54 -8.41
CA ASP A 91 -5.10 10.49 -9.24
C ASP A 91 -5.34 11.92 -8.77
N LYS A 92 -6.37 12.12 -7.96
CA LYS A 92 -6.71 13.44 -7.45
C LYS A 92 -5.72 13.87 -6.36
N ASN A 93 -5.32 12.92 -5.52
CA ASN A 93 -4.39 13.20 -4.44
C ASN A 93 -4.35 12.04 -3.45
N VAL A 94 -4.43 10.82 -3.97
CA VAL A 94 -4.39 9.63 -3.12
C VAL A 94 -3.50 8.56 -3.73
N PRO A 95 -2.20 8.59 -3.37
CA PRO A 95 -1.22 7.63 -3.86
C PRO A 95 -1.44 6.23 -3.30
N TYR A 96 -2.24 5.44 -3.99
CA TYR A 96 -2.55 4.08 -3.55
C TYR A 96 -2.20 3.07 -4.65
N VAL A 97 -2.44 1.79 -4.37
CA VAL A 97 -2.15 0.73 -5.32
C VAL A 97 -2.78 -0.59 -4.88
N PHE A 98 -3.40 -1.29 -5.82
CA PHE A 98 -4.03 -2.57 -5.53
C PHE A 98 -3.07 -3.73 -5.76
N VAL A 99 -3.24 -4.79 -4.99
CA VAL A 99 -2.38 -5.97 -5.11
C VAL A 99 -3.19 -7.26 -4.97
N ARG A 100 -2.82 -8.27 -5.75
CA ARG A 100 -3.50 -9.55 -5.73
C ARG A 100 -2.84 -10.50 -4.74
N SER A 101 -2.65 -10.04 -3.51
CA SER A 101 -2.01 -10.84 -2.47
C SER A 101 -2.29 -10.27 -1.09
N LYS A 102 -3.04 -11.00 -0.29
CA LYS A 102 -3.38 -10.57 1.07
C LYS A 102 -2.81 -11.52 2.11
N GLN A 103 -2.72 -12.81 1.75
CA GLN A 103 -2.20 -13.82 2.65
C GLN A 103 -0.72 -13.56 2.96
N ALA A 104 0.08 -13.39 1.91
CA ALA A 104 1.50 -13.13 2.07
C ALA A 104 1.74 -11.77 2.70
N LEU A 105 0.87 -10.81 2.41
CA LEU A 105 0.99 -9.47 2.95
C LEU A 105 1.14 -9.51 4.47
N GLY A 106 0.28 -10.29 5.13
CA GLY A 106 0.34 -10.39 6.57
C GLY A 106 1.44 -11.33 7.04
N ARG A 107 1.58 -12.47 6.37
CA ARG A 107 2.60 -13.45 6.72
C ARG A 107 3.97 -12.79 6.79
N ALA A 108 4.21 -11.83 5.91
CA ALA A 108 5.49 -11.12 5.88
C ALA A 108 5.56 -10.07 6.98
N CYS A 109 4.42 -9.46 7.30
CA CYS A 109 4.36 -8.43 8.33
C CYS A 109 4.72 -9.02 9.69
N GLY A 110 4.50 -10.32 9.86
CA GLY A 110 4.80 -10.97 11.11
C GLY A 110 3.55 -11.24 11.94
N VAL A 111 2.53 -11.78 11.29
CA VAL A 111 1.27 -12.09 11.98
C VAL A 111 0.71 -13.43 11.53
N SER A 112 -0.28 -13.93 12.26
CA SER A 112 -0.90 -15.21 11.93
C SER A 112 -1.93 -15.04 10.82
N ARG A 113 -2.69 -13.96 10.87
CA ARG A 113 -3.71 -13.68 9.87
C ARG A 113 -3.30 -12.52 8.98
N PRO A 114 -3.93 -12.43 7.79
CA PRO A 114 -3.63 -11.36 6.82
C PRO A 114 -4.12 -10.01 7.30
N VAL A 115 -3.67 -8.95 6.64
CA VAL A 115 -4.05 -7.59 6.99
C VAL A 115 -4.94 -6.98 5.91
N ILE A 116 -5.92 -6.19 6.34
CA ILE A 116 -6.83 -5.53 5.41
C ILE A 116 -6.17 -4.34 4.73
N ALA A 117 -5.46 -3.54 5.51
CA ALA A 117 -4.78 -2.36 4.99
C ALA A 117 -3.52 -2.05 5.80
N CYS A 118 -2.37 -2.06 5.14
CA CYS A 118 -1.10 -1.77 5.79
C CYS A 118 -0.53 -0.44 5.32
N SER A 119 0.40 0.10 6.10
CA SER A 119 1.03 1.38 5.77
C SER A 119 2.54 1.26 5.78
N VAL A 120 3.20 2.05 4.94
CA VAL A 120 4.66 2.04 4.86
C VAL A 120 5.24 3.43 5.03
N THR A 121 6.08 3.60 6.04
CA THR A 121 6.70 4.88 6.32
C THR A 121 8.12 4.94 5.77
N ILE A 122 8.50 6.12 5.27
CA ILE A 122 9.83 6.30 4.71
C ILE A 122 10.70 7.17 5.62
N LYS A 123 11.94 6.75 5.83
CA LYS A 123 12.87 7.49 6.67
C LYS A 123 14.09 7.94 5.88
N GLU A 124 14.17 9.25 5.63
CA GLU A 124 15.29 9.82 4.88
C GLU A 124 16.61 9.55 5.61
N GLY A 125 17.53 8.87 4.93
CA GLY A 125 18.82 8.57 5.51
C GLY A 125 19.19 7.11 5.38
N SER A 126 18.24 6.23 5.69
CA SER A 126 18.48 4.79 5.61
C SER A 126 18.38 4.31 4.17
N GLN A 127 19.17 3.29 3.84
CA GLN A 127 19.17 2.74 2.49
C GLN A 127 17.76 2.29 2.08
N LEU A 128 16.96 1.92 3.08
CA LEU A 128 15.59 1.48 2.83
C LEU A 128 14.83 2.49 1.99
N LYS A 129 15.20 3.76 2.12
CA LYS A 129 14.55 4.83 1.38
C LYS A 129 14.52 4.51 -0.12
N GLN A 130 15.53 3.77 -0.58
CA GLN A 130 15.62 3.40 -1.99
C GLN A 130 14.67 2.24 -2.31
N GLN A 131 14.65 1.25 -1.42
CA GLN A 131 13.79 0.08 -1.60
C GLN A 131 12.34 0.50 -1.81
N ILE A 132 11.86 1.38 -0.94
CA ILE A 132 10.49 1.86 -1.03
C ILE A 132 10.32 2.83 -2.20
N GLN A 133 11.36 3.60 -2.48
CA GLN A 133 11.32 4.55 -3.58
C GLN A 133 11.17 3.84 -4.92
N SER A 134 11.96 2.80 -5.13
CA SER A 134 11.91 2.04 -6.37
C SER A 134 10.48 1.61 -6.69
N ILE A 135 9.77 1.18 -5.66
CA ILE A 135 8.39 0.73 -5.83
C ILE A 135 7.45 1.92 -6.02
N GLN A 136 7.66 2.96 -5.22
CA GLN A 136 6.83 4.15 -5.29
C GLN A 136 6.82 4.72 -6.71
N GLN A 137 7.99 4.74 -7.35
CA GLN A 137 8.11 5.26 -8.70
C GLN A 137 7.11 4.58 -9.63
N SER A 138 6.92 3.28 -9.44
CA SER A 138 5.98 2.52 -10.26
C SER A 138 4.55 3.00 -10.05
N ILE A 139 4.27 3.49 -8.86
CA ILE A 139 2.94 3.98 -8.52
C ILE A 139 2.58 5.21 -9.34
N GLU A 140 3.57 6.06 -9.60
CA GLU A 140 3.35 7.28 -10.38
C GLU A 140 2.91 6.93 -11.80
N ARG A 141 3.52 5.89 -12.36
CA ARG A 141 3.19 5.46 -13.71
C ARG A 141 1.83 4.77 -13.76
N LEU A 142 1.63 3.82 -12.84
CA LEU A 142 0.37 3.09 -12.78
C LEU A 142 -0.80 4.03 -12.49
N LEU A 143 -0.57 5.00 -11.62
CA LEU A 143 -1.60 5.97 -11.27
C LEU A 143 -2.13 6.67 -12.52
N VAL A 144 -1.22 7.16 -13.35
CA VAL A 144 -1.60 7.85 -14.58
C VAL A 144 -1.48 6.93 -15.78
N MET A 17 8.63 -1.68 -21.23
CA MET A 17 7.76 -2.50 -22.05
C MET A 17 6.45 -2.81 -21.32
N THR A 18 5.44 -1.98 -21.55
CA THR A 18 4.14 -2.16 -20.92
C THR A 18 3.14 -1.13 -21.42
N GLU A 19 2.00 -1.61 -21.91
CA GLU A 19 0.95 -0.72 -22.41
C GLU A 19 -0.33 -1.49 -22.70
N ALA A 20 -1.25 -1.46 -21.75
CA ALA A 20 -2.53 -2.16 -21.91
C ALA A 20 -3.68 -1.17 -22.03
N ASP A 21 -4.67 -1.53 -22.85
CA ASP A 21 -5.83 -0.68 -23.06
C ASP A 21 -7.00 -1.14 -22.19
N VAL A 22 -6.69 -1.78 -21.07
CA VAL A 22 -7.71 -2.27 -20.16
C VAL A 22 -7.34 -1.99 -18.70
N ASN A 23 -8.21 -1.29 -17.99
CA ASN A 23 -7.98 -0.95 -16.59
C ASN A 23 -9.23 -1.17 -15.75
N PRO A 24 -9.30 -2.33 -15.07
CA PRO A 24 -10.44 -2.68 -14.23
C PRO A 24 -10.51 -1.82 -12.97
N LYS A 25 -11.40 -2.18 -12.06
CA LYS A 25 -11.57 -1.44 -10.81
C LYS A 25 -10.46 -1.79 -9.82
N ALA A 26 -9.87 -2.97 -9.99
CA ALA A 26 -8.79 -3.40 -9.11
C ALA A 26 -7.42 -3.07 -9.71
N TYR A 27 -7.34 -1.93 -10.37
CA TYR A 27 -6.09 -1.49 -10.99
C TYR A 27 -5.77 -0.05 -10.60
N PRO A 28 -4.49 0.33 -10.74
CA PRO A 28 -3.46 -0.58 -11.24
C PRO A 28 -3.12 -1.68 -10.24
N LEU A 29 -2.54 -2.76 -10.74
CA LEU A 29 -2.17 -3.89 -9.90
C LEU A 29 -0.72 -4.32 -10.16
N ALA A 30 0.01 -4.58 -9.09
CA ALA A 30 1.41 -5.00 -9.21
C ALA A 30 1.52 -6.35 -9.91
N ASP A 31 2.22 -6.37 -11.03
CA ASP A 31 2.41 -7.60 -11.80
C ASP A 31 3.23 -8.61 -11.01
N ALA A 32 3.50 -9.75 -11.63
CA ALA A 32 4.28 -10.81 -10.98
C ALA A 32 5.72 -10.36 -10.75
N HIS A 33 6.22 -9.51 -11.65
CA HIS A 33 7.59 -9.00 -11.53
C HIS A 33 7.66 -7.85 -10.54
N LEU A 34 6.56 -7.12 -10.40
CA LEU A 34 6.50 -5.99 -9.49
C LEU A 34 6.24 -6.46 -8.06
N THR A 35 5.35 -7.43 -7.91
CA THR A 35 5.01 -7.98 -6.61
C THR A 35 6.26 -8.46 -5.88
N LYS A 36 7.24 -8.93 -6.65
CA LYS A 36 8.49 -9.42 -6.07
C LYS A 36 9.16 -8.34 -5.22
N LYS A 37 9.37 -7.17 -5.82
CA LYS A 37 10.00 -6.06 -5.11
C LYS A 37 9.02 -5.40 -4.15
N LEU A 38 7.75 -5.39 -4.53
CA LEU A 38 6.70 -4.79 -3.69
C LEU A 38 6.61 -5.50 -2.35
N LEU A 39 6.48 -6.82 -2.39
CA LEU A 39 6.38 -7.62 -1.18
C LEU A 39 7.64 -7.51 -0.34
N ASP A 40 8.78 -7.42 -1.01
CA ASP A 40 10.07 -7.30 -0.33
C ASP A 40 10.10 -6.05 0.54
N LEU A 41 9.40 -5.01 0.10
CA LEU A 41 9.36 -3.75 0.84
C LEU A 41 8.83 -3.97 2.25
N VAL A 42 7.87 -4.88 2.39
CA VAL A 42 7.28 -5.19 3.69
C VAL A 42 8.33 -5.75 4.65
N GLN A 43 9.06 -6.75 4.19
CA GLN A 43 10.09 -7.38 5.01
C GLN A 43 11.22 -6.39 5.32
N GLN A 44 11.46 -5.48 4.40
CA GLN A 44 12.51 -4.47 4.57
C GLN A 44 12.06 -3.40 5.57
N SER A 45 10.76 -3.13 5.60
CA SER A 45 10.22 -2.13 6.50
C SER A 45 10.30 -2.59 7.95
N CYS A 46 9.79 -3.79 8.20
CA CYS A 46 9.79 -4.36 9.55
C CYS A 46 11.21 -4.59 10.03
N ASN A 47 12.13 -4.80 9.09
CA ASN A 47 13.53 -5.04 9.42
C ASN A 47 14.18 -3.77 9.97
N TYR A 48 13.65 -2.62 9.59
CA TYR A 48 14.17 -1.35 10.05
C TYR A 48 13.38 -0.84 11.26
N LYS A 49 12.79 -1.76 12.00
CA LYS A 49 12.01 -1.40 13.19
C LYS A 49 10.87 -0.46 12.81
N GLN A 50 10.23 -0.72 11.68
CA GLN A 50 9.13 0.11 11.22
C GLN A 50 8.06 -0.74 10.54
N LEU A 51 6.80 -0.49 10.89
CA LEU A 51 5.68 -1.22 10.32
C LEU A 51 4.35 -0.58 10.67
N ARG A 52 3.33 -0.82 9.86
CA ARG A 52 2.01 -0.26 10.08
C ARG A 52 0.92 -1.17 9.52
N LYS A 53 0.04 -1.65 10.40
CA LYS A 53 -1.04 -2.53 9.98
C LYS A 53 -2.19 -2.49 10.99
N GLY A 54 -3.03 -1.47 10.87
CA GLY A 54 -4.16 -1.34 11.77
C GLY A 54 -5.19 -0.34 11.28
N ALA A 55 -6.44 -0.77 11.20
CA ALA A 55 -7.51 0.10 10.74
C ALA A 55 -7.54 1.40 11.54
N ASN A 56 -7.19 1.33 12.82
CA ASN A 56 -7.18 2.50 13.68
C ASN A 56 -5.89 3.28 13.53
N GLU A 57 -4.75 2.59 13.68
CA GLU A 57 -3.45 3.22 13.55
C GLU A 57 -3.32 3.94 12.22
N ALA A 58 -4.04 3.44 11.22
CA ALA A 58 -4.01 4.04 9.89
C ALA A 58 -4.43 5.51 9.93
N THR A 59 -5.61 5.76 10.50
CA THR A 59 -6.13 7.12 10.59
C THR A 59 -5.10 8.05 11.22
N LYS A 60 -4.27 7.51 12.10
CA LYS A 60 -3.25 8.30 12.77
C LYS A 60 -2.03 8.49 11.86
N THR A 61 -1.48 7.38 11.38
CA THR A 61 -0.32 7.42 10.50
C THR A 61 -0.55 8.38 9.33
N LEU A 62 -1.58 8.10 8.55
CA LEU A 62 -1.92 8.94 7.39
C LEU A 62 -2.13 10.39 7.81
N ASN A 63 -2.62 10.58 9.04
CA ASN A 63 -2.86 11.91 9.56
C ASN A 63 -1.56 12.60 9.93
N ARG A 64 -0.56 11.81 10.29
CA ARG A 64 0.74 12.34 10.68
C ARG A 64 1.54 12.76 9.45
N GLY A 65 1.22 12.17 8.31
CA GLY A 65 1.91 12.49 7.08
C GLY A 65 3.28 11.84 6.99
N ILE A 66 3.35 10.56 7.35
CA ILE A 66 4.60 9.81 7.32
C ILE A 66 4.49 8.60 6.41
N SER A 67 3.28 8.32 5.94
CA SER A 67 3.03 7.18 5.06
C SER A 67 3.18 7.59 3.59
N GLU A 68 4.24 7.11 2.96
CA GLU A 68 4.50 7.43 1.55
C GLU A 68 3.42 6.84 0.66
N PHE A 69 3.09 5.58 0.89
CA PHE A 69 2.05 4.89 0.11
C PHE A 69 1.23 3.96 0.98
N ILE A 70 0.17 3.40 0.41
CA ILE A 70 -0.69 2.48 1.13
C ILE A 70 -1.16 1.34 0.23
N VAL A 71 -1.29 0.15 0.81
CA VAL A 71 -1.73 -1.02 0.06
C VAL A 71 -2.92 -1.69 0.75
N MET A 72 -3.99 -1.90 0.00
CA MET A 72 -5.19 -2.53 0.53
C MET A 72 -5.56 -3.77 -0.27
N ALA A 73 -6.25 -4.71 0.37
CA ALA A 73 -6.66 -5.94 -0.30
C ALA A 73 -7.79 -5.69 -1.28
N ALA A 74 -7.55 -5.97 -2.56
CA ALA A 74 -8.55 -5.77 -3.60
C ALA A 74 -9.74 -6.69 -3.39
N ASP A 75 -9.51 -7.81 -2.72
CA ASP A 75 -10.57 -8.78 -2.45
C ASP A 75 -11.06 -8.66 -1.02
N ALA A 76 -11.07 -7.44 -0.50
CA ALA A 76 -11.53 -7.19 0.87
C ALA A 76 -12.51 -6.03 0.91
N GLU A 77 -13.72 -6.31 1.39
CA GLU A 77 -14.75 -5.28 1.50
C GLU A 77 -15.37 -5.25 2.89
N PRO A 78 -16.03 -4.13 3.22
CA PRO A 78 -16.17 -2.99 2.32
C PRO A 78 -14.84 -2.26 2.10
N LEU A 79 -14.69 -1.66 0.92
CA LEU A 79 -13.48 -0.93 0.59
C LEU A 79 -13.61 0.55 0.96
N GLU A 80 -14.85 1.03 1.00
CA GLU A 80 -15.11 2.43 1.34
C GLU A 80 -14.46 2.79 2.67
N ILE A 81 -14.53 1.88 3.63
CA ILE A 81 -13.93 2.11 4.94
C ILE A 81 -12.41 2.17 4.86
N ILE A 82 -11.85 1.49 3.87
CA ILE A 82 -10.41 1.46 3.68
C ILE A 82 -9.95 2.62 2.79
N LEU A 83 -10.88 3.19 2.04
CA LEU A 83 -10.58 4.31 1.16
C LEU A 83 -10.88 5.63 1.84
N HIS A 84 -11.77 5.62 2.82
CA HIS A 84 -12.13 6.82 3.56
C HIS A 84 -11.15 7.07 4.70
N LEU A 85 -10.67 5.99 5.30
CA LEU A 85 -9.72 6.09 6.41
C LEU A 85 -8.54 7.00 6.05
N PRO A 86 -7.81 6.62 4.99
CA PRO A 86 -6.65 7.38 4.52
C PRO A 86 -7.06 8.71 3.89
N LEU A 87 -6.46 9.80 4.37
CA LEU A 87 -6.76 11.13 3.85
C LEU A 87 -5.91 11.43 2.62
N LEU A 88 -4.78 10.73 2.50
CA LEU A 88 -3.89 10.92 1.36
C LEU A 88 -4.27 10.01 0.20
N CYS A 89 -5.43 9.38 0.32
CA CYS A 89 -5.91 8.47 -0.72
C CYS A 89 -6.05 9.21 -2.05
N GLU A 90 -6.60 8.51 -3.05
CA GLU A 90 -6.77 9.10 -4.37
C GLU A 90 -7.50 10.44 -4.28
N ASP A 91 -8.37 10.56 -3.28
CA ASP A 91 -9.12 11.80 -3.08
C ASP A 91 -8.18 13.00 -2.95
N LYS A 92 -7.00 12.76 -2.37
CA LYS A 92 -6.02 13.82 -2.19
C LYS A 92 -4.99 13.82 -3.33
N ASN A 93 -5.35 13.15 -4.43
CA ASN A 93 -4.46 13.07 -5.58
C ASN A 93 -3.16 12.36 -5.22
N VAL A 94 -3.22 11.03 -5.13
CA VAL A 94 -2.05 10.23 -4.80
C VAL A 94 -2.12 8.85 -5.46
N PRO A 95 -1.01 8.44 -6.07
CA PRO A 95 -0.91 7.13 -6.75
C PRO A 95 -0.92 5.97 -5.78
N TYR A 96 -1.98 5.17 -5.83
CA TYR A 96 -2.11 4.02 -4.95
C TYR A 96 -1.79 2.73 -5.69
N VAL A 97 -1.87 1.60 -4.97
CA VAL A 97 -1.59 0.30 -5.56
C VAL A 97 -2.41 -0.79 -4.88
N PHE A 98 -2.88 -1.74 -5.67
CA PHE A 98 -3.67 -2.85 -5.15
C PHE A 98 -2.92 -4.18 -5.28
N VAL A 99 -3.36 -5.17 -4.52
CA VAL A 99 -2.72 -6.48 -4.54
C VAL A 99 -3.76 -7.60 -4.46
N ARG A 100 -3.37 -8.81 -4.84
CA ARG A 100 -4.26 -9.95 -4.82
C ARG A 100 -3.81 -10.97 -3.77
N SER A 101 -3.62 -10.50 -2.54
CA SER A 101 -3.19 -11.37 -1.46
C SER A 101 -3.36 -10.69 -0.11
N LYS A 102 -4.04 -11.35 0.82
CA LYS A 102 -4.27 -10.81 2.15
C LYS A 102 -3.41 -11.51 3.19
N GLN A 103 -3.16 -12.80 2.96
CA GLN A 103 -2.36 -13.59 3.88
C GLN A 103 -0.88 -13.22 3.76
N ALA A 104 -0.43 -12.98 2.53
CA ALA A 104 0.95 -12.61 2.29
C ALA A 104 1.32 -11.30 2.99
N LEU A 105 0.35 -10.39 3.03
CA LEU A 105 0.56 -9.09 3.68
C LEU A 105 0.94 -9.27 5.14
N GLY A 106 0.07 -9.92 5.90
CA GLY A 106 0.34 -10.15 7.30
C GLY A 106 1.58 -10.98 7.54
N ARG A 107 1.88 -11.88 6.60
CA ARG A 107 3.04 -12.74 6.70
C ARG A 107 4.33 -11.92 6.75
N ALA A 108 4.53 -11.08 5.74
CA ALA A 108 5.71 -10.23 5.67
C ALA A 108 5.76 -9.24 6.82
N CYS A 109 4.58 -8.92 7.36
CA CYS A 109 4.48 -7.98 8.48
C CYS A 109 4.83 -8.67 9.80
N GLY A 110 4.51 -9.95 9.89
CA GLY A 110 4.79 -10.69 11.11
C GLY A 110 3.70 -10.53 12.15
N VAL A 111 2.48 -10.91 11.81
CA VAL A 111 1.35 -10.79 12.73
C VAL A 111 0.63 -12.13 12.88
N SER A 112 0.10 -12.38 14.07
CA SER A 112 -0.61 -13.62 14.34
C SER A 112 -1.83 -13.75 13.43
N ARG A 113 -2.51 -12.64 13.18
CA ARG A 113 -3.69 -12.63 12.33
C ARG A 113 -3.46 -11.78 11.09
N PRO A 114 -4.27 -12.02 10.04
CA PRO A 114 -4.17 -11.27 8.78
C PRO A 114 -4.60 -9.82 8.93
N VAL A 115 -4.35 -9.02 7.89
CA VAL A 115 -4.71 -7.61 7.90
C VAL A 115 -5.20 -7.15 6.53
N ILE A 116 -6.11 -6.19 6.53
CA ILE A 116 -6.66 -5.67 5.28
C ILE A 116 -6.07 -4.30 4.95
N ALA A 117 -6.13 -3.39 5.91
CA ALA A 117 -5.60 -2.04 5.73
C ALA A 117 -4.25 -1.89 6.42
N CYS A 118 -3.21 -1.62 5.63
CA CYS A 118 -1.87 -1.46 6.16
C CYS A 118 -1.25 -0.15 5.68
N SER A 119 -0.08 0.20 6.24
CA SER A 119 0.60 1.42 5.87
C SER A 119 2.11 1.18 5.75
N VAL A 120 2.78 2.05 5.02
CA VAL A 120 4.22 1.95 4.81
C VAL A 120 4.91 3.30 5.00
N THR A 121 5.73 3.40 6.04
CA THR A 121 6.44 4.64 6.33
C THR A 121 7.91 4.53 5.93
N ILE A 122 8.48 5.64 5.48
CA ILE A 122 9.87 5.67 5.06
C ILE A 122 10.80 5.86 6.26
N LYS A 123 11.97 5.24 6.20
CA LYS A 123 12.95 5.34 7.28
C LYS A 123 14.03 6.36 6.93
N GLU A 124 13.88 7.57 7.46
CA GLU A 124 14.84 8.64 7.20
C GLU A 124 16.27 8.17 7.53
N GLY A 125 17.10 8.07 6.50
CA GLY A 125 18.47 7.63 6.69
C GLY A 125 18.63 6.13 6.54
N SER A 126 18.22 5.61 5.38
CA SER A 126 18.33 4.18 5.12
C SER A 126 18.20 3.90 3.63
N GLN A 127 18.81 2.80 3.19
CA GLN A 127 18.77 2.41 1.78
C GLN A 127 17.33 2.27 1.30
N LEU A 128 16.43 1.96 2.23
CA LEU A 128 15.03 1.78 1.89
C LEU A 128 14.43 3.06 1.31
N LYS A 129 15.02 4.20 1.68
CA LYS A 129 14.57 5.49 1.19
C LYS A 129 14.47 5.50 -0.33
N GLN A 130 15.61 5.26 -0.99
CA GLN A 130 15.66 5.24 -2.44
C GLN A 130 14.78 4.13 -3.00
N GLN A 131 14.69 3.02 -2.26
CA GLN A 131 13.87 1.88 -2.69
C GLN A 131 12.41 2.27 -2.79
N ILE A 132 11.87 2.85 -1.72
CA ILE A 132 10.47 3.27 -1.69
C ILE A 132 10.20 4.33 -2.75
N GLN A 133 11.17 5.19 -2.98
CA GLN A 133 11.03 6.26 -3.97
C GLN A 133 11.10 5.69 -5.38
N SER A 134 11.90 4.64 -5.56
CA SER A 134 12.05 4.01 -6.86
C SER A 134 10.78 3.30 -7.28
N ILE A 135 10.21 2.52 -6.36
CA ILE A 135 8.99 1.79 -6.62
C ILE A 135 7.80 2.73 -6.81
N GLN A 136 7.87 3.88 -6.14
CA GLN A 136 6.80 4.86 -6.22
C GLN A 136 6.53 5.26 -7.67
N GLN A 137 7.61 5.52 -8.42
CA GLN A 137 7.49 5.90 -9.82
C GLN A 137 6.89 4.76 -10.65
N SER A 138 7.29 3.54 -10.34
CA SER A 138 6.80 2.37 -11.04
C SER A 138 5.27 2.32 -11.02
N ILE A 139 4.69 2.89 -9.98
CA ILE A 139 3.24 2.91 -9.83
C ILE A 139 2.59 3.83 -10.87
N GLU A 140 3.24 4.97 -11.12
CA GLU A 140 2.73 5.93 -12.09
C GLU A 140 2.67 5.32 -13.49
N ARG A 141 3.76 4.68 -13.90
CA ARG A 141 3.81 4.05 -15.22
C ARG A 141 2.70 3.01 -15.37
N LEU A 142 2.28 2.43 -14.26
CA LEU A 142 1.22 1.43 -14.28
C LEU A 142 -0.15 2.08 -14.17
N LEU A 143 -0.20 3.25 -13.53
CA LEU A 143 -1.45 3.97 -13.36
C LEU A 143 -2.06 4.32 -14.71
N VAL A 144 -1.32 5.06 -15.54
CA VAL A 144 -1.79 5.46 -16.85
C VAL A 144 -3.10 6.23 -16.76
N MET A 17 -3.20 -9.15 -21.99
CA MET A 17 -4.32 -10.07 -21.92
C MET A 17 -5.64 -9.37 -22.24
N THR A 18 -6.70 -10.16 -22.43
CA THR A 18 -8.01 -9.61 -22.73
C THR A 18 -9.09 -10.26 -21.88
N GLU A 19 -9.59 -9.52 -20.89
CA GLU A 19 -10.63 -10.02 -20.01
C GLU A 19 -11.28 -8.87 -19.23
N ALA A 20 -12.58 -8.69 -19.45
CA ALA A 20 -13.32 -7.63 -18.77
C ALA A 20 -13.48 -7.94 -17.28
N ASP A 21 -12.95 -7.07 -16.44
CA ASP A 21 -13.03 -7.24 -15.00
C ASP A 21 -12.35 -6.09 -14.27
N VAL A 22 -13.13 -5.08 -13.90
CA VAL A 22 -12.61 -3.93 -13.19
C VAL A 22 -13.33 -3.71 -11.87
N ASN A 23 -12.63 -3.11 -10.91
CA ASN A 23 -13.21 -2.84 -9.59
C ASN A 23 -12.46 -1.73 -8.89
N PRO A 24 -13.11 -1.13 -7.88
CA PRO A 24 -12.52 -0.03 -7.10
C PRO A 24 -11.39 -0.52 -6.20
N LYS A 25 -11.57 -1.67 -5.58
CA LYS A 25 -10.56 -2.25 -4.70
C LYS A 25 -9.24 -2.42 -5.44
N ALA A 26 -9.31 -2.54 -6.75
CA ALA A 26 -8.11 -2.71 -7.57
C ALA A 26 -8.10 -1.71 -8.73
N TYR A 27 -7.81 -0.46 -8.41
CA TYR A 27 -7.77 0.59 -9.42
C TYR A 27 -6.98 1.80 -8.92
N PRO A 28 -5.69 1.85 -9.26
CA PRO A 28 -5.05 0.83 -10.09
C PRO A 28 -4.89 -0.51 -9.35
N LEU A 29 -4.52 -1.54 -10.08
CA LEU A 29 -4.33 -2.86 -9.48
C LEU A 29 -2.86 -3.28 -9.53
N ALA A 30 -2.35 -3.74 -8.39
CA ALA A 30 -0.96 -4.17 -8.30
C ALA A 30 -0.82 -5.63 -8.74
N ASP A 31 -0.02 -5.84 -9.79
CA ASP A 31 0.21 -7.19 -10.31
C ASP A 31 1.34 -7.87 -9.56
N ALA A 32 1.57 -9.15 -9.87
CA ALA A 32 2.62 -9.92 -9.22
C ALA A 32 3.99 -9.31 -9.47
N HIS A 33 4.20 -8.86 -10.71
CA HIS A 33 5.47 -8.24 -11.09
C HIS A 33 5.86 -7.13 -10.11
N LEU A 34 4.86 -6.38 -9.66
CA LEU A 34 5.10 -5.28 -8.72
C LEU A 34 5.07 -5.78 -7.29
N THR A 35 4.11 -6.66 -6.99
CA THR A 35 3.96 -7.22 -5.65
C THR A 35 5.24 -7.91 -5.21
N LYS A 36 5.94 -8.51 -6.16
CA LYS A 36 7.18 -9.22 -5.87
C LYS A 36 8.14 -8.33 -5.08
N LYS A 37 8.37 -7.12 -5.57
CA LYS A 37 9.25 -6.18 -4.90
C LYS A 37 8.64 -5.69 -3.59
N LEU A 38 7.32 -5.59 -3.56
CA LEU A 38 6.62 -5.14 -2.37
C LEU A 38 6.87 -6.07 -1.19
N LEU A 39 6.70 -7.37 -1.43
CA LEU A 39 6.92 -8.37 -0.39
C LEU A 39 8.31 -8.23 0.22
N ASP A 40 9.29 -7.86 -0.61
CA ASP A 40 10.66 -7.68 -0.15
C ASP A 40 10.81 -6.39 0.63
N LEU A 41 9.99 -5.40 0.30
CA LEU A 41 10.04 -4.10 0.97
C LEU A 41 9.47 -4.21 2.38
N VAL A 42 8.34 -4.91 2.50
CA VAL A 42 7.70 -5.08 3.80
C VAL A 42 8.68 -5.61 4.84
N GLN A 43 9.46 -6.61 4.45
CA GLN A 43 10.45 -7.20 5.34
C GLN A 43 11.48 -6.17 5.78
N GLN A 44 11.75 -5.20 4.91
CA GLN A 44 12.72 -4.15 5.21
C GLN A 44 12.14 -3.15 6.21
N SER A 45 10.83 -2.95 6.15
CA SER A 45 10.17 -2.01 7.04
C SER A 45 10.30 -2.46 8.50
N CYS A 46 9.94 -3.71 8.75
CA CYS A 46 10.02 -4.26 10.11
C CYS A 46 11.48 -4.42 10.55
N ASN A 47 12.36 -4.60 9.57
CA ASN A 47 13.79 -4.77 9.85
C ASN A 47 14.38 -3.49 10.44
N TYR A 48 13.76 -2.36 10.12
CA TYR A 48 14.23 -1.07 10.61
C TYR A 48 13.40 -0.60 11.79
N LYS A 49 12.81 -1.56 12.51
CA LYS A 49 11.98 -1.25 13.67
C LYS A 49 10.81 -0.35 13.28
N GLN A 50 10.16 -0.68 12.17
CA GLN A 50 9.03 0.11 11.69
C GLN A 50 7.97 -0.80 11.07
N LEU A 51 6.71 -0.56 11.43
CA LEU A 51 5.60 -1.36 10.91
C LEU A 51 4.26 -0.71 11.26
N ARG A 52 3.26 -0.97 10.43
CA ARG A 52 1.93 -0.42 10.64
C ARG A 52 0.85 -1.41 10.22
N LYS A 53 0.14 -1.96 11.20
CA LYS A 53 -0.91 -2.93 10.92
C LYS A 53 -2.28 -2.37 11.33
N GLY A 54 -2.87 -1.56 10.47
CA GLY A 54 -4.17 -0.98 10.75
C GLY A 54 -4.74 -0.23 9.57
N ALA A 55 -6.03 -0.41 9.32
CA ALA A 55 -6.71 0.25 8.21
C ALA A 55 -7.03 1.70 8.56
N ASN A 56 -7.24 1.97 9.84
CA ASN A 56 -7.55 3.32 10.30
C ASN A 56 -6.28 4.12 10.56
N GLU A 57 -5.34 3.51 11.25
CA GLU A 57 -4.07 4.17 11.56
C GLU A 57 -3.41 4.71 10.30
N ALA A 58 -3.67 4.04 9.18
CA ALA A 58 -3.11 4.46 7.89
C ALA A 58 -3.51 5.89 7.56
N THR A 59 -4.64 6.33 8.11
CA THR A 59 -5.13 7.68 7.86
C THR A 59 -4.34 8.71 8.67
N LYS A 60 -3.77 8.27 9.79
CA LYS A 60 -2.99 9.15 10.64
C LYS A 60 -1.59 9.35 10.09
N THR A 61 -1.02 8.29 9.52
CA THR A 61 0.32 8.35 8.94
C THR A 61 0.46 9.52 7.98
N LEU A 62 -0.38 9.53 6.94
CA LEU A 62 -0.35 10.60 5.95
C LEU A 62 -0.81 11.92 6.56
N ASN A 63 -1.70 11.84 7.55
CA ASN A 63 -2.22 13.02 8.21
C ASN A 63 -1.09 13.84 8.83
N ARG A 64 0.01 13.17 9.16
CA ARG A 64 1.17 13.82 9.75
C ARG A 64 2.16 14.26 8.69
N GLY A 65 2.13 13.58 7.55
CA GLY A 65 3.04 13.90 6.46
C GLY A 65 4.24 12.97 6.42
N ILE A 66 4.01 11.70 6.67
CA ILE A 66 5.08 10.71 6.66
C ILE A 66 4.62 9.40 6.02
N SER A 67 3.53 9.48 5.26
CA SER A 67 2.99 8.30 4.59
C SER A 67 3.60 8.13 3.20
N GLU A 68 4.63 7.31 3.12
CA GLU A 68 5.31 7.05 1.85
C GLU A 68 4.40 6.28 0.90
N PHE A 69 3.79 5.21 1.41
CA PHE A 69 2.90 4.38 0.61
C PHE A 69 2.21 3.33 1.48
N ILE A 70 0.91 3.18 1.28
CA ILE A 70 0.13 2.20 2.04
C ILE A 70 -0.20 0.98 1.19
N VAL A 71 0.04 -0.21 1.74
CA VAL A 71 -0.24 -1.45 1.02
C VAL A 71 -1.47 -2.14 1.59
N MET A 72 -2.34 -2.61 0.69
CA MET A 72 -3.57 -3.28 1.10
C MET A 72 -3.91 -4.42 0.15
N ALA A 73 -5.00 -5.12 0.43
CA ALA A 73 -5.44 -6.23 -0.41
C ALA A 73 -6.74 -5.91 -1.12
N ALA A 74 -6.73 -5.96 -2.45
CA ALA A 74 -7.92 -5.66 -3.23
C ALA A 74 -9.08 -6.57 -2.85
N ASP A 75 -8.74 -7.75 -2.34
CA ASP A 75 -9.75 -8.72 -1.91
C ASP A 75 -10.02 -8.60 -0.41
N ALA A 76 -9.84 -7.41 0.13
CA ALA A 76 -10.06 -7.17 1.55
C ALA A 76 -11.29 -6.32 1.78
N GLU A 77 -12.35 -6.93 2.30
CA GLU A 77 -13.60 -6.23 2.57
C GLU A 77 -13.81 -6.05 4.07
N PRO A 78 -14.69 -5.10 4.43
CA PRO A 78 -15.40 -4.28 3.46
C PRO A 78 -14.49 -3.29 2.75
N LEU A 79 -15.00 -2.66 1.70
CA LEU A 79 -14.22 -1.69 0.94
C LEU A 79 -14.39 -0.28 1.51
N GLU A 80 -15.48 -0.08 2.25
CA GLU A 80 -15.76 1.23 2.85
C GLU A 80 -14.55 1.73 3.63
N ILE A 81 -14.02 0.87 4.50
CA ILE A 81 -12.87 1.23 5.31
C ILE A 81 -11.72 1.74 4.45
N ILE A 82 -11.65 1.25 3.21
CA ILE A 82 -10.61 1.65 2.29
C ILE A 82 -11.04 2.85 1.46
N LEU A 83 -12.35 3.05 1.36
CA LEU A 83 -12.90 4.18 0.60
C LEU A 83 -12.72 5.48 1.37
N HIS A 84 -12.64 5.39 2.69
CA HIS A 84 -12.46 6.56 3.54
C HIS A 84 -11.02 7.04 3.52
N LEU A 85 -10.10 6.13 3.24
CA LEU A 85 -8.68 6.46 3.19
C LEU A 85 -8.43 7.66 2.28
N PRO A 86 -8.81 7.53 1.01
CA PRO A 86 -8.64 8.60 0.00
C PRO A 86 -9.57 9.78 0.27
N LEU A 87 -9.08 10.98 -0.02
CA LEU A 87 -9.88 12.19 0.18
C LEU A 87 -10.77 12.47 -1.01
N LEU A 88 -10.15 12.60 -2.19
CA LEU A 88 -10.89 12.86 -3.43
C LEU A 88 -10.82 11.67 -4.36
N CYS A 89 -9.67 11.49 -5.00
CA CYS A 89 -9.48 10.37 -5.92
C CYS A 89 -8.02 10.28 -6.36
N GLU A 90 -7.55 9.05 -6.56
CA GLU A 90 -6.17 8.83 -6.97
C GLU A 90 -5.88 9.52 -8.31
N ASP A 91 -6.94 9.73 -9.09
CA ASP A 91 -6.80 10.39 -10.40
C ASP A 91 -6.61 11.88 -10.23
N LYS A 92 -6.87 12.39 -9.03
CA LYS A 92 -6.72 13.81 -8.74
C LYS A 92 -5.48 14.06 -7.90
N ASN A 93 -5.25 13.21 -6.92
CA ASN A 93 -4.09 13.33 -6.04
C ASN A 93 -4.25 12.45 -4.80
N VAL A 94 -4.25 11.14 -5.02
CA VAL A 94 -4.38 10.20 -3.92
C VAL A 94 -3.69 8.87 -4.24
N PRO A 95 -2.40 8.79 -3.89
CA PRO A 95 -1.59 7.59 -4.13
C PRO A 95 -2.01 6.41 -3.25
N TYR A 96 -2.28 5.27 -3.88
CA TYR A 96 -2.69 4.08 -3.16
C TYR A 96 -2.49 2.83 -4.00
N VAL A 97 -1.99 1.77 -3.37
CA VAL A 97 -1.74 0.51 -4.07
C VAL A 97 -2.67 -0.58 -3.54
N PHE A 98 -2.99 -1.54 -4.41
CA PHE A 98 -3.87 -2.64 -4.03
C PHE A 98 -3.38 -3.95 -4.67
N VAL A 99 -2.97 -4.89 -3.82
CA VAL A 99 -2.49 -6.18 -4.29
C VAL A 99 -3.64 -7.14 -4.57
N ARG A 100 -3.39 -8.13 -5.41
CA ARG A 100 -4.41 -9.11 -5.76
C ARG A 100 -4.33 -10.33 -4.85
N SER A 101 -4.13 -10.08 -3.56
CA SER A 101 -4.03 -11.17 -2.58
C SER A 101 -3.81 -10.61 -1.18
N LYS A 102 -4.21 -11.38 -0.17
CA LYS A 102 -4.04 -10.96 1.22
C LYS A 102 -3.08 -11.89 1.95
N GLN A 103 -3.21 -13.19 1.72
CA GLN A 103 -2.34 -14.17 2.35
C GLN A 103 -0.87 -13.81 2.14
N ALA A 104 -0.57 -13.21 0.99
CA ALA A 104 0.79 -12.82 0.68
C ALA A 104 1.32 -11.81 1.69
N LEU A 105 0.53 -10.79 1.98
CA LEU A 105 0.92 -9.75 2.93
C LEU A 105 0.86 -10.28 4.35
N GLY A 106 -0.05 -11.21 4.61
CA GLY A 106 -0.18 -11.78 5.94
C GLY A 106 1.10 -12.45 6.41
N ARG A 107 1.91 -12.91 5.47
CA ARG A 107 3.16 -13.57 5.80
C ARG A 107 4.27 -12.55 6.03
N ALA A 108 4.50 -11.70 5.03
CA ALA A 108 5.53 -10.67 5.13
C ALA A 108 5.35 -9.81 6.38
N CYS A 109 4.10 -9.45 6.65
CA CYS A 109 3.78 -8.62 7.80
C CYS A 109 4.33 -9.26 9.08
N GLY A 110 4.43 -10.57 9.09
CA GLY A 110 4.92 -11.29 10.25
C GLY A 110 3.85 -11.55 11.27
N VAL A 111 2.64 -11.90 10.80
CA VAL A 111 1.52 -12.18 11.69
C VAL A 111 0.88 -13.52 11.35
N SER A 112 0.04 -14.01 12.25
CA SER A 112 -0.64 -15.28 12.04
C SER A 112 -1.84 -15.11 11.11
N ARG A 113 -2.57 -14.03 11.28
CA ARG A 113 -3.74 -13.75 10.46
C ARG A 113 -3.41 -12.73 9.37
N PRO A 114 -4.24 -12.69 8.31
CA PRO A 114 -4.05 -11.77 7.19
C PRO A 114 -4.32 -10.31 7.58
N VAL A 115 -3.76 -9.38 6.81
CA VAL A 115 -3.95 -7.96 7.08
C VAL A 115 -4.83 -7.31 6.01
N ILE A 116 -5.84 -6.58 6.45
CA ILE A 116 -6.74 -5.90 5.53
C ILE A 116 -6.08 -4.67 4.90
N ALA A 117 -5.35 -3.93 5.71
CA ALA A 117 -4.65 -2.74 5.24
C ALA A 117 -3.49 -2.37 6.17
N CYS A 118 -2.30 -2.32 5.61
CA CYS A 118 -1.10 -1.98 6.39
C CYS A 118 -0.42 -0.73 5.84
N SER A 119 0.23 0.03 6.70
CA SER A 119 0.91 1.25 6.31
C SER A 119 2.43 1.07 6.38
N VAL A 120 3.14 1.82 5.55
CA VAL A 120 4.60 1.75 5.51
C VAL A 120 5.22 3.13 5.70
N THR A 121 5.98 3.28 6.78
CA THR A 121 6.63 4.55 7.08
C THR A 121 8.08 4.55 6.61
N ILE A 122 8.51 5.67 6.04
CA ILE A 122 9.88 5.79 5.54
C ILE A 122 10.77 6.46 6.57
N LYS A 123 12.06 6.10 6.56
CA LYS A 123 13.02 6.67 7.50
C LYS A 123 13.91 7.69 6.80
N GLU A 124 14.19 8.80 7.49
CA GLU A 124 15.03 9.84 6.93
C GLU A 124 16.50 9.61 7.29
N GLY A 125 17.32 9.34 6.28
CA GLY A 125 18.73 9.11 6.51
C GLY A 125 19.08 7.63 6.50
N SER A 126 18.27 6.84 5.81
CA SER A 126 18.49 5.40 5.73
C SER A 126 18.47 4.92 4.29
N GLN A 127 19.18 3.83 4.02
CA GLN A 127 19.24 3.27 2.67
C GLN A 127 17.84 2.93 2.17
N LEU A 128 16.94 2.64 3.09
CA LEU A 128 15.57 2.29 2.74
C LEU A 128 14.92 3.39 1.90
N LYS A 129 15.38 4.62 2.09
CA LYS A 129 14.85 5.77 1.36
C LYS A 129 14.96 5.54 -0.15
N GLN A 130 16.01 4.83 -0.56
CA GLN A 130 16.23 4.53 -1.97
C GLN A 130 15.35 3.38 -2.43
N GLN A 131 15.45 2.25 -1.71
CA GLN A 131 14.67 1.07 -2.04
C GLN A 131 13.18 1.39 -2.11
N ILE A 132 12.66 1.98 -1.04
CA ILE A 132 11.25 2.35 -0.98
C ILE A 132 10.88 3.29 -2.11
N GLN A 133 11.83 4.13 -2.53
CA GLN A 133 11.59 5.07 -3.61
C GLN A 133 11.56 4.36 -4.96
N SER A 134 12.33 3.28 -5.07
CA SER A 134 12.39 2.51 -6.30
C SER A 134 11.04 1.88 -6.62
N ILE A 135 10.44 1.24 -5.64
CA ILE A 135 9.14 0.60 -5.81
C ILE A 135 8.03 1.64 -5.96
N GLN A 136 8.23 2.79 -5.35
CA GLN A 136 7.24 3.87 -5.42
C GLN A 136 7.15 4.43 -6.83
N GLN A 137 8.27 4.49 -7.52
CA GLN A 137 8.31 5.01 -8.89
C GLN A 137 7.30 4.28 -9.77
N SER A 138 7.04 3.02 -9.44
CA SER A 138 6.10 2.20 -10.20
C SER A 138 4.68 2.68 -10.00
N ILE A 139 4.36 3.07 -8.77
CA ILE A 139 3.03 3.56 -8.44
C ILE A 139 2.62 4.72 -9.35
N GLU A 140 3.52 5.69 -9.50
CA GLU A 140 3.26 6.85 -10.35
C GLU A 140 3.02 6.42 -11.79
N ARG A 141 3.75 5.40 -12.23
CA ARG A 141 3.63 4.90 -13.60
C ARG A 141 2.30 4.17 -13.79
N LEU A 142 1.92 3.36 -12.79
CA LEU A 142 0.68 2.61 -12.85
C LEU A 142 -0.53 3.53 -12.71
N LEU A 143 -0.36 4.60 -11.93
CA LEU A 143 -1.43 5.56 -11.71
C LEU A 143 -1.88 6.19 -13.03
N VAL A 144 -1.01 7.04 -13.59
CA VAL A 144 -1.31 7.71 -14.85
C VAL A 144 -0.58 7.03 -16.01
#